data_6RD5
#
_entry.id   6RD5
#
_cell.length_a   1.0
_cell.length_b   1.0
_cell.length_c   1.0
_cell.angle_alpha   90.00
_cell.angle_beta   90.00
_cell.angle_gamma   90.00
#
_symmetry.space_group_name_H-M   'P 1'
#
loop_
_entity.id
_entity.type
_entity.pdbx_description
1 polymer 'ASA-10: Polytomella F-ATP synthase associated subunit 10'
2 polymer 'ATP synthase associated protein ASA1'
3 polymer 'Mitochondrial F1F0 ATP synthase associated 32 kDa protein'
4 polymer 'Mitochondrial F1F0 ATP synthase associated 14 kDa protein'
5 polymer 'Mitochondrial ATP synthase subunit ASA6'
6 polymer 'Mitochondrial ATP synthase subunit ASA8'
7 polymer 'Mitochondrial ATP synthase subunit ASA9'
8 polymer 'Mitochondrial ATP synthase subunit 6'
9 non-polymer '(1S)-2-{[(2-AMINOETHOXY)(HYDROXY)PHOSPHORYL]OXY}-1-[(PALMITOYLOXY)METHYL]ETHYL STEARATE'
10 non-polymer DODECYL-BETA-D-MALTOSIDE
11 non-polymer 'ZINC ION'
12 water water
#
loop_
_entity_poly.entity_id
_entity_poly.type
_entity_poly.pdbx_seq_one_letter_code
_entity_poly.pdbx_strand_id
1 'polypeptide(L)'
;MSYSAYFAKAGFQFPAGLSALVAGIVALNVCTGRPTKGTKEISNAEYNATPIGYLQSPDQHPTAFPKVPGMKDVHGSPHH
HH
;
0
2 'polypeptide(L)'
;MMRAAQKAKQELPATVLTQTRSYLAPLRSDFTEEITAPKVASASNLVNEWNNKKQATENLMKLLQAYKDIGDAKSEPLLK
NHNPRTFEDRDYPVPDFRTQNLKAGDVPKFFDTVISTRASAAIASKDKFWAGRKTEAEAASAKASAAFPRVAVPEWKKGK
TVSIENLNTVTDKYAAALVPKRKLALPVLPEGVKKAVEDFAASVGQAKNASEVSELLAKSLAEKAVVTEGGKVVEGFSYV
SKAVAAKVIATRRAEVHERLLKLWAKRLLVSPELAIVPLNEFDAQLASKFEGISPKYQELLSAVAQGNKTFAQRLNSSPA
FSSFLLKREKAESEVPPSELELEAAQKAAELEDPEVALRTLLGPQMEALGASDLLLSEQIRVITEHRYTPDRLQYKEGMK
LADKIAAQEAALKEELKVIYGDNVDVKHFQASPRTPVQQLFDSLKNAAANKERAAKEAAAAASPYLAYAVTKKQEVQADP
SNIPFDEVLYPQLSEELLELELSDIREDEIALEKAEEEELWLLTLTQQFKHIQKHFGIDLPHSVVAHMDPLLIKKIDWET
TNALEDFDITLDDMGAEDAKEQWGAENLSHHFLPLIRYRRDLARKNGDRYGPDLVNGN
;
1
3 'polypeptide(L)'
;MRQASRLALSIRQAGNVEAASAVPAMTRQFSAPGSHEHHETPLSKVMPTVVSIPRKVACLALGATKKVVCGLASSGPSQN
LVSTFANKVIVEENLVNVAEIDVPFWSYWLSSAGFTSKDAFVKFAEAVKPKVAALSTSDITNLTVAFKRANYYDKDLFTG
IEANVSANFTKFETEQLLQIVATFDAFNHSSVAFLDDVADSITYCNHYLAPVRAGADELATLLTYYAKNGHERADLLATV
ARGFSEVSLGKLSAAQRKDTVLSALKAFQTFGFYPESIEAVIGAALVSPAEYSAEELKEVEAVKVAAENALGGEFVLIQE
GAHGH
;
3
4 'polypeptide(L)'
;MKLLPESLQQEAATAAVVASWVLWHLDTQLLPTIMREHKLHACWAAAAKRYNEKLFKLNPSYDRVLSLPAVSKNQVLENV
FHTAPKAPVEHLEKMVSANSKVYDALNLQSKRVLIWQVKPALF
;
5
5 'polypeptide(L)'
;MMLRTLTRSSAVAGQAVRLFKTSAAAAEGNSVAGIIKSVNETSGANLLSSLKTIKAQAAPIYPAAASSTGYSTQAKIALF
GALSWILYRADGQSKAHEWIVDLNLNVLQAAWLISFSSLIPFRAVYFAFRGMAPATASTLNGLKTFSSISL
;
6
6 'polypeptide(L)'
;MVLGEVYLKDILRTPPTGAIPANVPHPFQTSFYTYATKKLIPRHWYLLGGFTFTITLYGILDGLRDSGKKKAYDEAIHAG
KTPYTAGGH
;
8
7 'polypeptide(L)'
;MAVTSFLGKAFEKYFYDFSAYEQFGLNRFLSSKGQYVALRHVGFVMVGVNVLLAANFPFNPPFPTIGMCPAGWEGTWVCQ
ADKAKALEMYKEWKKSN
;
9
8 'polypeptide(L)'
;MSVLSSVSMGSRIGSSLLGRSSAYLAQCGFSTRSNLNGSIDTSSSVFQALSSDNENKPAASPLNVKLPGMSCSSILLPKT
SRIAVPFGNQTMAMSSVRDVKTGSLPTNFLTGVYRFWRSQNPAEKPHDPVNDRLLPAVVDASDKRASIGTWATTFFCTII
SCNLLGLMPFNEAPTSGLGFATGLGVSVWATATILGLSKTGFKFPGHFIPGGTPWPMAFIFVPLETISYTFRAVSLGVRL
WVNMLAGHTLLHILTGMALALPFSLGFFSMVPATFGVCCLLSALVGLEYLVAVLQSGVFSILSTVYVGEFNHDKFIGPAA
KIVKKIH
;
M
#
loop_
_chem_comp.id
_chem_comp.type
_chem_comp.name
_chem_comp.formula
LMT D-saccharide DODECYL-BETA-D-MALTOSIDE 'C24 H46 O11'
PEV non-polymer '(1S)-2-{[(2-AMINOETHOXY)(HYDROXY)PHOSPHORYL]OXY}-1-[(PALMITOYLOXY)METHYL]ETHYL STEARATE' 'C39 H78 N O8 P'
ZN non-polymer 'ZINC ION' 'Zn 2'
#
# COMPACT_ATOMS: atom_id res chain seq x y z
N SER A 2 -6.67 -11.78 -13.07
CA SER A 2 -5.38 -12.39 -12.79
C SER A 2 -4.32 -11.95 -13.78
N TYR A 3 -3.05 -12.22 -13.46
CA TYR A 3 -1.94 -11.91 -14.33
C TYR A 3 -1.40 -13.14 -15.05
N SER A 4 -2.18 -14.21 -15.14
CA SER A 4 -1.69 -15.47 -15.69
C SER A 4 -1.47 -15.36 -17.19
N ALA A 5 -2.31 -14.61 -17.89
CA ALA A 5 -2.19 -14.51 -19.34
C ALA A 5 -1.08 -13.53 -19.72
N TYR A 6 -0.64 -12.70 -18.78
CA TYR A 6 0.51 -11.84 -19.03
C TYR A 6 1.81 -12.62 -18.96
N PHE A 7 1.86 -13.64 -18.11
CA PHE A 7 3.09 -14.40 -17.94
C PHE A 7 3.20 -15.51 -18.97
N ALA A 8 2.09 -15.86 -19.62
CA ALA A 8 2.15 -16.78 -20.74
C ALA A 8 2.55 -16.08 -22.03
N LYS A 9 2.56 -14.75 -22.06
CA LYS A 9 2.97 -14.02 -23.25
C LYS A 9 4.47 -14.16 -23.50
N ALA A 10 5.28 -14.01 -22.46
CA ALA A 10 6.71 -14.21 -22.59
C ALA A 10 7.02 -15.69 -22.68
N GLY A 11 7.78 -16.07 -23.71
CA GLY A 11 8.10 -17.47 -23.92
C GLY A 11 9.20 -17.96 -23.02
N PHE A 12 9.89 -18.99 -23.49
CA PHE A 12 11.10 -19.44 -22.83
C PHE A 12 12.18 -18.40 -23.02
N GLN A 13 12.93 -18.14 -21.97
CA GLN A 13 14.07 -17.25 -22.02
C GLN A 13 15.23 -17.90 -21.30
N PHE A 14 16.43 -17.67 -21.79
CA PHE A 14 17.62 -18.17 -21.14
C PHE A 14 17.91 -17.35 -19.90
N PRO A 15 18.75 -17.84 -18.98
CA PRO A 15 19.27 -16.99 -17.92
C PRO A 15 20.08 -15.83 -18.48
N ALA A 16 20.22 -14.78 -17.68
CA ALA A 16 20.47 -13.45 -18.23
C ALA A 16 21.87 -13.29 -18.79
N GLY A 17 22.84 -14.00 -18.23
CA GLY A 17 24.18 -13.90 -18.77
C GLY A 17 24.72 -15.22 -19.23
N LEU A 18 23.84 -16.07 -19.77
CA LEU A 18 24.23 -17.43 -20.13
C LEU A 18 25.13 -17.44 -21.36
N SER A 19 25.07 -16.39 -22.18
CA SER A 19 25.98 -16.29 -23.32
C SER A 19 27.41 -16.09 -22.84
N ALA A 20 27.60 -15.38 -21.74
CA ALA A 20 28.95 -15.18 -21.20
C ALA A 20 29.45 -16.44 -20.52
N LEU A 21 28.54 -17.29 -20.05
CA LEU A 21 28.96 -18.57 -19.48
C LEU A 21 29.43 -19.53 -20.56
N VAL A 22 28.67 -19.62 -21.66
CA VAL A 22 29.05 -20.53 -22.73
C VAL A 22 30.19 -19.94 -23.56
N ALA A 23 30.41 -18.63 -23.46
CA ALA A 23 31.60 -18.07 -24.11
C ALA A 23 32.85 -18.41 -23.30
N GLY A 24 32.74 -18.42 -21.98
CA GLY A 24 33.90 -18.72 -21.16
C GLY A 24 34.24 -20.20 -21.15
N ILE A 25 33.24 -21.05 -21.31
CA ILE A 25 33.46 -22.48 -21.29
C ILE A 25 34.03 -22.95 -22.63
N VAL A 26 33.55 -22.37 -23.73
CA VAL A 26 34.08 -22.70 -25.05
C VAL A 26 35.50 -22.15 -25.22
N ALA A 27 35.76 -20.95 -24.71
CA ALA A 27 37.10 -20.36 -24.83
C ALA A 27 38.13 -21.09 -23.98
N LEU A 28 37.67 -21.82 -22.96
CA LEU A 28 38.61 -22.65 -22.20
C LEU A 28 38.90 -23.96 -22.92
N ASN A 29 38.04 -24.32 -23.87
CA ASN A 29 38.22 -25.57 -24.58
C ASN A 29 38.81 -25.38 -25.98
N VAL A 30 38.81 -24.15 -26.49
CA VAL A 30 39.38 -23.95 -27.81
C VAL A 30 40.70 -23.16 -27.74
N CYS A 31 40.86 -22.32 -26.71
CA CYS A 31 42.12 -21.61 -26.52
C CYS A 31 42.97 -22.33 -25.47
N THR A 32 43.33 -23.56 -25.80
CA THR A 32 44.13 -24.38 -24.90
C THR A 32 45.62 -24.09 -25.01
N GLY A 33 46.08 -23.59 -26.15
CA GLY A 33 47.50 -23.34 -26.33
C GLY A 33 48.30 -24.61 -26.52
N ARG A 34 47.69 -25.62 -27.11
CA ARG A 34 48.30 -26.93 -27.26
C ARG A 34 47.55 -27.66 -28.37
N PRO A 35 48.18 -28.66 -29.01
CA PRO A 35 47.47 -29.41 -30.05
C PRO A 35 46.31 -30.21 -29.48
N THR A 36 45.38 -30.54 -30.36
CA THR A 36 44.04 -30.97 -29.95
C THR A 36 43.93 -32.49 -29.84
N LYS A 37 44.33 -33.02 -28.68
CA LYS A 37 43.94 -34.33 -28.12
C LYS A 37 44.08 -35.49 -29.09
N GLY A 38 45.31 -35.90 -29.39
CA GLY A 38 45.55 -36.97 -30.31
C GLY A 38 46.16 -36.53 -31.61
N THR A 39 46.41 -35.24 -31.78
CA THR A 39 47.10 -34.73 -32.95
C THR A 39 48.42 -34.12 -32.52
N LYS A 40 49.29 -33.91 -33.50
CA LYS A 40 50.60 -33.33 -33.30
C LYS A 40 50.85 -32.34 -34.43
N GLU A 41 51.35 -31.15 -34.09
CA GLU A 41 51.70 -30.20 -35.12
C GLU A 41 52.93 -30.67 -35.88
N ILE A 42 52.87 -30.55 -37.20
CA ILE A 42 53.94 -30.96 -38.09
C ILE A 42 54.34 -29.77 -38.96
N SER A 43 55.37 -29.95 -39.75
CA SER A 43 55.82 -28.90 -40.65
C SER A 43 54.85 -28.75 -41.82
N ASN A 44 54.95 -27.61 -42.50
CA ASN A 44 54.13 -27.41 -43.70
C ASN A 44 54.62 -28.28 -44.84
N ALA A 45 55.92 -28.62 -44.84
CA ALA A 45 56.45 -29.53 -45.85
C ALA A 45 55.90 -30.94 -45.67
N GLU A 46 55.73 -31.36 -44.41
CA GLU A 46 55.21 -32.69 -44.15
C GLU A 46 53.72 -32.77 -44.41
N TYR A 47 52.99 -31.69 -44.10
CA TYR A 47 51.54 -31.70 -44.26
C TYR A 47 51.14 -31.73 -45.73
N ASN A 48 51.90 -31.05 -46.58
CA ASN A 48 51.53 -30.97 -47.99
C ASN A 48 51.88 -32.26 -48.73
N ALA A 49 52.93 -32.95 -48.29
CA ALA A 49 53.36 -34.16 -48.99
C ALA A 49 52.53 -35.37 -48.57
N THR A 50 51.84 -35.27 -47.46
CA THR A 50 51.18 -36.44 -46.89
C THR A 50 49.74 -36.55 -47.40
N PRO A 51 49.31 -37.74 -47.83
CA PRO A 51 47.89 -37.96 -48.11
C PRO A 51 47.05 -37.86 -46.86
N ILE A 52 45.73 -37.76 -47.07
CA ILE A 52 44.80 -37.60 -45.95
C ILE A 52 44.72 -38.88 -45.13
N GLY A 53 44.82 -40.03 -45.79
CA GLY A 53 44.73 -41.29 -45.08
C GLY A 53 45.96 -41.57 -44.23
N TYR A 54 47.12 -41.06 -44.64
CA TYR A 54 48.32 -41.24 -43.86
C TYR A 54 48.41 -40.19 -42.77
N LEU A 55 47.69 -39.08 -42.96
CA LEU A 55 47.69 -37.99 -41.98
C LEU A 55 46.81 -38.33 -40.80
N GLN A 56 45.84 -39.22 -40.99
CA GLN A 56 45.00 -39.68 -39.90
C GLN A 56 45.66 -40.84 -39.16
N SER A 57 45.26 -41.01 -37.91
CA SER A 57 45.73 -42.10 -37.08
C SER A 57 44.55 -43.00 -36.72
N PRO A 58 44.77 -44.31 -36.55
CA PRO A 58 43.63 -45.19 -36.23
C PRO A 58 43.01 -44.96 -34.88
N ASP A 59 43.79 -44.54 -33.87
CA ASP A 59 43.26 -44.35 -32.52
C ASP A 59 42.26 -43.20 -32.47
N GLN A 60 42.42 -42.21 -33.36
CA GLN A 60 41.53 -41.06 -33.32
C GLN A 60 40.25 -41.30 -34.10
N HIS A 61 40.11 -42.47 -34.70
CA HIS A 61 38.88 -42.84 -35.41
C HIS A 61 38.36 -44.18 -34.89
N PRO A 62 37.73 -44.23 -33.72
CA PRO A 62 37.12 -45.48 -33.28
C PRO A 62 35.81 -45.77 -33.99
N THR A 63 35.47 -47.05 -34.05
CA THR A 63 34.27 -47.49 -34.75
C THR A 63 33.03 -47.16 -33.93
N ALA A 64 31.97 -46.71 -34.62
CA ALA A 64 30.78 -46.18 -33.97
C ALA A 64 30.05 -47.22 -33.15
N PHE A 65 29.98 -48.46 -33.61
CA PHE A 65 29.36 -49.54 -32.85
C PHE A 65 30.19 -50.78 -33.11
N PRO A 66 31.28 -50.96 -32.38
CA PRO A 66 32.28 -51.96 -32.75
C PRO A 66 31.81 -53.37 -32.41
N LYS A 67 31.96 -54.28 -33.37
CA LYS A 67 31.70 -55.68 -33.09
C LYS A 67 32.80 -56.31 -32.26
N VAL A 68 34.01 -55.77 -32.31
CA VAL A 68 35.11 -56.21 -31.46
C VAL A 68 35.63 -54.97 -30.76
N PRO A 69 35.87 -55.01 -29.43
CA PRO A 69 36.45 -53.85 -28.73
C PRO A 69 37.81 -53.44 -29.26
N GLY A 70 37.90 -52.24 -29.83
CA GLY A 70 39.13 -51.73 -30.39
C GLY A 70 39.14 -51.59 -31.89
N MET A 71 37.99 -51.75 -32.55
CA MET A 71 37.92 -51.54 -33.98
C MET A 71 38.08 -50.07 -34.31
N LYS A 72 38.90 -49.78 -35.31
CA LYS A 72 39.16 -48.42 -35.73
C LYS A 72 38.61 -48.22 -37.13
N ASP A 73 38.23 -46.99 -37.45
CA ASP A 73 37.56 -46.72 -38.72
C ASP A 73 38.57 -46.62 -39.87
N VAL A 74 39.75 -46.08 -39.59
CA VAL A 74 40.79 -45.91 -40.60
C VAL A 74 41.99 -46.75 -40.19
N HIS A 75 42.88 -47.03 -41.14
CA HIS A 75 44.04 -47.86 -40.84
C HIS A 75 45.30 -47.01 -40.76
N GLY A 76 45.25 -45.78 -41.23
CA GLY A 76 46.37 -44.88 -41.12
C GLY A 76 47.49 -45.19 -42.09
N SER A 77 48.67 -44.71 -41.72
CA SER A 77 49.85 -44.96 -42.53
C SER A 77 50.40 -46.36 -42.24
N PRO A 78 50.60 -47.19 -43.27
CA PRO A 78 51.23 -48.50 -43.07
C PRO A 78 52.75 -48.42 -42.95
N HIS A 79 53.33 -47.25 -43.14
CA HIS A 79 54.77 -47.06 -43.10
C HIS A 79 55.21 -46.78 -41.66
N HIS A 80 56.00 -47.69 -41.11
CA HIS A 80 56.47 -47.58 -39.73
C HIS A 80 57.93 -47.18 -39.68
N TYR B 23 -79.32 29.49 45.22
CA TYR B 23 -80.12 30.58 45.77
C TYR B 23 -80.97 30.08 46.94
N LEU B 24 -81.05 28.76 47.09
CA LEU B 24 -81.82 28.18 48.17
C LEU B 24 -81.04 28.25 49.48
N ALA B 25 -81.68 28.81 50.50
CA ALA B 25 -81.10 29.10 51.79
C ALA B 25 -81.32 27.94 52.76
N PRO B 26 -80.38 27.70 53.67
CA PRO B 26 -80.59 26.66 54.70
C PRO B 26 -81.64 27.11 55.71
N LEU B 27 -82.56 26.20 56.03
CA LEU B 27 -83.68 26.52 56.91
C LEU B 27 -83.22 26.44 58.36
N ARG B 28 -83.25 27.58 59.05
CA ARG B 28 -82.87 27.67 60.45
C ARG B 28 -84.03 28.25 61.25
N SER B 29 -84.38 27.58 62.34
CA SER B 29 -85.47 28.00 63.23
C SER B 29 -84.91 28.08 64.64
N ASP B 30 -84.32 29.23 64.97
CA ASP B 30 -83.75 29.46 66.29
C ASP B 30 -83.72 30.95 66.58
N PHE B 31 -83.65 31.29 67.86
CA PHE B 31 -83.69 32.66 68.32
C PHE B 31 -82.35 33.08 68.90
N THR B 32 -82.12 34.40 68.92
CA THR B 32 -80.97 34.95 69.61
C THR B 32 -81.33 35.18 71.07
N GLU B 33 -80.31 35.14 71.93
CA GLU B 33 -80.49 35.23 73.37
C GLU B 33 -80.04 36.57 73.95
N GLU B 34 -78.79 36.95 73.72
CA GLU B 34 -78.25 38.19 74.22
C GLU B 34 -77.99 39.14 73.05
N ILE B 35 -78.10 40.43 73.29
CA ILE B 35 -77.75 41.43 72.28
C ILE B 35 -76.25 41.37 72.03
N THR B 36 -75.88 41.27 70.76
CA THR B 36 -74.49 41.07 70.35
C THR B 36 -74.01 42.26 69.53
N ALA B 37 -72.75 42.17 69.10
CA ALA B 37 -72.19 43.14 68.18
C ALA B 37 -72.74 42.87 66.78
N PRO B 38 -72.62 43.86 65.87
CA PRO B 38 -72.95 43.59 64.46
C PRO B 38 -71.97 42.67 63.74
N LYS B 39 -70.85 42.30 64.38
CA LYS B 39 -69.87 41.32 63.87
C LYS B 39 -69.29 41.73 62.51
N VAL B 40 -68.54 42.83 62.54
CA VAL B 40 -67.95 43.35 61.31
C VAL B 40 -66.83 42.43 60.84
N ALA B 41 -66.87 42.07 59.55
CA ALA B 41 -65.88 41.18 59.00
C ALA B 41 -64.62 41.96 58.62
N SER B 42 -63.52 41.23 58.47
CA SER B 42 -62.24 41.84 58.15
C SER B 42 -62.23 42.36 56.72
N ALA B 43 -61.44 43.40 56.50
CA ALA B 43 -61.30 43.97 55.15
C ALA B 43 -60.47 43.03 54.30
N SER B 44 -61.10 42.43 53.29
CA SER B 44 -60.40 41.51 52.41
C SER B 44 -59.47 42.28 51.48
N ASN B 45 -58.32 41.68 51.19
CA ASN B 45 -57.24 42.35 50.49
C ASN B 45 -57.35 42.20 48.97
N LEU B 46 -58.53 41.80 48.46
CA LEU B 46 -58.65 41.44 47.05
C LEU B 46 -58.55 42.66 46.14
N VAL B 47 -58.82 43.84 46.66
CA VAL B 47 -58.59 45.07 45.88
C VAL B 47 -57.11 45.34 45.75
N ASN B 48 -56.35 45.12 46.82
CA ASN B 48 -54.92 45.43 46.80
C ASN B 48 -54.13 44.35 46.06
N GLU B 49 -54.61 43.11 46.07
CA GLU B 49 -53.97 42.09 45.25
C GLU B 49 -54.24 42.33 43.76
N TRP B 50 -55.46 42.76 43.42
CA TRP B 50 -55.77 43.04 42.04
C TRP B 50 -55.09 44.32 41.57
N ASN B 51 -54.84 45.25 42.49
CA ASN B 51 -54.06 46.43 42.14
C ASN B 51 -52.59 46.07 42.01
N ASN B 52 -52.15 45.02 42.70
CA ASN B 52 -50.78 44.53 42.53
C ASN B 52 -50.64 43.70 41.26
N LYS B 53 -51.70 42.96 40.90
CA LYS B 53 -51.66 42.15 39.69
C LYS B 53 -51.65 43.02 38.44
N LYS B 54 -52.40 44.12 38.46
CA LYS B 54 -52.38 45.03 37.32
C LYS B 54 -51.13 45.88 37.32
N GLN B 55 -50.44 45.97 38.47
CA GLN B 55 -49.15 46.63 38.49
C GLN B 55 -48.04 45.67 38.09
N ALA B 56 -48.21 44.37 38.37
CA ALA B 56 -47.24 43.39 37.93
C ALA B 56 -47.36 43.12 36.43
N THR B 57 -48.58 43.18 35.90
CA THR B 57 -48.78 43.02 34.47
C THR B 57 -48.27 44.24 33.72
N GLU B 58 -48.40 45.43 34.31
CA GLU B 58 -47.91 46.63 33.66
C GLU B 58 -46.39 46.70 33.75
N ASN B 59 -45.81 46.14 34.80
CA ASN B 59 -44.35 46.08 34.89
C ASN B 59 -43.79 45.05 33.92
N LEU B 60 -44.51 43.95 33.71
CA LEU B 60 -44.09 42.96 32.74
C LEU B 60 -44.23 43.49 31.32
N MET B 61 -45.23 44.34 31.07
CA MET B 61 -45.34 44.99 29.78
C MET B 61 -44.28 46.07 29.62
N LYS B 62 -43.91 46.72 30.72
CA LYS B 62 -42.82 47.69 30.68
C LYS B 62 -41.48 46.99 30.53
N LEU B 63 -41.38 45.75 31.01
CA LEU B 63 -40.15 44.98 30.86
C LEU B 63 -40.03 44.41 29.45
N LEU B 64 -41.14 43.91 28.90
CA LEU B 64 -41.13 43.40 27.53
C LEU B 64 -40.90 44.51 26.52
N GLN B 65 -41.33 45.73 26.86
CA GLN B 65 -41.00 46.88 26.02
C GLN B 65 -39.53 47.24 26.15
N ALA B 66 -38.97 47.09 27.36
CA ALA B 66 -37.56 47.39 27.57
C ALA B 66 -36.67 46.32 26.94
N TYR B 67 -37.15 45.08 26.88
CA TYR B 67 -36.44 44.03 26.16
C TYR B 67 -36.37 44.33 24.68
N LYS B 68 -37.41 44.94 24.13
CA LYS B 68 -37.45 45.20 22.70
C LYS B 68 -36.55 46.36 22.30
N ASP B 69 -36.59 47.45 23.07
CA ASP B 69 -35.84 48.65 22.67
C ASP B 69 -34.34 48.48 22.89
N ILE B 70 -33.95 47.55 23.77
CA ILE B 70 -32.53 47.20 23.89
C ILE B 70 -32.10 46.40 22.66
N GLY B 71 -32.95 45.49 22.21
CA GLY B 71 -32.58 44.64 21.08
C GLY B 71 -32.54 45.38 19.76
N ASP B 72 -33.48 46.32 19.55
CA ASP B 72 -33.46 47.10 18.31
C ASP B 72 -32.34 48.14 18.33
N ALA B 73 -31.88 48.55 19.51
CA ALA B 73 -30.74 49.45 19.58
C ALA B 73 -29.45 48.75 19.18
N LYS B 74 -29.32 47.48 19.56
CA LYS B 74 -28.17 46.69 19.13
C LYS B 74 -28.31 46.26 17.68
N SER B 75 -29.54 46.31 17.14
CA SER B 75 -29.95 45.75 15.86
C SER B 75 -29.58 44.28 15.72
N GLU B 76 -29.69 43.51 16.80
CA GLU B 76 -29.35 42.10 16.75
C GLU B 76 -30.48 41.32 16.08
N PRO B 77 -30.16 40.15 15.50
CA PRO B 77 -31.22 39.29 14.99
C PRO B 77 -32.12 38.78 16.11
N LEU B 78 -33.37 38.47 15.75
CA LEU B 78 -34.34 38.03 16.75
C LEU B 78 -33.99 36.64 17.27
N LEU B 79 -33.62 35.73 16.37
CA LEU B 79 -33.41 34.36 16.77
C LEU B 79 -31.99 34.08 17.20
N LYS B 80 -31.11 35.08 17.18
CA LYS B 80 -29.70 34.83 17.43
C LYS B 80 -29.45 34.50 18.90
N ASN B 81 -29.97 35.30 19.81
CA ASN B 81 -29.71 35.09 21.23
C ASN B 81 -30.55 33.98 21.82
N HIS B 82 -31.58 33.51 21.13
CA HIS B 82 -32.35 32.37 21.58
C HIS B 82 -31.82 31.06 21.03
N ASN B 83 -31.01 31.13 19.99
CA ASN B 83 -30.34 29.96 19.45
C ASN B 83 -29.09 29.68 20.29
N PRO B 84 -29.00 28.52 20.95
CA PRO B 84 -27.79 28.24 21.75
C PRO B 84 -26.60 27.80 20.93
N ARG B 85 -26.73 27.71 19.60
CA ARG B 85 -25.57 27.41 18.77
C ARG B 85 -24.69 28.63 18.58
N THR B 86 -25.24 29.83 18.81
CA THR B 86 -24.44 31.04 18.68
C THR B 86 -23.53 31.24 19.88
N PHE B 87 -23.90 30.65 21.02
CA PHE B 87 -23.08 30.79 22.21
C PHE B 87 -22.07 29.66 22.33
N GLU B 88 -22.14 28.70 21.40
CA GLU B 88 -21.21 27.60 21.40
C GLU B 88 -19.86 28.04 20.84
N ASP B 89 -18.79 27.65 21.54
CA ASP B 89 -17.44 27.99 21.14
C ASP B 89 -16.89 26.85 20.29
N ARG B 90 -16.72 27.12 18.99
CA ARG B 90 -16.24 26.07 18.08
C ARG B 90 -14.73 25.97 18.11
N ASP B 91 -14.05 26.98 18.65
CA ASP B 91 -12.60 26.91 18.77
C ASP B 91 -12.16 26.36 20.13
N TYR B 92 -13.02 25.58 20.77
CA TYR B 92 -12.68 24.81 21.97
C TYR B 92 -11.57 23.83 21.61
N PRO B 93 -10.64 23.53 22.55
CA PRO B 93 -9.45 22.73 22.19
C PRO B 93 -9.66 21.29 21.74
N VAL B 94 -10.90 20.80 21.67
CA VAL B 94 -11.36 19.54 21.04
C VAL B 94 -10.53 18.32 21.44
N PRO B 95 -10.82 17.73 22.60
CA PRO B 95 -9.93 16.69 23.18
C PRO B 95 -9.80 15.46 22.32
N ASP B 96 -8.57 14.95 22.22
CA ASP B 96 -8.28 13.80 21.38
C ASP B 96 -8.63 12.51 22.12
N PHE B 97 -9.37 11.62 21.45
CA PHE B 97 -9.70 10.35 22.06
C PHE B 97 -8.53 9.39 22.08
N ARG B 98 -7.48 9.68 21.32
CA ARG B 98 -6.32 8.78 21.29
C ARG B 98 -5.39 9.03 22.47
N THR B 99 -5.60 10.14 23.19
CA THR B 99 -4.79 10.38 24.39
C THR B 99 -5.50 9.86 25.64
N GLN B 100 -6.82 9.98 25.69
CA GLN B 100 -7.58 9.38 26.77
C GLN B 100 -7.61 7.87 26.58
N ASN B 101 -7.18 7.13 27.60
CA ASN B 101 -7.06 5.67 27.47
C ASN B 101 -8.43 5.02 27.45
N LEU B 102 -8.85 4.59 26.25
CA LEU B 102 -10.19 4.07 26.06
C LEU B 102 -10.12 2.68 25.43
N LYS B 103 -11.08 1.84 25.81
CA LYS B 103 -11.23 0.52 25.24
C LYS B 103 -12.19 0.57 24.05
N ALA B 104 -12.69 -0.60 23.65
CA ALA B 104 -13.43 -0.74 22.41
C ALA B 104 -14.78 -0.02 22.45
N GLY B 105 -15.60 -0.30 23.46
CA GLY B 105 -16.87 0.38 23.54
C GLY B 105 -16.81 1.74 24.21
N ASP B 106 -15.63 2.16 24.64
CA ASP B 106 -15.54 3.33 25.51
C ASP B 106 -15.53 4.64 24.72
N VAL B 107 -15.22 4.56 23.43
CA VAL B 107 -15.09 5.75 22.58
C VAL B 107 -16.43 6.44 22.29
N PRO B 108 -17.56 5.74 21.93
CA PRO B 108 -18.80 6.52 21.69
C PRO B 108 -19.38 7.11 22.96
N LYS B 109 -19.07 6.54 24.12
CA LYS B 109 -19.45 7.17 25.37
C LYS B 109 -18.55 8.35 25.70
N PHE B 110 -17.31 8.34 25.18
CA PHE B 110 -16.43 9.49 25.34
C PHE B 110 -16.88 10.64 24.45
N PHE B 111 -17.33 10.34 23.23
CA PHE B 111 -17.78 11.38 22.31
C PHE B 111 -19.04 12.06 22.82
N ASP B 112 -19.94 11.28 23.43
CA ASP B 112 -21.18 11.85 23.95
C ASP B 112 -20.92 12.74 25.16
N THR B 113 -19.84 12.48 25.89
CA THR B 113 -19.49 13.33 27.02
C THR B 113 -18.90 14.64 26.55
N VAL B 114 -18.08 14.60 25.50
CA VAL B 114 -17.47 15.82 24.95
C VAL B 114 -18.53 16.71 24.33
N ILE B 115 -19.53 16.10 23.68
CA ILE B 115 -20.63 16.86 23.10
C ILE B 115 -21.52 17.44 24.20
N SER B 116 -21.73 16.69 25.28
CA SER B 116 -22.64 17.15 26.33
C SER B 116 -22.05 18.29 27.14
N THR B 117 -20.75 18.26 27.42
CA THR B 117 -20.16 19.37 28.18
C THR B 117 -19.95 20.59 27.29
N ARG B 118 -19.92 20.40 25.97
CA ARG B 118 -19.87 21.56 25.09
C ARG B 118 -21.25 22.14 24.85
N ALA B 119 -22.27 21.27 24.83
CA ALA B 119 -23.64 21.76 24.67
C ALA B 119 -24.14 22.44 25.93
N SER B 120 -23.78 21.90 27.10
CA SER B 120 -24.18 22.53 28.35
C SER B 120 -23.42 23.81 28.60
N ALA B 121 -22.21 23.92 28.05
CA ALA B 121 -21.47 25.18 28.16
C ALA B 121 -22.02 26.24 27.23
N ALA B 122 -22.79 25.83 26.20
CA ALA B 122 -23.44 26.79 25.33
C ALA B 122 -24.78 27.22 25.88
N ILE B 123 -25.48 26.31 26.56
CA ILE B 123 -26.74 26.65 27.21
C ILE B 123 -26.47 27.52 28.44
N ALA B 124 -25.41 27.22 29.19
CA ALA B 124 -25.06 28.04 30.34
C ALA B 124 -24.47 29.39 29.91
N SER B 125 -23.90 29.47 28.71
CA SER B 125 -23.49 30.76 28.18
C SER B 125 -24.66 31.54 27.62
N LYS B 126 -25.74 30.85 27.23
CA LYS B 126 -26.96 31.51 26.81
C LYS B 126 -27.74 32.02 28.01
N ASP B 127 -27.76 31.25 29.10
CA ASP B 127 -28.41 31.70 30.33
C ASP B 127 -27.63 32.84 30.97
N LYS B 128 -26.31 32.86 30.78
CA LYS B 128 -25.50 33.96 31.30
C LYS B 128 -25.75 35.24 30.50
N PHE B 129 -26.07 35.09 29.22
CA PHE B 129 -26.47 36.26 28.42
C PHE B 129 -27.79 36.82 28.89
N TRP B 130 -28.79 35.95 29.10
CA TRP B 130 -30.13 36.42 29.40
C TRP B 130 -30.24 36.90 30.83
N ALA B 131 -29.35 36.44 31.70
CA ALA B 131 -29.26 37.03 33.03
C ALA B 131 -28.65 38.42 32.96
N GLY B 132 -27.73 38.63 32.04
CA GLY B 132 -27.17 39.96 31.86
C GLY B 132 -28.09 40.88 31.10
N ARG B 133 -28.97 40.31 30.26
CA ARG B 133 -29.94 41.12 29.54
C ARG B 133 -31.12 41.47 30.43
N LYS B 134 -31.49 40.58 31.35
CA LYS B 134 -32.57 40.87 32.29
C LYS B 134 -32.18 41.98 33.25
N THR B 135 -30.92 41.99 33.70
CA THR B 135 -30.45 43.04 34.60
C THR B 135 -30.41 44.39 33.90
N GLU B 136 -30.01 44.39 32.62
CA GLU B 136 -29.98 45.63 31.85
C GLU B 136 -31.38 46.13 31.54
N ALA B 137 -32.36 45.22 31.41
CA ALA B 137 -33.69 45.63 31.00
C ALA B 137 -34.58 45.95 32.19
N GLU B 138 -34.31 45.36 33.35
CA GLU B 138 -35.04 45.75 34.55
C GLU B 138 -34.65 47.15 35.01
N ALA B 139 -33.44 47.58 34.66
CA ALA B 139 -33.04 48.95 34.96
C ALA B 139 -33.73 49.93 34.02
N ALA B 140 -33.82 49.59 32.74
CA ALA B 140 -34.47 50.48 31.78
C ALA B 140 -35.99 50.44 31.93
N SER B 141 -36.51 49.37 32.53
CA SER B 141 -37.96 49.32 32.81
C SER B 141 -38.31 50.23 33.98
N ALA B 142 -37.36 50.45 34.90
CA ALA B 142 -37.64 51.23 36.09
C ALA B 142 -37.74 52.71 35.77
N LYS B 143 -36.76 53.24 35.04
CA LYS B 143 -36.71 54.67 34.71
C LYS B 143 -37.38 54.93 33.36
N ALA B 144 -38.62 54.47 33.26
CA ALA B 144 -39.41 54.69 32.05
C ALA B 144 -40.88 54.81 32.44
N SER B 145 -41.59 55.69 31.73
CA SER B 145 -43.00 55.92 31.99
C SER B 145 -43.83 54.99 31.12
N ALA B 146 -44.87 54.40 31.71
CA ALA B 146 -45.73 53.44 31.04
C ALA B 146 -47.01 54.13 30.61
N ALA B 147 -47.29 54.10 29.31
CA ALA B 147 -48.55 54.60 28.76
C ALA B 147 -49.09 53.55 27.80
N PHE B 148 -49.85 52.60 28.33
CA PHE B 148 -50.39 51.51 27.53
C PHE B 148 -51.90 51.68 27.37
N PRO B 149 -52.45 51.31 26.22
CA PRO B 149 -53.91 51.28 26.09
C PRO B 149 -54.50 50.19 26.98
N ARG B 150 -55.70 50.45 27.49
CA ARG B 150 -56.29 49.54 28.45
C ARG B 150 -57.11 48.48 27.72
N VAL B 151 -57.41 47.40 28.43
CA VAL B 151 -58.17 46.30 27.85
C VAL B 151 -59.60 46.74 27.60
N ALA B 152 -60.06 46.58 26.36
CA ALA B 152 -61.39 47.03 25.99
C ALA B 152 -62.47 46.19 26.65
N VAL B 153 -63.11 46.77 27.66
CA VAL B 153 -64.22 46.14 28.36
C VAL B 153 -65.45 47.02 28.11
N PRO B 154 -66.67 46.50 28.22
CA PRO B 154 -67.84 47.37 28.07
C PRO B 154 -67.98 48.34 29.23
N GLU B 155 -68.48 49.53 28.92
CA GLU B 155 -68.71 50.55 29.94
C GLU B 155 -69.88 50.15 30.84
N TRP B 156 -69.65 50.22 32.14
CA TRP B 156 -70.65 49.80 33.12
C TRP B 156 -70.50 50.64 34.38
N LYS B 157 -71.60 51.27 34.78
CA LYS B 157 -71.69 51.99 36.05
C LYS B 157 -72.71 51.30 36.94
N LYS B 158 -72.58 51.53 38.26
CA LYS B 158 -73.30 50.71 39.24
C LYS B 158 -74.80 50.95 39.19
N GLY B 159 -75.21 52.17 38.90
CA GLY B 159 -76.64 52.43 38.71
C GLY B 159 -77.08 52.14 37.29
N LYS B 160 -76.19 52.31 36.32
CA LYS B 160 -76.55 52.25 34.91
C LYS B 160 -76.65 50.79 34.45
N THR B 161 -76.80 50.62 33.14
CA THR B 161 -76.85 49.31 32.51
C THR B 161 -76.19 49.39 31.14
N VAL B 162 -75.31 48.43 30.85
CA VAL B 162 -74.56 48.45 29.60
C VAL B 162 -75.47 48.10 28.43
N SER B 163 -75.34 48.86 27.34
CA SER B 163 -76.20 48.72 26.17
C SER B 163 -75.51 47.90 25.08
N ILE B 164 -76.29 47.53 24.06
CA ILE B 164 -75.76 46.69 22.98
C ILE B 164 -74.86 47.51 22.07
N GLU B 165 -75.06 48.83 22.02
CA GLU B 165 -74.23 49.67 21.16
C GLU B 165 -72.82 49.82 21.72
N ASN B 166 -72.69 49.82 23.05
CA ASN B 166 -71.36 49.87 23.65
C ASN B 166 -70.71 48.50 23.64
N LEU B 167 -71.51 47.44 23.72
CA LEU B 167 -70.96 46.08 23.69
C LEU B 167 -70.47 45.73 22.29
N ASN B 168 -71.03 46.36 21.25
CA ASN B 168 -70.68 45.99 19.89
C ASN B 168 -69.43 46.74 19.42
N THR B 169 -69.18 47.93 19.97
CA THR B 169 -67.94 48.63 19.64
C THR B 169 -66.76 48.02 20.38
N VAL B 170 -67.04 47.33 21.49
CA VAL B 170 -65.98 46.60 22.18
C VAL B 170 -65.57 45.37 21.38
N THR B 171 -66.54 44.66 20.82
CA THR B 171 -66.25 43.54 19.93
C THR B 171 -65.65 44.04 18.61
N ASP B 172 -65.96 45.28 18.24
CA ASP B 172 -65.28 45.91 17.12
C ASP B 172 -63.80 46.15 17.42
N LYS B 173 -63.47 46.40 18.69
CA LYS B 173 -62.09 46.63 19.06
C LYS B 173 -61.31 45.32 19.11
N TYR B 174 -61.98 44.22 19.44
CA TYR B 174 -61.31 42.92 19.46
C TYR B 174 -61.01 42.44 18.05
N ALA B 175 -61.97 42.62 17.13
CA ALA B 175 -61.79 42.12 15.77
C ALA B 175 -60.87 43.01 14.96
N ALA B 176 -60.66 44.26 15.41
CA ALA B 176 -59.69 45.12 14.76
C ALA B 176 -58.27 44.67 15.08
N ALA B 177 -58.08 44.01 16.22
CA ALA B 177 -56.77 43.47 16.55
C ALA B 177 -56.50 42.16 15.80
N LEU B 178 -57.54 41.56 15.23
CA LEU B 178 -57.37 40.35 14.44
C LEU B 178 -56.75 40.67 13.09
N VAL B 179 -56.88 41.92 12.64
CA VAL B 179 -56.24 42.39 11.42
C VAL B 179 -54.74 42.53 11.68
N PRO B 180 -53.88 41.95 10.86
CA PRO B 180 -52.44 42.06 11.09
C PRO B 180 -51.92 43.47 10.85
N LYS B 181 -50.81 43.79 11.51
CA LYS B 181 -50.24 45.14 11.42
C LYS B 181 -49.70 45.44 10.03
N ARG B 182 -49.14 44.42 9.38
CA ARG B 182 -48.71 44.50 8.00
C ARG B 182 -49.24 43.28 7.28
N LYS B 183 -49.95 43.49 6.18
CA LYS B 183 -50.63 42.38 5.53
C LYS B 183 -50.46 42.45 4.02
N LEU B 184 -50.59 41.28 3.39
CA LEU B 184 -50.65 41.21 1.94
C LEU B 184 -52.01 41.66 1.45
N ALA B 185 -52.03 42.51 0.44
CA ALA B 185 -53.27 42.91 -0.20
C ALA B 185 -53.66 41.86 -1.25
N LEU B 186 -54.06 40.69 -0.74
CA LEU B 186 -54.48 39.61 -1.60
C LEU B 186 -55.84 39.96 -2.21
N PRO B 187 -55.92 40.08 -3.53
CA PRO B 187 -57.14 40.58 -4.14
C PRO B 187 -58.17 39.50 -4.39
N VAL B 188 -59.38 39.71 -3.91
CA VAL B 188 -60.53 38.91 -4.26
C VAL B 188 -61.20 39.58 -5.45
N LEU B 189 -61.46 38.81 -6.50
CA LEU B 189 -62.08 39.36 -7.69
C LEU B 189 -63.56 39.62 -7.41
N PRO B 190 -64.02 40.87 -7.49
CA PRO B 190 -65.42 41.14 -7.23
C PRO B 190 -66.29 40.61 -8.34
N GLU B 191 -67.54 40.25 -8.00
CA GLU B 191 -68.43 39.66 -8.98
C GLU B 191 -68.89 40.71 -9.99
N GLY B 192 -68.86 41.98 -9.61
CA GLY B 192 -69.10 43.04 -10.58
C GLY B 192 -68.00 43.15 -11.62
N VAL B 193 -66.79 42.73 -11.25
CA VAL B 193 -65.70 42.65 -12.22
C VAL B 193 -65.66 41.28 -12.86
N LYS B 194 -66.09 40.24 -12.13
CA LYS B 194 -65.92 38.87 -12.61
C LYS B 194 -66.89 38.54 -13.73
N LYS B 195 -68.16 38.94 -13.59
CA LYS B 195 -69.12 38.63 -14.65
C LYS B 195 -69.02 39.63 -15.79
N ALA B 196 -68.47 40.82 -15.53
CA ALA B 196 -68.22 41.77 -16.61
C ALA B 196 -67.15 41.27 -17.55
N VAL B 197 -66.18 40.52 -17.03
CA VAL B 197 -65.21 39.84 -17.87
C VAL B 197 -65.84 38.62 -18.52
N GLU B 198 -66.71 37.91 -17.79
CA GLU B 198 -67.26 36.66 -18.29
C GLU B 198 -68.37 36.91 -19.31
N ASP B 199 -69.04 38.07 -19.25
CA ASP B 199 -69.98 38.40 -20.31
C ASP B 199 -69.25 38.85 -21.56
N PHE B 200 -68.11 39.52 -21.41
CA PHE B 200 -67.31 39.89 -22.57
C PHE B 200 -66.66 38.65 -23.19
N ALA B 201 -66.32 37.66 -22.36
CA ALA B 201 -65.80 36.41 -22.90
C ALA B 201 -66.90 35.62 -23.60
N ALA B 202 -68.15 35.73 -23.11
CA ALA B 202 -69.26 35.10 -23.80
C ALA B 202 -69.73 35.94 -24.98
N SER B 203 -69.31 37.20 -25.03
CA SER B 203 -69.64 38.06 -26.16
C SER B 203 -68.86 37.63 -27.41
N VAL B 204 -67.64 37.13 -27.22
CA VAL B 204 -66.80 36.73 -28.34
C VAL B 204 -66.74 35.22 -28.54
N GLY B 205 -67.72 34.48 -28.05
CA GLY B 205 -67.80 33.06 -28.29
C GLY B 205 -66.94 32.19 -27.41
N GLN B 206 -66.24 32.76 -26.44
CA GLN B 206 -65.38 32.01 -25.53
C GLN B 206 -66.07 31.72 -24.21
N ALA B 207 -67.37 31.41 -24.25
CA ALA B 207 -68.12 31.15 -23.03
C ALA B 207 -67.74 29.82 -22.40
N LYS B 208 -67.16 28.91 -23.19
CA LYS B 208 -66.73 27.63 -22.64
C LYS B 208 -65.47 27.79 -21.80
N ASN B 209 -64.61 28.76 -22.15
CA ASN B 209 -63.48 29.12 -21.31
C ASN B 209 -63.64 30.51 -20.70
N ALA B 210 -64.87 30.92 -20.42
CA ALA B 210 -65.10 32.23 -19.79
C ALA B 210 -64.66 32.21 -18.33
N SER B 211 -64.85 31.09 -17.66
CA SER B 211 -64.45 30.99 -16.25
C SER B 211 -62.94 30.89 -16.11
N GLU B 212 -62.28 30.19 -17.04
CA GLU B 212 -60.85 29.98 -16.94
C GLU B 212 -60.08 31.26 -17.26
N VAL B 213 -60.70 32.19 -17.98
CA VAL B 213 -60.10 33.49 -18.21
C VAL B 213 -60.10 34.31 -16.93
N SER B 214 -61.18 34.21 -16.15
CA SER B 214 -61.30 35.00 -14.93
C SER B 214 -60.36 34.50 -13.84
N GLU B 215 -59.97 33.21 -13.89
CA GLU B 215 -58.96 32.72 -12.96
C GLU B 215 -57.58 33.30 -13.28
N LEU B 216 -57.25 33.44 -14.56
CA LEU B 216 -55.98 34.04 -14.93
C LEU B 216 -55.95 35.53 -14.61
N LEU B 217 -57.12 36.18 -14.60
CA LEU B 217 -57.18 37.56 -14.15
C LEU B 217 -57.04 37.64 -12.64
N ALA B 218 -57.61 36.65 -11.92
CA ALA B 218 -57.52 36.65 -10.47
C ALA B 218 -56.12 36.26 -10.00
N LYS B 219 -55.47 35.32 -10.70
CA LYS B 219 -54.12 34.92 -10.32
C LYS B 219 -53.10 36.01 -10.60
N SER B 220 -53.21 36.69 -11.74
CA SER B 220 -52.22 37.69 -12.12
C SER B 220 -52.30 38.92 -11.21
N LEU B 221 -53.49 39.18 -10.67
CA LEU B 221 -53.59 40.19 -9.62
C LEU B 221 -53.03 39.67 -8.30
N ALA B 222 -53.08 38.35 -8.11
CA ALA B 222 -52.64 37.76 -6.84
C ALA B 222 -51.14 37.50 -6.84
N GLU B 223 -50.56 37.21 -8.01
CA GLU B 223 -49.13 36.95 -8.09
C GLU B 223 -48.32 38.21 -7.81
N LYS B 224 -48.88 39.37 -8.12
CA LYS B 224 -48.29 40.66 -7.78
C LYS B 224 -49.02 41.35 -6.64
N ALA B 225 -49.48 40.59 -5.65
CA ALA B 225 -50.15 41.16 -4.49
C ALA B 225 -49.18 42.02 -3.69
N VAL B 226 -49.63 43.20 -3.29
CA VAL B 226 -48.75 44.20 -2.71
C VAL B 226 -48.92 44.17 -1.20
N VAL B 227 -47.99 44.77 -0.46
CA VAL B 227 -47.95 44.71 0.99
C VAL B 227 -48.37 46.07 1.54
N THR B 228 -49.42 46.07 2.35
CA THR B 228 -49.94 47.28 2.97
C THR B 228 -49.84 47.18 4.48
N GLU B 229 -49.61 48.32 5.13
CA GLU B 229 -49.43 48.36 6.58
C GLU B 229 -50.58 49.09 7.27
N GLY B 230 -50.81 50.36 6.94
CA GLY B 230 -51.91 51.08 7.53
C GLY B 230 -52.99 51.34 6.51
N GLY B 231 -53.17 50.39 5.60
CA GLY B 231 -53.95 50.62 4.41
C GLY B 231 -53.17 51.23 3.27
N LYS B 232 -51.99 51.78 3.54
CA LYS B 232 -51.14 52.37 2.52
C LYS B 232 -50.05 51.38 2.12
N VAL B 233 -49.65 51.42 0.86
CA VAL B 233 -48.69 50.46 0.33
C VAL B 233 -47.29 50.77 0.87
N VAL B 234 -46.67 49.75 1.45
CA VAL B 234 -45.26 49.82 1.83
C VAL B 234 -44.43 49.77 0.57
N GLU B 235 -43.72 50.85 0.28
CA GLU B 235 -43.00 50.97 -0.98
C GLU B 235 -41.70 50.18 -0.95
N GLY B 236 -41.48 49.38 -1.99
CA GLY B 236 -40.25 48.63 -2.12
C GLY B 236 -40.08 47.52 -1.11
N PHE B 237 -41.19 46.85 -0.76
CA PHE B 237 -41.17 45.81 0.26
C PHE B 237 -40.94 44.46 -0.41
N SER B 238 -39.87 43.79 0.00
CA SER B 238 -39.55 42.45 -0.49
C SER B 238 -39.77 41.46 0.64
N TYR B 239 -40.40 40.34 0.32
CA TYR B 239 -40.63 39.27 1.28
C TYR B 239 -40.36 37.93 0.62
N VAL B 240 -39.84 36.99 1.40
CA VAL B 240 -39.59 35.63 0.94
C VAL B 240 -40.59 34.72 1.62
N SER B 241 -41.50 34.13 0.85
CA SER B 241 -42.58 33.34 1.42
C SER B 241 -42.06 31.99 1.91
N LYS B 242 -42.93 31.25 2.60
CA LYS B 242 -42.52 29.97 3.17
C LYS B 242 -42.43 28.89 2.11
N ALA B 243 -43.16 29.05 1.00
CA ALA B 243 -43.04 28.09 -0.09
C ALA B 243 -41.75 28.31 -0.88
N VAL B 244 -41.34 29.57 -1.02
CA VAL B 244 -40.08 29.88 -1.70
C VAL B 244 -38.90 29.48 -0.82
N ALA B 245 -39.03 29.68 0.49
CA ALA B 245 -37.93 29.36 1.41
C ALA B 245 -37.76 27.86 1.55
N ALA B 246 -38.85 27.10 1.46
CA ALA B 246 -38.73 25.65 1.55
C ALA B 246 -38.22 25.05 0.25
N LYS B 247 -38.39 25.77 -0.86
CA LYS B 247 -37.74 25.36 -2.10
C LYS B 247 -36.24 25.64 -2.05
N VAL B 248 -35.85 26.68 -1.33
CA VAL B 248 -34.42 26.98 -1.12
C VAL B 248 -33.78 25.90 -0.26
N ILE B 249 -34.51 25.45 0.77
CA ILE B 249 -33.99 24.44 1.69
C ILE B 249 -33.87 23.08 1.00
N ALA B 250 -34.82 22.76 0.12
CA ALA B 250 -34.86 21.42 -0.48
C ALA B 250 -33.78 21.24 -1.53
N THR B 251 -33.48 22.28 -2.30
CA THR B 251 -32.36 22.19 -3.24
C THR B 251 -31.03 22.25 -2.51
N ARG B 252 -31.00 22.91 -1.36
CA ARG B 252 -29.79 22.96 -0.55
C ARG B 252 -29.57 21.63 0.16
N ARG B 253 -30.65 20.93 0.54
CA ARG B 253 -30.52 19.58 1.06
C ARG B 253 -30.10 18.61 -0.03
N ALA B 254 -30.57 18.82 -1.26
CA ALA B 254 -30.24 17.91 -2.34
C ALA B 254 -28.81 18.12 -2.82
N GLU B 255 -28.25 19.30 -2.59
CA GLU B 255 -26.85 19.54 -2.91
C GLU B 255 -25.94 18.78 -1.95
N VAL B 256 -26.30 18.78 -0.66
CA VAL B 256 -25.46 18.17 0.36
C VAL B 256 -25.67 16.67 0.38
N HIS B 257 -26.87 16.22 0.06
CA HIS B 257 -27.15 14.78 0.02
C HIS B 257 -26.42 14.10 -1.12
N GLU B 258 -26.35 14.75 -2.29
CA GLU B 258 -25.63 14.14 -3.40
C GLU B 258 -24.12 14.23 -3.19
N ARG B 259 -23.68 15.17 -2.35
CA ARG B 259 -22.28 15.19 -1.96
C ARG B 259 -21.98 14.10 -0.94
N LEU B 260 -22.96 13.74 -0.12
CA LEU B 260 -22.80 12.60 0.78
C LEU B 260 -22.75 11.29 0.01
N LEU B 261 -23.59 11.14 -1.01
CA LEU B 261 -23.58 9.94 -1.83
C LEU B 261 -22.30 9.85 -2.66
N LYS B 262 -21.83 11.00 -3.17
CA LYS B 262 -20.59 11.02 -3.93
C LYS B 262 -19.38 10.73 -3.05
N LEU B 263 -19.47 11.10 -1.76
CA LEU B 263 -18.41 10.78 -0.82
C LEU B 263 -18.34 9.29 -0.56
N TRP B 264 -19.48 8.66 -0.34
CA TRP B 264 -19.48 7.24 -0.06
C TRP B 264 -19.34 6.42 -1.33
N ALA B 265 -19.58 7.01 -2.49
CA ALA B 265 -19.34 6.29 -3.74
C ALA B 265 -17.86 6.14 -4.02
N LYS B 266 -17.05 7.11 -3.60
CA LYS B 266 -15.60 7.02 -3.79
C LYS B 266 -15.01 5.96 -2.90
N ARG B 267 -15.50 5.86 -1.65
CA ARG B 267 -14.93 4.95 -0.68
C ARG B 267 -15.32 3.51 -0.99
N LEU B 268 -16.53 3.31 -1.51
CA LEU B 268 -16.99 1.96 -1.80
C LEU B 268 -16.57 1.50 -3.19
N LEU B 269 -16.08 2.40 -4.03
CA LEU B 269 -15.47 1.98 -5.28
C LEU B 269 -14.05 1.51 -5.05
N VAL B 270 -13.32 2.20 -4.18
CA VAL B 270 -11.97 1.78 -3.84
C VAL B 270 -12.01 0.60 -2.88
N SER B 271 -12.78 0.72 -1.80
CA SER B 271 -12.75 -0.24 -0.71
C SER B 271 -14.19 -0.67 -0.41
N PRO B 272 -14.75 -1.59 -1.20
CA PRO B 272 -16.17 -1.93 -1.04
C PRO B 272 -16.49 -2.74 0.20
N GLU B 273 -15.50 -3.20 0.93
CA GLU B 273 -15.70 -3.95 2.17
C GLU B 273 -16.09 -3.09 3.34
N LEU B 274 -16.16 -1.76 3.19
CA LEU B 274 -16.67 -0.92 4.27
C LEU B 274 -18.16 -1.12 4.50
N ALA B 275 -18.86 -1.74 3.55
CA ALA B 275 -20.28 -1.98 3.72
C ALA B 275 -20.59 -3.10 4.70
N ILE B 276 -19.61 -3.92 5.08
CA ILE B 276 -19.85 -4.99 6.03
C ILE B 276 -19.91 -4.49 7.46
N VAL B 277 -19.47 -3.27 7.71
CA VAL B 277 -19.60 -2.62 9.01
C VAL B 277 -20.78 -1.66 8.94
N PRO B 278 -21.76 -1.76 9.82
CA PRO B 278 -22.84 -0.77 9.83
C PRO B 278 -22.34 0.56 10.35
N LEU B 279 -23.02 1.63 9.92
CA LEU B 279 -22.57 2.98 10.24
C LEU B 279 -22.77 3.31 11.71
N ASN B 280 -23.74 2.66 12.37
CA ASN B 280 -24.00 2.98 13.76
C ASN B 280 -23.08 2.22 14.71
N GLU B 281 -22.42 1.18 14.22
CA GLU B 281 -21.53 0.39 15.05
C GLU B 281 -20.06 0.70 14.83
N PHE B 282 -19.73 1.71 14.01
CA PHE B 282 -18.35 2.01 13.70
C PHE B 282 -17.61 2.60 14.90
N ASP B 283 -18.27 3.48 15.65
CA ASP B 283 -17.61 4.12 16.78
C ASP B 283 -17.39 3.17 17.94
N ALA B 284 -18.21 2.12 18.04
CA ALA B 284 -18.07 1.13 19.08
C ALA B 284 -16.93 0.16 18.84
N GLN B 285 -16.20 0.28 17.73
CA GLN B 285 -15.02 -0.52 17.49
C GLN B 285 -13.73 0.19 17.87
N LEU B 286 -13.74 1.52 17.93
CA LEU B 286 -12.52 2.29 18.09
C LEU B 286 -11.97 2.17 19.51
N ALA B 287 -10.70 2.53 19.64
CA ALA B 287 -10.05 2.66 20.94
C ALA B 287 -9.00 3.74 20.83
N SER B 288 -8.23 3.93 21.90
CA SER B 288 -7.20 4.96 21.88
C SER B 288 -5.99 4.50 21.08
N LYS B 289 -5.64 3.23 21.20
CA LYS B 289 -4.59 2.62 20.40
C LYS B 289 -5.22 1.84 19.27
N PHE B 290 -4.46 1.64 18.19
CA PHE B 290 -4.98 0.85 17.09
C PHE B 290 -5.05 -0.63 17.45
N GLU B 291 -4.15 -1.09 18.32
CA GLU B 291 -4.17 -2.50 18.70
C GLU B 291 -5.33 -2.82 19.63
N GLY B 292 -5.93 -1.81 20.24
CA GLY B 292 -7.10 -2.01 21.08
C GLY B 292 -8.42 -1.91 20.35
N ILE B 293 -8.42 -1.71 19.03
CA ILE B 293 -9.65 -1.70 18.26
C ILE B 293 -10.27 -3.09 18.28
N SER B 294 -11.60 -3.14 18.43
CA SER B 294 -12.34 -4.37 18.68
C SER B 294 -12.17 -5.37 17.55
N PRO B 295 -11.86 -6.63 17.86
CA PRO B 295 -11.65 -7.65 16.81
C PRO B 295 -12.91 -8.25 16.22
N LYS B 296 -14.07 -7.63 16.42
CA LYS B 296 -15.32 -8.15 15.87
C LYS B 296 -15.32 -8.07 14.35
N TYR B 297 -14.72 -7.04 13.78
CA TYR B 297 -14.75 -6.81 12.34
C TYR B 297 -13.38 -6.84 11.69
N GLN B 298 -12.30 -7.14 12.43
CA GLN B 298 -10.95 -7.03 11.85
C GLN B 298 -10.70 -8.10 10.79
N GLU B 299 -10.91 -9.37 11.14
CA GLU B 299 -10.56 -10.46 10.24
C GLU B 299 -11.60 -10.61 9.14
N LEU B 300 -12.81 -10.10 9.36
CA LEU B 300 -13.81 -10.15 8.30
C LEU B 300 -13.56 -9.05 7.28
N LEU B 301 -13.05 -7.90 7.73
CA LEU B 301 -12.71 -6.84 6.78
C LEU B 301 -11.50 -7.21 5.95
N SER B 302 -10.52 -7.89 6.55
CA SER B 302 -9.30 -8.23 5.83
C SER B 302 -9.57 -9.31 4.78
N ALA B 303 -10.60 -10.13 5.00
CA ALA B 303 -10.83 -11.26 4.11
C ALA B 303 -11.81 -10.91 3.01
N VAL B 304 -12.72 -9.95 3.24
CA VAL B 304 -13.58 -9.46 2.17
C VAL B 304 -12.78 -8.56 1.23
N ALA B 305 -11.75 -7.89 1.76
CA ALA B 305 -10.92 -7.02 0.94
C ALA B 305 -10.05 -7.80 -0.04
N GLN B 306 -9.85 -9.10 0.20
CA GLN B 306 -9.00 -9.88 -0.69
C GLN B 306 -9.71 -10.23 -1.99
N GLY B 307 -11.03 -10.13 -2.01
CA GLY B 307 -11.79 -10.28 -3.24
C GLY B 307 -12.74 -11.45 -3.19
N ASN B 308 -13.44 -11.65 -4.31
CA ASN B 308 -14.47 -12.68 -4.38
C ASN B 308 -13.87 -14.07 -4.56
N LYS B 309 -12.61 -14.14 -4.95
CA LYS B 309 -11.93 -15.43 -5.02
C LYS B 309 -11.22 -15.68 -3.70
N THR B 310 -11.16 -16.94 -3.30
CA THR B 310 -10.44 -17.35 -2.11
C THR B 310 -8.96 -17.45 -2.48
N PHE B 311 -8.11 -17.68 -1.46
CA PHE B 311 -6.68 -17.80 -1.73
C PHE B 311 -6.37 -19.06 -2.51
N ALA B 312 -7.06 -20.16 -2.21
CA ALA B 312 -6.86 -21.39 -2.96
C ALA B 312 -7.43 -21.28 -4.36
N GLN B 313 -8.48 -20.47 -4.53
CA GLN B 313 -9.01 -20.22 -5.87
C GLN B 313 -8.07 -19.36 -6.69
N ARG B 314 -7.33 -18.48 -6.02
CA ARG B 314 -6.40 -17.61 -6.75
C ARG B 314 -5.12 -18.36 -7.12
N LEU B 315 -4.71 -19.34 -6.32
CA LEU B 315 -3.60 -20.19 -6.72
C LEU B 315 -3.98 -21.11 -7.86
N ASN B 316 -5.24 -21.53 -7.94
CA ASN B 316 -5.67 -22.38 -9.04
C ASN B 316 -5.70 -21.63 -10.36
N SER B 317 -5.84 -20.31 -10.31
CA SER B 317 -5.76 -19.49 -11.52
C SER B 317 -4.37 -18.95 -11.77
N SER B 318 -3.40 -19.29 -10.91
CA SER B 318 -2.04 -18.79 -11.05
C SER B 318 -1.33 -19.54 -12.18
N PRO B 319 -0.22 -19.00 -12.71
CA PRO B 319 0.54 -19.74 -13.72
C PRO B 319 1.19 -21.02 -13.23
N ALA B 320 1.32 -21.21 -11.92
CA ALA B 320 1.95 -22.42 -11.40
C ALA B 320 1.08 -23.66 -11.61
N PHE B 321 -0.23 -23.49 -11.59
CA PHE B 321 -1.13 -24.62 -11.74
C PHE B 321 -1.59 -24.83 -13.17
N SER B 322 -1.19 -23.95 -14.09
CA SER B 322 -1.31 -24.20 -15.51
C SER B 322 -0.10 -24.93 -16.06
N SER B 323 0.93 -25.11 -15.24
CA SER B 323 2.10 -25.89 -15.63
C SER B 323 1.75 -27.37 -15.65
N PHE B 324 2.66 -28.16 -16.24
CA PHE B 324 2.35 -29.54 -16.60
C PHE B 324 2.18 -30.44 -15.39
N LEU B 325 3.05 -30.30 -14.39
CA LEU B 325 3.03 -31.22 -13.26
C LEU B 325 1.94 -30.84 -12.26
N LEU B 326 1.30 -29.70 -12.45
CA LEU B 326 0.23 -29.24 -11.57
C LEU B 326 -1.08 -29.00 -12.32
N LYS B 327 -1.26 -29.60 -13.49
CA LYS B 327 -2.48 -29.40 -14.27
C LYS B 327 -3.68 -30.09 -13.61
N ARG B 328 -3.45 -31.23 -12.98
CA ARG B 328 -4.52 -31.99 -12.35
C ARG B 328 -4.57 -31.81 -10.84
N GLU B 329 -3.90 -30.80 -10.32
CA GLU B 329 -3.91 -30.52 -8.88
C GLU B 329 -4.78 -29.31 -8.58
N LYS B 330 -5.26 -29.25 -7.35
CA LYS B 330 -6.03 -28.13 -6.84
C LYS B 330 -5.39 -27.63 -5.56
N ALA B 331 -5.41 -26.32 -5.35
CA ALA B 331 -4.80 -25.75 -4.16
C ALA B 331 -5.65 -26.00 -2.92
N GLU B 332 -6.92 -26.34 -3.10
CA GLU B 332 -7.77 -26.71 -1.97
C GLU B 332 -7.38 -28.07 -1.40
N SER B 333 -6.71 -28.90 -2.21
CA SER B 333 -6.34 -30.23 -1.77
C SER B 333 -5.22 -30.19 -0.74
N GLU B 334 -4.37 -29.18 -0.80
CA GLU B 334 -3.30 -29.06 0.18
C GLU B 334 -3.80 -28.41 1.46
N VAL B 335 -4.30 -27.18 1.36
CA VAL B 335 -4.90 -26.51 2.51
C VAL B 335 -6.27 -25.97 2.14
N PRO B 336 -7.35 -26.52 2.70
CA PRO B 336 -8.69 -26.10 2.32
C PRO B 336 -9.02 -24.74 2.91
N PRO B 337 -9.85 -23.95 2.23
CA PRO B 337 -10.25 -22.65 2.77
C PRO B 337 -11.15 -22.81 3.99
N SER B 338 -10.99 -21.89 4.93
CA SER B 338 -11.85 -21.86 6.10
C SER B 338 -13.26 -21.41 5.71
N GLU B 339 -14.21 -21.63 6.62
CA GLU B 339 -15.57 -21.16 6.36
C GLU B 339 -15.64 -19.65 6.47
N LEU B 340 -14.79 -19.05 7.32
CA LEU B 340 -14.69 -17.60 7.36
C LEU B 340 -14.05 -17.08 6.08
N GLU B 341 -13.16 -17.85 5.46
CA GLU B 341 -12.60 -17.46 4.18
C GLU B 341 -13.62 -17.63 3.06
N LEU B 342 -14.45 -18.66 3.16
CA LEU B 342 -15.44 -18.91 2.11
C LEU B 342 -16.61 -17.93 2.20
N GLU B 343 -17.01 -17.56 3.42
CA GLU B 343 -18.14 -16.65 3.57
C GLU B 343 -17.73 -15.22 3.25
N ALA B 344 -16.43 -14.93 3.33
CA ALA B 344 -15.94 -13.61 2.97
C ALA B 344 -15.72 -13.50 1.46
N ALA B 345 -15.44 -14.61 0.80
CA ALA B 345 -15.41 -14.62 -0.65
C ALA B 345 -16.82 -14.46 -1.22
N GLN B 346 -17.81 -15.00 -0.50
CA GLN B 346 -19.19 -14.82 -0.92
C GLN B 346 -19.68 -13.41 -0.60
N LYS B 347 -19.22 -12.85 0.53
CA LYS B 347 -19.61 -11.50 0.90
C LYS B 347 -18.98 -10.46 -0.02
N ALA B 348 -17.77 -10.74 -0.52
CA ALA B 348 -17.10 -9.81 -1.41
C ALA B 348 -17.75 -9.81 -2.79
N ALA B 349 -18.35 -10.93 -3.18
CA ALA B 349 -18.97 -11.03 -4.50
C ALA B 349 -20.26 -10.23 -4.57
N GLU B 350 -20.94 -10.07 -3.43
CA GLU B 350 -22.13 -9.22 -3.39
C GLU B 350 -21.75 -7.75 -3.48
N LEU B 351 -20.64 -7.37 -2.87
CA LEU B 351 -20.24 -5.97 -2.85
C LEU B 351 -19.43 -5.53 -4.07
N GLU B 352 -19.26 -6.41 -5.06
CA GLU B 352 -18.59 -5.97 -6.29
C GLU B 352 -19.47 -5.09 -7.14
N ASP B 353 -20.78 -5.18 -6.98
CA ASP B 353 -21.69 -4.17 -7.49
C ASP B 353 -21.67 -3.01 -6.51
N PRO B 354 -21.14 -1.85 -6.90
CA PRO B 354 -21.01 -0.75 -5.93
C PRO B 354 -22.32 -0.08 -5.58
N GLU B 355 -23.38 -0.29 -6.37
CA GLU B 355 -24.70 0.21 -5.98
C GLU B 355 -25.25 -0.58 -4.81
N VAL B 356 -24.98 -1.88 -4.76
CA VAL B 356 -25.43 -2.72 -3.65
C VAL B 356 -24.65 -2.38 -2.39
N ALA B 357 -23.37 -2.01 -2.53
CA ALA B 357 -22.58 -1.61 -1.37
C ALA B 357 -23.04 -0.27 -0.80
N LEU B 358 -23.56 0.60 -1.64
CA LEU B 358 -24.10 1.88 -1.16
C LEU B 358 -25.39 1.67 -0.37
N ARG B 359 -26.29 0.84 -0.91
CA ARG B 359 -27.58 0.64 -0.25
C ARG B 359 -27.43 -0.20 1.01
N THR B 360 -26.39 -1.03 1.07
CA THR B 360 -26.11 -1.76 2.30
C THR B 360 -25.60 -0.83 3.38
N LEU B 361 -24.67 0.06 3.02
CA LEU B 361 -24.05 0.94 4.00
C LEU B 361 -24.98 2.07 4.41
N LEU B 362 -25.58 2.77 3.43
CA LEU B 362 -26.33 3.98 3.72
C LEU B 362 -27.78 3.71 4.07
N GLY B 363 -28.45 2.84 3.31
CA GLY B 363 -29.78 2.38 3.64
C GLY B 363 -30.85 3.46 3.54
N PRO B 364 -31.36 3.91 4.70
CA PRO B 364 -32.30 5.04 4.72
C PRO B 364 -31.69 6.35 4.26
N GLN B 365 -30.37 6.50 4.30
CA GLN B 365 -29.70 7.72 3.87
C GLN B 365 -29.45 7.77 2.38
N MET B 366 -30.07 6.88 1.60
CA MET B 366 -29.95 6.96 0.15
C MET B 366 -30.80 8.09 -0.44
N GLU B 367 -31.76 8.61 0.32
CA GLU B 367 -32.58 9.72 -0.12
C GLU B 367 -32.45 10.88 0.87
N ALA B 368 -32.69 12.09 0.38
CA ALA B 368 -32.49 13.29 1.16
C ALA B 368 -33.55 13.43 2.24
N LEU B 369 -33.38 14.43 3.11
CA LEU B 369 -34.19 14.54 4.31
C LEU B 369 -35.63 14.94 3.99
N GLY B 370 -35.86 15.57 2.84
CA GLY B 370 -37.21 15.87 2.43
C GLY B 370 -37.69 15.12 1.21
N ALA B 371 -36.91 14.20 0.67
CA ALA B 371 -37.19 13.57 -0.61
C ALA B 371 -37.61 12.11 -0.48
N SER B 372 -38.25 11.73 0.62
CA SER B 372 -38.76 10.38 0.80
C SER B 372 -40.28 10.40 0.75
N ASP B 373 -40.86 9.21 0.62
CA ASP B 373 -42.31 9.08 0.64
C ASP B 373 -42.84 9.20 2.06
N LEU B 374 -42.00 8.93 3.05
CA LEU B 374 -42.42 9.05 4.43
C LEU B 374 -42.50 10.51 4.84
N LEU B 375 -43.22 10.76 5.93
CA LEU B 375 -43.26 12.10 6.52
C LEU B 375 -41.91 12.41 7.14
N LEU B 376 -41.68 13.71 7.39
CA LEU B 376 -40.36 14.16 7.83
C LEU B 376 -40.04 13.66 9.24
N SER B 377 -41.06 13.52 10.08
CA SER B 377 -40.84 12.97 11.41
C SER B 377 -40.59 11.47 11.33
N GLU B 378 -41.14 10.81 10.32
CA GLU B 378 -40.92 9.37 10.18
C GLU B 378 -39.60 9.09 9.48
N GLN B 379 -39.12 10.04 8.67
CA GLN B 379 -37.85 9.87 8.00
C GLN B 379 -36.69 10.13 8.96
N ILE B 380 -36.87 11.07 9.90
CA ILE B 380 -35.85 11.35 10.90
C ILE B 380 -35.68 10.15 11.83
N ARG B 381 -36.77 9.41 12.06
CA ARG B 381 -36.70 8.25 12.95
C ARG B 381 -35.93 7.08 12.32
N VAL B 382 -36.01 6.93 11.00
CA VAL B 382 -35.34 5.80 10.37
C VAL B 382 -33.90 6.16 10.04
N ILE B 383 -33.56 7.45 10.03
CA ILE B 383 -32.19 7.87 9.81
C ILE B 383 -31.42 7.88 11.13
N THR B 384 -32.09 8.31 12.20
CA THR B 384 -31.47 8.29 13.53
C THR B 384 -31.24 6.87 14.01
N GLU B 385 -32.15 5.94 13.66
CA GLU B 385 -31.94 4.54 14.02
C GLU B 385 -30.82 3.93 13.20
N HIS B 386 -30.57 4.48 12.01
CA HIS B 386 -29.53 3.95 11.14
C HIS B 386 -28.18 4.58 11.45
N ARG B 387 -28.16 5.86 11.79
CA ARG B 387 -26.89 6.55 12.03
C ARG B 387 -26.31 6.19 13.39
N TYR B 388 -27.16 5.98 14.39
CA TYR B 388 -26.74 5.83 15.77
C TYR B 388 -27.43 4.62 16.39
N THR B 389 -26.84 4.12 17.47
CA THR B 389 -27.39 3.08 18.31
C THR B 389 -28.12 3.70 19.49
N PRO B 390 -29.13 3.01 20.09
CA PRO B 390 -29.95 3.63 21.15
C PRO B 390 -29.24 4.14 22.40
N ASP B 391 -27.98 3.78 22.60
CA ASP B 391 -27.25 4.28 23.77
C ASP B 391 -26.64 5.65 23.50
N ARG B 392 -26.63 6.08 22.24
CA ARG B 392 -25.90 7.29 21.87
C ARG B 392 -26.67 8.53 22.27
N LEU B 393 -25.95 9.64 22.44
CA LEU B 393 -26.60 10.92 22.69
C LEU B 393 -27.35 11.41 21.46
N GLN B 394 -26.76 11.22 20.28
CA GLN B 394 -27.38 11.66 19.04
C GLN B 394 -28.57 10.80 18.64
N TYR B 395 -28.73 9.61 19.24
CA TYR B 395 -29.96 8.87 19.06
C TYR B 395 -31.11 9.55 19.80
N LYS B 396 -30.88 9.92 21.05
CA LYS B 396 -31.94 10.51 21.87
C LYS B 396 -32.28 11.91 21.40
N GLU B 397 -31.28 12.68 20.96
CA GLU B 397 -31.53 14.01 20.43
C GLU B 397 -32.21 13.94 19.07
N GLY B 398 -31.95 12.87 18.32
CA GLY B 398 -32.58 12.72 17.03
C GLY B 398 -33.99 12.16 17.11
N MET B 399 -34.27 11.38 18.15
CA MET B 399 -35.63 10.89 18.35
C MET B 399 -36.51 11.98 18.95
N LYS B 400 -35.94 12.83 19.81
CA LYS B 400 -36.69 13.96 20.35
C LYS B 400 -36.98 14.99 19.28
N LEU B 401 -36.10 15.11 18.29
CA LEU B 401 -36.35 16.00 17.15
C LEU B 401 -37.51 15.46 16.32
N ALA B 402 -37.63 14.14 16.21
CA ALA B 402 -38.73 13.55 15.44
C ALA B 402 -40.06 13.71 16.17
N ASP B 403 -40.02 13.92 17.48
CA ASP B 403 -41.25 14.23 18.21
C ASP B 403 -41.67 15.66 17.99
N LYS B 404 -40.71 16.56 17.75
CA LYS B 404 -41.05 17.96 17.53
C LYS B 404 -41.55 18.19 16.11
N ILE B 405 -41.00 17.45 15.14
CA ILE B 405 -41.48 17.54 13.77
C ILE B 405 -42.86 16.91 13.66
N ALA B 406 -43.12 15.87 14.44
CA ALA B 406 -44.46 15.26 14.46
C ALA B 406 -45.46 16.19 15.12
N ALA B 407 -45.00 17.04 16.05
CA ALA B 407 -45.88 18.07 16.59
C ALA B 407 -46.15 19.16 15.57
N GLN B 408 -45.18 19.42 14.68
CA GLN B 408 -45.41 20.36 13.60
C GLN B 408 -46.28 19.75 12.52
N GLU B 409 -46.28 18.43 12.37
CA GLU B 409 -47.11 17.79 11.37
C GLU B 409 -48.56 17.68 11.84
N ALA B 410 -48.79 17.54 13.14
CA ALA B 410 -50.14 17.58 13.66
C ALA B 410 -50.71 18.99 13.63
N ALA B 411 -49.85 20.00 13.82
CA ALA B 411 -50.31 21.37 13.69
C ALA B 411 -50.53 21.77 12.25
N LEU B 412 -49.80 21.14 11.31
CA LEU B 412 -50.05 21.39 9.90
C LEU B 412 -51.32 20.68 9.44
N LYS B 413 -51.65 19.55 10.05
CA LYS B 413 -52.85 18.83 9.70
C LYS B 413 -54.10 19.55 10.19
N GLU B 414 -54.02 20.14 11.39
CA GLU B 414 -55.20 20.75 11.99
C GLU B 414 -55.54 22.09 11.33
N GLU B 415 -54.59 22.68 10.60
CA GLU B 415 -54.88 23.92 9.91
C GLU B 415 -55.40 23.65 8.51
N LEU B 416 -55.10 22.48 7.94
CA LEU B 416 -55.46 22.22 6.57
C LEU B 416 -56.58 21.19 6.46
N LYS B 417 -57.04 20.67 7.60
CA LYS B 417 -58.14 19.71 7.55
C LYS B 417 -59.47 20.41 7.26
N VAL B 418 -59.55 21.71 7.52
CA VAL B 418 -60.79 22.44 7.30
C VAL B 418 -60.95 22.78 5.82
N ILE B 419 -59.87 22.66 5.05
CA ILE B 419 -59.99 22.82 3.61
C ILE B 419 -60.08 21.47 2.91
N TYR B 420 -59.08 20.62 3.12
CA TYR B 420 -58.87 19.44 2.27
C TYR B 420 -59.46 18.17 2.85
N GLY B 421 -60.21 18.22 3.95
CA GLY B 421 -60.81 17.04 4.51
C GLY B 421 -59.94 16.37 5.55
N ASP B 422 -60.33 15.15 5.92
CA ASP B 422 -59.62 14.43 6.97
C ASP B 422 -58.31 13.84 6.44
N ASN B 423 -58.33 13.29 5.24
CA ASN B 423 -57.12 12.79 4.60
C ASN B 423 -56.41 13.94 3.89
N VAL B 424 -55.62 14.67 4.69
CA VAL B 424 -55.05 15.95 4.25
C VAL B 424 -53.92 15.71 3.25
N ASP B 425 -53.22 14.58 3.40
CA ASP B 425 -51.91 14.29 2.78
C ASP B 425 -50.92 15.37 3.20
N VAL B 426 -50.58 15.34 4.49
CA VAL B 426 -49.71 16.32 5.14
C VAL B 426 -48.30 16.32 4.55
N LYS B 427 -47.87 15.21 3.97
CA LYS B 427 -46.52 15.09 3.43
C LYS B 427 -46.31 16.02 2.24
N HIS B 428 -47.33 16.20 1.41
CA HIS B 428 -47.20 17.08 0.25
C HIS B 428 -47.11 18.55 0.66
N PHE B 429 -47.84 18.93 1.69
CA PHE B 429 -47.82 20.33 2.13
C PHE B 429 -46.68 20.60 3.09
N GLN B 430 -46.03 19.54 3.59
CA GLN B 430 -44.83 19.74 4.38
C GLN B 430 -43.62 19.96 3.49
N ALA B 431 -43.50 19.17 2.41
CA ALA B 431 -42.38 19.33 1.49
C ALA B 431 -42.51 20.60 0.67
N SER B 432 -43.72 20.93 0.23
CA SER B 432 -43.99 22.15 -0.51
C SER B 432 -45.18 22.85 0.14
N PRO B 433 -44.92 23.89 0.94
CA PRO B 433 -46.03 24.59 1.61
C PRO B 433 -46.83 25.43 0.62
N ARG B 434 -47.97 25.91 1.08
CA ARG B 434 -48.87 26.66 0.20
C ARG B 434 -48.34 28.07 -0.02
N THR B 435 -48.53 28.55 -1.23
CA THR B 435 -48.16 29.91 -1.64
C THR B 435 -49.16 30.87 -1.00
N PRO B 436 -48.80 32.15 -0.85
CA PRO B 436 -49.83 33.17 -0.55
C PRO B 436 -50.95 33.23 -1.59
N VAL B 437 -50.62 33.01 -2.85
CA VAL B 437 -51.64 32.89 -3.89
C VAL B 437 -52.49 31.65 -3.66
N GLN B 438 -51.84 30.54 -3.30
CA GLN B 438 -52.57 29.30 -3.05
C GLN B 438 -53.39 29.39 -1.77
N GLN B 439 -52.90 30.12 -0.77
CA GLN B 439 -53.65 30.30 0.47
C GLN B 439 -54.88 31.17 0.25
N LEU B 440 -54.82 32.04 -0.76
CA LEU B 440 -55.99 32.84 -1.12
C LEU B 440 -57.09 31.98 -1.72
N PHE B 441 -56.72 31.01 -2.55
CA PHE B 441 -57.73 30.32 -3.35
C PHE B 441 -58.42 29.21 -2.58
N ASP B 442 -57.81 28.72 -1.49
CA ASP B 442 -58.56 27.83 -0.61
C ASP B 442 -59.39 28.63 0.39
N SER B 443 -59.05 29.90 0.60
CA SER B 443 -59.90 30.75 1.42
C SER B 443 -61.16 31.15 0.66
N LEU B 444 -61.05 31.29 -0.67
CA LEU B 444 -62.21 31.61 -1.48
C LEU B 444 -62.96 30.36 -1.89
N LYS B 445 -62.36 29.18 -1.73
CA LYS B 445 -63.03 27.93 -2.08
C LYS B 445 -64.14 27.62 -1.10
N ASN B 446 -63.88 27.81 0.18
CA ASN B 446 -64.89 27.60 1.21
C ASN B 446 -65.51 28.90 1.70
N ALA B 447 -65.41 29.98 0.93
CA ALA B 447 -65.95 31.26 1.38
C ALA B 447 -67.48 31.26 1.31
N ALA B 448 -68.05 30.46 0.41
CA ALA B 448 -69.50 30.37 0.32
C ALA B 448 -70.07 29.53 1.47
N ALA B 449 -69.38 28.44 1.81
CA ALA B 449 -69.85 27.58 2.89
C ALA B 449 -69.60 28.20 4.26
N ASN B 450 -68.66 29.14 4.34
CA ASN B 450 -68.35 29.76 5.62
C ASN B 450 -69.32 30.90 5.94
N LYS B 451 -69.72 31.66 4.93
CA LYS B 451 -70.64 32.77 5.15
C LYS B 451 -72.05 32.25 5.40
N GLU B 452 -72.40 31.12 4.79
CA GLU B 452 -73.67 30.48 5.09
C GLU B 452 -73.64 29.85 6.48
N ARG B 453 -72.48 29.40 6.91
CA ARG B 453 -72.35 28.86 8.28
C ARG B 453 -72.41 29.97 9.31
N ALA B 454 -71.91 31.16 8.97
CA ALA B 454 -71.98 32.29 9.89
C ALA B 454 -73.41 32.81 10.01
N ALA B 455 -74.22 32.60 8.97
CA ALA B 455 -75.61 33.02 9.04
C ALA B 455 -76.42 32.09 9.94
N LYS B 456 -76.17 30.77 9.85
CA LYS B 456 -76.94 29.82 10.65
C LYS B 456 -76.44 29.78 12.09
N GLU B 457 -75.21 30.25 12.33
CA GLU B 457 -74.73 30.34 13.70
C GLU B 457 -75.22 31.63 14.38
N ALA B 458 -75.42 32.68 13.59
CA ALA B 458 -75.98 33.91 14.14
C ALA B 458 -77.49 33.77 14.36
N ALA B 459 -78.15 32.92 13.58
CA ALA B 459 -79.57 32.67 13.79
C ALA B 459 -79.78 31.79 15.02
N ALA B 460 -78.89 30.83 15.25
CA ALA B 460 -78.97 29.96 16.41
C ALA B 460 -78.22 30.51 17.61
N ALA B 461 -77.87 31.80 17.60
CA ALA B 461 -77.19 32.41 18.74
C ALA B 461 -78.16 32.60 19.89
N ALA B 462 -77.63 32.54 21.11
CA ALA B 462 -78.47 32.69 22.29
C ALA B 462 -78.82 34.15 22.53
N SER B 463 -77.99 35.06 22.04
CA SER B 463 -78.20 36.48 22.32
C SER B 463 -77.91 37.30 21.07
N PRO B 464 -78.42 38.54 20.98
CA PRO B 464 -78.02 39.43 19.89
C PRO B 464 -76.55 39.82 19.95
N TYR B 465 -75.96 39.81 21.15
CA TYR B 465 -74.52 40.03 21.27
C TYR B 465 -73.73 38.89 20.67
N LEU B 466 -74.16 37.65 20.92
CA LEU B 466 -73.48 36.49 20.36
C LEU B 466 -73.75 36.35 18.86
N ALA B 467 -74.82 36.98 18.39
CA ALA B 467 -75.12 36.97 16.96
C ALA B 467 -74.25 37.97 16.21
N TYR B 468 -73.99 39.14 16.81
CA TYR B 468 -73.12 40.11 16.17
C TYR B 468 -71.67 39.67 16.23
N ALA B 469 -71.30 38.93 17.27
CA ALA B 469 -69.91 38.57 17.47
C ALA B 469 -69.46 37.50 16.48
N VAL B 470 -70.37 36.61 16.09
CA VAL B 470 -70.00 35.57 15.12
C VAL B 470 -69.96 36.14 13.71
N THR B 471 -70.82 37.13 13.41
CA THR B 471 -70.76 37.75 12.10
C THR B 471 -69.57 38.70 11.97
N LYS B 472 -69.12 39.26 13.09
CA LYS B 472 -67.96 40.13 13.06
C LYS B 472 -66.67 39.30 13.02
N LYS B 473 -66.67 38.16 13.71
CA LYS B 473 -65.50 37.28 13.67
C LYS B 473 -65.35 36.64 12.29
N GLN B 474 -66.46 36.35 11.62
CA GLN B 474 -66.37 35.74 10.31
C GLN B 474 -66.08 36.78 9.23
N GLU B 475 -66.52 38.02 9.43
CA GLU B 475 -66.25 39.06 8.44
C GLU B 475 -64.77 39.40 8.38
N VAL B 476 -64.09 39.30 9.53
CA VAL B 476 -62.63 39.46 9.54
C VAL B 476 -61.96 38.24 8.93
N GLN B 477 -62.45 37.05 9.27
CA GLN B 477 -61.76 35.82 8.87
C GLN B 477 -62.11 35.39 7.46
N ALA B 478 -63.12 36.01 6.85
CA ALA B 478 -63.40 35.73 5.44
C ALA B 478 -62.41 36.43 4.53
N ASP B 479 -61.90 37.56 4.97
CA ASP B 479 -60.95 38.34 4.18
C ASP B 479 -59.62 37.61 4.09
N PRO B 480 -59.12 37.32 2.88
CA PRO B 480 -57.81 36.67 2.77
C PRO B 480 -56.66 37.64 2.94
N SER B 481 -56.94 38.94 2.97
CA SER B 481 -55.91 39.90 3.38
C SER B 481 -55.71 39.88 4.88
N ASN B 482 -56.65 39.28 5.62
CA ASN B 482 -56.52 39.18 7.07
C ASN B 482 -55.78 37.91 7.47
N ILE B 483 -55.35 37.11 6.49
CA ILE B 483 -54.49 35.97 6.74
C ILE B 483 -53.13 36.49 7.19
N PRO B 484 -52.67 36.16 8.39
CA PRO B 484 -51.38 36.69 8.85
C PRO B 484 -50.22 35.88 8.26
N PHE B 485 -49.35 36.57 7.54
CA PHE B 485 -48.16 35.97 6.95
C PHE B 485 -46.95 36.40 7.76
N ASP B 486 -46.25 35.44 8.35
CA ASP B 486 -45.06 35.76 9.13
C ASP B 486 -43.91 36.22 8.25
N GLU B 487 -43.96 35.87 6.96
CA GLU B 487 -42.96 36.38 6.02
C GLU B 487 -43.20 37.86 5.74
N VAL B 488 -44.43 38.33 5.92
CA VAL B 488 -44.74 39.74 5.70
C VAL B 488 -44.66 40.50 7.02
N LEU B 489 -45.19 39.90 8.10
CA LEU B 489 -45.25 40.59 9.39
C LEU B 489 -43.87 40.73 10.02
N TYR B 490 -43.06 39.68 9.98
CA TYR B 490 -41.73 39.68 10.55
C TYR B 490 -40.76 39.16 9.49
N PRO B 491 -40.30 40.03 8.59
CA PRO B 491 -39.47 39.56 7.48
C PRO B 491 -38.08 39.13 7.89
N GLN B 492 -37.46 39.85 8.83
CA GLN B 492 -36.12 39.47 9.28
C GLN B 492 -36.16 38.24 10.17
N LEU B 493 -37.32 37.93 10.74
CA LEU B 493 -37.46 36.69 11.49
C LEU B 493 -37.55 35.50 10.53
N SER B 494 -38.24 35.68 9.40
CA SER B 494 -38.46 34.57 8.48
C SER B 494 -37.19 34.22 7.72
N GLU B 495 -36.31 35.20 7.52
CA GLU B 495 -35.01 34.89 6.93
C GLU B 495 -34.08 34.31 7.97
N GLU B 496 -34.38 34.55 9.25
CA GLU B 496 -33.62 33.90 10.31
C GLU B 496 -34.06 32.46 10.49
N LEU B 497 -35.34 32.18 10.26
CA LEU B 497 -35.83 30.81 10.30
C LEU B 497 -35.33 30.02 9.09
N LEU B 498 -35.05 30.72 7.99
CA LEU B 498 -34.48 30.06 6.82
C LEU B 498 -33.01 29.72 7.04
N GLU B 499 -32.22 30.67 7.56
CA GLU B 499 -30.81 30.40 7.81
C GLU B 499 -30.62 29.51 9.05
N LEU B 500 -31.66 29.33 9.86
CA LEU B 500 -31.60 28.31 10.91
C LEU B 500 -31.57 26.93 10.31
N GLU B 501 -32.36 26.69 9.26
CA GLU B 501 -32.34 25.42 8.57
C GLU B 501 -31.09 25.28 7.70
N LEU B 502 -30.66 26.38 7.09
CA LEU B 502 -29.56 26.30 6.13
C LEU B 502 -28.21 26.17 6.84
N SER B 503 -28.14 26.58 8.10
CA SER B 503 -26.90 26.41 8.86
C SER B 503 -26.68 24.95 9.23
N ASP B 504 -27.76 24.22 9.50
CA ASP B 504 -27.66 22.79 9.79
C ASP B 504 -27.27 22.01 8.54
N ILE B 505 -27.69 22.51 7.37
CA ILE B 505 -27.29 21.89 6.10
C ILE B 505 -25.83 22.26 5.78
N ARG B 506 -25.42 23.47 6.17
CA ARG B 506 -24.05 23.90 5.91
C ARG B 506 -23.05 23.17 6.80
N GLU B 507 -23.43 22.87 8.05
CA GLU B 507 -22.52 22.16 8.94
C GLU B 507 -22.34 20.71 8.51
N ASP B 508 -23.33 20.16 7.80
CA ASP B 508 -23.14 18.85 7.20
C ASP B 508 -22.26 18.92 5.97
N GLU B 509 -22.24 20.07 5.28
CA GLU B 509 -21.45 20.20 4.07
C GLU B 509 -19.98 20.44 4.39
N ILE B 510 -19.70 21.13 5.49
CA ILE B 510 -18.32 21.35 5.91
C ILE B 510 -17.69 20.03 6.35
N ALA B 511 -18.50 19.14 6.94
CA ALA B 511 -18.00 17.83 7.33
C ALA B 511 -17.70 16.96 6.11
N LEU B 512 -18.40 17.18 5.00
CA LEU B 512 -18.09 16.44 3.78
C LEU B 512 -16.91 17.07 3.05
N GLU B 513 -16.72 18.38 3.20
CA GLU B 513 -15.59 19.04 2.56
C GLU B 513 -14.29 18.74 3.30
N LYS B 514 -14.37 18.48 4.60
CA LYS B 514 -13.17 18.12 5.36
C LYS B 514 -12.73 16.70 5.03
N ALA B 515 -13.67 15.83 4.66
CA ALA B 515 -13.33 14.46 4.32
C ALA B 515 -12.68 14.36 2.95
N GLU B 516 -12.90 15.33 2.09
CA GLU B 516 -12.29 15.37 0.77
C GLU B 516 -10.92 16.02 0.77
N GLU B 517 -10.41 16.40 1.93
CA GLU B 517 -9.15 17.14 2.00
C GLU B 517 -7.96 16.22 1.72
N GLU B 518 -7.87 15.10 2.44
CA GLU B 518 -6.78 14.16 2.25
C GLU B 518 -7.30 12.79 1.83
N GLU B 519 -8.40 12.73 1.09
CA GLU B 519 -9.01 11.46 0.75
C GLU B 519 -8.22 10.74 -0.35
N LEU B 520 -7.47 11.49 -1.15
CA LEU B 520 -6.75 10.87 -2.26
C LEU B 520 -5.57 10.06 -1.77
N TRP B 521 -4.88 10.56 -0.75
CA TRP B 521 -3.74 9.84 -0.20
C TRP B 521 -4.19 8.62 0.58
N LEU B 522 -5.28 8.73 1.33
CA LEU B 522 -5.75 7.62 2.14
C LEU B 522 -6.34 6.52 1.28
N LEU B 523 -6.94 6.87 0.14
CA LEU B 523 -7.53 5.86 -0.71
C LEU B 523 -6.53 5.30 -1.70
N THR B 524 -5.43 6.01 -1.95
CA THR B 524 -4.36 5.43 -2.76
C THR B 524 -3.61 4.37 -1.98
N LEU B 525 -3.42 4.58 -0.68
CA LEU B 525 -2.79 3.57 0.16
C LEU B 525 -3.66 2.32 0.26
N THR B 526 -4.98 2.51 0.33
CA THR B 526 -5.90 1.38 0.35
C THR B 526 -5.93 0.66 -0.99
N GLN B 527 -5.96 1.41 -2.09
CA GLN B 527 -6.00 0.82 -3.43
C GLN B 527 -4.73 0.05 -3.73
N GLN B 528 -3.59 0.57 -3.27
CA GLN B 528 -2.31 -0.07 -3.56
C GLN B 528 -2.13 -1.34 -2.76
N PHE B 529 -2.39 -1.30 -1.44
CA PHE B 529 -2.14 -2.46 -0.60
C PHE B 529 -3.13 -3.58 -0.88
N LYS B 530 -4.36 -3.24 -1.26
CA LYS B 530 -5.33 -4.27 -1.57
C LYS B 530 -4.97 -5.01 -2.85
N HIS B 531 -4.29 -4.33 -3.76
CA HIS B 531 -3.88 -4.98 -5.00
C HIS B 531 -2.64 -5.83 -4.78
N ILE B 532 -1.74 -5.42 -3.87
CA ILE B 532 -0.59 -6.25 -3.55
C ILE B 532 -1.04 -7.50 -2.83
N GLN B 533 -1.84 -7.34 -1.77
CA GLN B 533 -2.25 -8.46 -0.92
C GLN B 533 -3.13 -9.46 -1.67
N LYS B 534 -3.85 -9.00 -2.69
CA LYS B 534 -4.60 -9.92 -3.53
C LYS B 534 -3.67 -10.78 -4.37
N HIS B 535 -2.57 -10.20 -4.84
CA HIS B 535 -1.77 -10.84 -5.88
C HIS B 535 -0.38 -11.25 -5.46
N PHE B 536 0.13 -10.78 -4.32
CA PHE B 536 1.52 -11.05 -3.93
C PHE B 536 1.71 -12.51 -3.57
N GLY B 537 2.78 -13.11 -4.09
CA GLY B 537 3.03 -14.51 -3.89
C GLY B 537 2.23 -15.44 -4.76
N ILE B 538 1.38 -14.90 -5.65
CA ILE B 538 0.54 -15.73 -6.49
C ILE B 538 0.83 -15.45 -7.96
N ASP B 539 0.55 -14.23 -8.41
CA ASP B 539 0.76 -13.88 -9.80
C ASP B 539 1.21 -12.44 -10.00
N LEU B 540 1.52 -11.70 -8.93
CA LEU B 540 1.88 -10.30 -9.05
C LEU B 540 3.23 -10.14 -9.74
N PRO B 541 3.32 -9.38 -10.83
CA PRO B 541 4.62 -9.16 -11.45
C PRO B 541 5.46 -8.18 -10.65
N HIS B 542 6.78 -8.32 -10.80
CA HIS B 542 7.71 -7.43 -10.12
C HIS B 542 7.67 -6.03 -10.71
N SER B 543 7.22 -5.91 -11.96
CA SER B 543 7.13 -4.60 -12.60
C SER B 543 5.98 -3.78 -12.02
N VAL B 544 4.90 -4.44 -11.64
CA VAL B 544 3.75 -3.75 -11.08
C VAL B 544 4.05 -3.31 -9.64
N VAL B 545 4.83 -4.11 -8.92
CA VAL B 545 5.29 -3.74 -7.58
C VAL B 545 6.20 -2.53 -7.63
N ALA B 546 7.15 -2.51 -8.57
CA ALA B 546 8.05 -1.38 -8.70
C ALA B 546 7.36 -0.17 -9.30
N HIS B 547 6.21 -0.38 -9.95
CA HIS B 547 5.42 0.75 -10.41
C HIS B 547 4.63 1.36 -9.26
N MET B 548 4.00 0.51 -8.45
CA MET B 548 3.12 1.00 -7.39
C MET B 548 3.91 1.58 -6.24
N ASP B 549 5.05 1.00 -5.91
CA ASP B 549 5.92 1.48 -4.84
C ASP B 549 7.34 1.61 -5.37
N PRO B 550 7.64 2.71 -6.07
CA PRO B 550 9.00 2.86 -6.59
C PRO B 550 10.03 3.19 -5.53
N LEU B 551 9.61 3.77 -4.41
CA LEU B 551 10.57 4.17 -3.39
C LEU B 551 10.88 3.01 -2.45
N LEU B 552 9.95 2.06 -2.32
CA LEU B 552 10.26 0.85 -1.56
C LEU B 552 11.25 -0.03 -2.31
N ILE B 553 11.08 -0.13 -3.63
CA ILE B 553 12.00 -0.90 -4.45
C ILE B 553 13.35 -0.19 -4.55
N LYS B 554 13.34 1.13 -4.46
CA LYS B 554 14.59 1.89 -4.41
C LYS B 554 15.35 1.63 -3.10
N LYS B 555 14.62 1.50 -1.99
CA LYS B 555 15.27 1.26 -0.71
C LYS B 555 15.72 -0.18 -0.57
N ILE B 556 14.95 -1.11 -1.11
CA ILE B 556 15.33 -2.51 -1.09
C ILE B 556 16.54 -2.74 -1.99
N ASP B 557 16.59 -2.06 -3.13
CA ASP B 557 17.75 -2.17 -4.02
C ASP B 557 18.99 -1.53 -3.43
N TRP B 558 18.83 -0.58 -2.50
CA TRP B 558 19.98 -0.01 -1.83
C TRP B 558 20.64 -1.03 -0.93
N GLU B 559 19.86 -1.89 -0.29
CA GLU B 559 20.41 -2.89 0.62
C GLU B 559 21.21 -3.93 -0.14
N THR B 560 20.69 -4.36 -1.29
CA THR B 560 21.40 -5.33 -2.11
C THR B 560 22.67 -4.72 -2.70
N THR B 561 22.62 -3.42 -3.02
CA THR B 561 23.78 -2.73 -3.58
C THR B 561 24.88 -2.57 -2.55
N ASN B 562 24.52 -2.32 -1.31
CA ASN B 562 25.48 -2.02 -0.25
C ASN B 562 25.79 -3.23 0.61
N ALA B 563 25.58 -4.43 0.08
CA ALA B 563 25.94 -5.72 0.70
C ALA B 563 25.22 -5.93 2.03
N LEU B 564 24.03 -5.37 2.15
CA LEU B 564 23.17 -5.54 3.30
C LEU B 564 21.88 -6.25 2.91
N GLU B 565 21.99 -7.22 2.01
CA GLU B 565 20.80 -7.94 1.54
C GLU B 565 20.27 -8.89 2.59
N ASP B 566 21.11 -9.25 3.56
CA ASP B 566 20.73 -10.09 4.68
C ASP B 566 20.57 -9.29 5.96
N PHE B 567 20.20 -8.01 5.87
CA PHE B 567 20.24 -7.14 7.04
C PHE B 567 19.12 -7.45 8.01
N ASP B 568 17.97 -7.86 7.49
CA ASP B 568 16.89 -8.29 8.37
C ASP B 568 17.19 -9.64 9.00
N ILE B 569 18.02 -10.45 8.34
CA ILE B 569 18.50 -11.68 8.95
C ILE B 569 19.52 -11.36 10.04
N THR B 570 20.33 -10.31 9.82
CA THR B 570 21.29 -9.87 10.83
C THR B 570 20.60 -9.34 12.07
N LEU B 571 19.52 -8.57 11.90
CA LEU B 571 18.75 -8.09 13.04
C LEU B 571 18.02 -9.22 13.75
N ASP B 572 17.68 -10.28 13.03
CA ASP B 572 17.09 -11.46 13.67
C ASP B 572 18.13 -12.26 14.43
N ASP B 573 19.40 -12.18 14.03
CA ASP B 573 20.45 -12.93 14.71
C ASP B 573 20.74 -12.35 16.08
N MET B 574 20.72 -11.03 16.19
CA MET B 574 21.04 -10.37 17.44
C MET B 574 19.81 -10.07 18.28
N GLY B 575 18.65 -10.61 17.92
CA GLY B 575 17.44 -10.42 18.68
C GLY B 575 16.89 -9.02 18.68
N ALA B 576 17.33 -8.17 17.76
CA ALA B 576 16.91 -6.78 17.73
C ALA B 576 15.51 -6.64 17.17
N GLU B 577 14.49 -6.80 18.01
CA GLU B 577 13.12 -6.71 17.53
C GLU B 577 12.71 -5.25 17.33
N ASP B 578 13.27 -4.34 18.12
CA ASP B 578 12.94 -2.93 17.99
C ASP B 578 13.64 -2.31 16.79
N ALA B 579 14.83 -2.82 16.45
CA ALA B 579 15.51 -2.34 15.25
C ALA B 579 14.89 -2.94 14.01
N LYS B 580 14.36 -4.16 14.12
CA LYS B 580 13.64 -4.77 13.00
C LYS B 580 12.34 -4.05 12.74
N GLU B 581 11.68 -3.56 13.79
CA GLU B 581 10.47 -2.77 13.61
C GLU B 581 10.80 -1.38 13.08
N GLN B 582 11.97 -0.85 13.46
CA GLN B 582 12.42 0.42 12.89
C GLN B 582 12.84 0.26 11.44
N TRP B 583 13.35 -0.92 11.08
CA TRP B 583 13.79 -1.16 9.71
C TRP B 583 12.61 -1.22 8.75
N GLY B 584 11.53 -1.89 9.15
CA GLY B 584 10.37 -1.98 8.28
C GLY B 584 9.60 -0.68 8.20
N ALA B 585 9.62 0.10 9.29
CA ALA B 585 8.89 1.36 9.31
C ALA B 585 9.63 2.43 8.52
N GLU B 586 10.97 2.38 8.53
CA GLU B 586 11.73 3.37 7.77
C GLU B 586 11.79 3.04 6.30
N ASN B 587 11.43 1.81 5.93
CA ASN B 587 11.43 1.44 4.52
C ASN B 587 10.06 1.71 3.90
N LEU B 588 9.05 1.89 4.73
CA LEU B 588 7.73 2.31 4.29
C LEU B 588 7.40 3.71 4.76
N SER B 589 8.41 4.50 5.12
CA SER B 589 8.18 5.83 5.69
C SER B 589 7.75 6.83 4.62
N HIS B 590 7.98 6.49 3.35
CA HIS B 590 7.57 7.37 2.26
C HIS B 590 6.07 7.32 2.01
N HIS B 591 5.34 6.43 2.67
CA HIS B 591 3.90 6.36 2.50
C HIS B 591 3.22 7.57 3.14
N PHE B 592 3.86 8.14 4.17
CA PHE B 592 3.33 9.29 4.86
C PHE B 592 3.86 10.61 4.30
N LEU B 593 4.84 10.55 3.41
CA LEU B 593 5.41 11.71 2.74
C LEU B 593 4.44 12.51 1.86
N PRO B 594 3.47 11.92 1.13
CA PRO B 594 2.46 12.78 0.47
C PRO B 594 1.61 13.59 1.44
N LEU B 595 1.37 13.06 2.64
CA LEU B 595 0.57 13.80 3.61
C LEU B 595 1.37 14.94 4.22
N ILE B 596 2.63 14.70 4.57
CA ILE B 596 3.34 15.67 5.38
C ILE B 596 4.01 16.72 4.50
N ARG B 597 4.08 16.49 3.19
CA ARG B 597 4.40 17.59 2.29
C ARG B 597 3.18 18.45 2.01
N TYR B 598 2.00 17.84 2.11
CA TYR B 598 0.76 18.62 1.96
C TYR B 598 0.51 19.47 3.19
N ARG B 599 0.70 18.89 4.38
CA ARG B 599 0.44 19.61 5.62
C ARG B 599 1.52 20.65 5.89
N ARG B 600 2.72 20.47 5.32
CA ARG B 600 3.74 21.49 5.44
C ARG B 600 3.45 22.67 4.52
N ASP B 601 2.87 22.40 3.35
CA ASP B 601 2.50 23.48 2.45
C ASP B 601 1.25 24.20 2.95
N LEU B 602 0.39 23.50 3.69
CA LEU B 602 -0.77 24.14 4.28
C LEU B 602 -0.35 25.10 5.39
N ALA B 603 0.63 24.70 6.19
CA ALA B 603 1.11 25.58 7.25
C ALA B 603 1.93 26.73 6.69
N ARG B 604 2.53 26.54 5.51
CA ARG B 604 3.33 27.60 4.91
C ARG B 604 2.46 28.67 4.27
N LYS B 605 1.30 28.28 3.74
CA LYS B 605 0.37 29.26 3.20
C LYS B 605 -0.32 30.04 4.32
N ASN B 606 -0.54 29.39 5.46
CA ASN B 606 -1.10 30.06 6.61
C ASN B 606 -0.04 30.64 7.54
N GLY B 607 1.21 30.72 7.09
CA GLY B 607 2.25 31.39 7.82
C GLY B 607 2.85 30.62 8.98
N ASP B 608 2.31 29.45 9.31
CA ASP B 608 2.77 28.70 10.47
C ASP B 608 3.99 27.87 10.13
N ARG B 609 4.61 27.32 11.17
CA ARG B 609 5.61 26.28 11.01
C ARG B 609 4.93 24.91 11.14
N TYR B 610 5.46 23.93 10.43
CA TYR B 610 4.93 22.59 10.54
C TYR B 610 5.38 21.97 11.86
N GLY B 611 4.45 21.28 12.53
CA GLY B 611 4.67 20.69 13.82
C GLY B 611 5.79 19.66 13.91
N PRO B 612 5.67 18.54 13.18
CA PRO B 612 6.72 17.51 13.26
C PRO B 612 8.05 17.88 12.64
N ASP B 613 8.15 19.01 11.93
CA ASP B 613 9.43 19.45 11.40
C ASP B 613 10.33 20.08 12.46
N LEU B 614 9.78 20.40 13.63
CA LEU B 614 10.52 21.12 14.67
C LEU B 614 11.06 20.16 15.71
N VAL B 615 12.10 20.59 16.42
CA VAL B 615 12.75 19.72 17.39
C VAL B 615 11.91 19.58 18.65
N ASN B 616 11.52 20.70 19.26
CA ASN B 616 10.71 20.67 20.47
C ASN B 616 9.23 20.88 20.19
N GLY B 617 8.82 20.77 18.94
CA GLY B 617 7.42 20.89 18.58
C GLY B 617 6.85 19.57 18.08
N SER C 78 59.69 16.92 -41.44
CA SER C 78 58.46 16.72 -40.66
C SER C 78 58.56 17.23 -39.24
N GLN C 79 59.62 17.98 -38.89
CA GLN C 79 59.74 18.55 -37.56
C GLN C 79 58.74 19.68 -37.32
N ASN C 80 58.29 20.35 -38.38
CA ASN C 80 57.36 21.46 -38.23
C ASN C 80 55.95 21.14 -38.71
N LEU C 81 55.77 20.06 -39.47
CA LEU C 81 54.42 19.66 -39.88
C LEU C 81 53.59 19.17 -38.70
N VAL C 82 54.24 18.56 -37.70
CA VAL C 82 53.53 18.14 -36.50
C VAL C 82 53.27 19.33 -35.59
N SER C 83 54.23 20.25 -35.50
CA SER C 83 54.07 21.44 -34.66
C SER C 83 53.04 22.41 -35.24
N THR C 84 52.89 22.44 -36.57
CA THR C 84 51.83 23.25 -37.16
C THR C 84 50.46 22.63 -36.89
N PHE C 85 50.39 21.30 -36.91
CA PHE C 85 49.16 20.60 -36.56
C PHE C 85 48.85 20.73 -35.07
N ALA C 86 49.85 20.99 -34.25
CA ALA C 86 49.64 20.97 -32.80
C ALA C 86 49.11 22.31 -32.29
N ASN C 87 49.48 23.41 -32.95
CA ASN C 87 49.07 24.72 -32.44
C ASN C 87 47.66 25.09 -32.86
N LYS C 88 47.14 24.47 -33.91
CA LYS C 88 45.81 24.84 -34.40
C LYS C 88 44.74 23.80 -34.10
N VAL C 89 45.09 22.52 -34.02
CA VAL C 89 44.05 21.50 -33.90
C VAL C 89 43.84 21.09 -32.46
N ILE C 90 44.90 20.69 -31.77
CA ILE C 90 44.81 20.28 -30.37
C ILE C 90 45.04 21.55 -29.53
N VAL C 91 43.93 22.27 -29.31
CA VAL C 91 43.88 23.48 -28.51
C VAL C 91 42.82 23.20 -27.45
N GLU C 92 42.80 24.01 -26.39
CA GLU C 92 41.79 23.85 -25.36
C GLU C 92 40.41 24.24 -25.88
N GLU C 93 40.35 25.09 -26.91
CA GLU C 93 39.07 25.54 -27.44
C GLU C 93 38.38 24.44 -28.24
N ASN C 94 39.16 23.54 -28.85
CA ASN C 94 38.55 22.42 -29.55
C ASN C 94 38.37 21.23 -28.62
N LEU C 95 39.04 21.24 -27.47
CA LEU C 95 38.68 20.32 -26.41
C LEU C 95 37.30 20.66 -25.86
N VAL C 96 36.95 21.95 -25.85
CA VAL C 96 35.62 22.38 -25.45
C VAL C 96 34.59 22.05 -26.51
N ASN C 97 34.96 22.15 -27.79
CA ASN C 97 33.98 21.98 -28.87
C ASN C 97 33.58 20.52 -29.04
N VAL C 98 34.42 19.59 -28.57
CA VAL C 98 34.02 18.20 -28.47
C VAL C 98 33.21 17.98 -27.20
N ALA C 99 33.51 18.77 -26.16
CA ALA C 99 32.85 18.63 -24.86
C ALA C 99 31.44 19.23 -24.83
N GLU C 100 30.99 19.86 -25.91
CA GLU C 100 29.67 20.48 -25.90
C GLU C 100 28.54 19.47 -26.01
N ILE C 101 28.82 18.24 -26.44
CA ILE C 101 27.76 17.26 -26.65
C ILE C 101 27.21 16.77 -25.31
N ASP C 102 28.10 16.37 -24.39
CA ASP C 102 27.69 15.90 -23.06
C ASP C 102 28.48 16.68 -22.03
N VAL C 103 27.94 17.83 -21.64
CA VAL C 103 28.60 18.69 -20.65
C VAL C 103 28.71 18.05 -19.25
N PRO C 104 27.64 17.39 -18.67
CA PRO C 104 27.83 16.76 -17.35
C PRO C 104 28.85 15.63 -17.33
N PHE C 105 29.03 14.94 -18.45
CA PHE C 105 30.09 13.95 -18.53
C PHE C 105 31.45 14.61 -18.63
N TRP C 106 31.60 15.55 -19.55
CA TRP C 106 32.93 16.03 -19.92
C TRP C 106 33.48 17.00 -18.88
N SER C 107 32.62 17.83 -18.30
CA SER C 107 33.10 18.76 -17.27
C SER C 107 33.48 18.02 -16.00
N TYR C 108 32.86 16.87 -15.75
CA TYR C 108 33.18 16.09 -14.56
C TYR C 108 34.54 15.42 -14.69
N TRP C 109 34.84 14.89 -15.87
CA TRP C 109 36.07 14.12 -16.02
C TRP C 109 37.26 15.00 -16.37
N LEU C 110 37.00 16.17 -16.96
CA LEU C 110 38.09 17.11 -17.18
C LEU C 110 38.52 17.75 -15.86
N SER C 111 37.57 18.09 -15.01
CA SER C 111 37.90 18.68 -13.72
C SER C 111 38.48 17.63 -12.76
N SER C 112 38.18 16.37 -12.99
CA SER C 112 38.83 15.30 -12.24
C SER C 112 40.29 15.16 -12.65
N ALA C 113 40.60 15.47 -13.91
CA ALA C 113 41.96 15.48 -14.40
C ALA C 113 42.69 16.79 -14.11
N GLY C 114 42.06 17.71 -13.39
CA GLY C 114 42.69 18.96 -13.03
C GLY C 114 42.41 20.12 -13.94
N PHE C 115 41.64 19.92 -15.01
CA PHE C 115 41.31 21.01 -15.92
C PHE C 115 40.20 21.84 -15.29
N THR C 116 40.58 22.75 -14.41
CA THR C 116 39.65 23.69 -13.77
C THR C 116 39.96 25.08 -14.28
N SER C 117 39.31 25.46 -15.38
CA SER C 117 39.61 26.71 -16.05
C SER C 117 38.31 27.48 -16.17
N LYS C 118 38.30 28.74 -15.71
CA LYS C 118 37.07 29.51 -15.61
C LYS C 118 36.53 29.87 -16.98
N ASP C 119 37.41 30.05 -17.96
CA ASP C 119 36.96 30.45 -19.30
C ASP C 119 36.23 29.32 -20.02
N ALA C 120 36.61 28.08 -19.72
CA ALA C 120 35.93 26.94 -20.34
C ALA C 120 34.65 26.60 -19.60
N PHE C 121 34.61 26.87 -18.29
CA PHE C 121 33.44 26.50 -17.50
C PHE C 121 32.34 27.54 -17.63
N VAL C 122 32.65 28.72 -18.17
CA VAL C 122 31.59 29.62 -18.62
C VAL C 122 30.93 29.03 -19.85
N LYS C 123 31.72 28.46 -20.76
CA LYS C 123 31.16 27.85 -21.95
C LYS C 123 30.45 26.54 -21.63
N PHE C 124 30.84 25.89 -20.53
CA PHE C 124 30.13 24.70 -20.08
C PHE C 124 28.76 25.06 -19.52
N ALA C 125 28.66 26.21 -18.85
CA ALA C 125 27.42 26.56 -18.17
C ALA C 125 26.33 26.99 -19.15
N GLU C 126 26.73 27.59 -20.28
CA GLU C 126 25.73 28.01 -21.26
C GLU C 126 25.36 26.88 -22.20
N ALA C 127 26.23 25.88 -22.34
CA ALA C 127 25.94 24.75 -23.23
C ALA C 127 24.95 23.80 -22.60
N VAL C 128 24.93 23.71 -21.27
CA VAL C 128 24.12 22.72 -20.58
C VAL C 128 22.82 23.31 -20.06
N LYS C 129 22.67 24.64 -20.05
CA LYS C 129 21.50 25.30 -19.47
C LYS C 129 20.15 24.94 -20.12
N PRO C 130 20.03 24.74 -21.44
CA PRO C 130 18.75 24.19 -21.94
C PRO C 130 18.54 22.71 -21.66
N LYS C 131 19.54 22.02 -21.11
CA LYS C 131 19.44 20.58 -20.92
C LYS C 131 19.32 20.15 -19.46
N VAL C 132 19.36 21.10 -18.51
CA VAL C 132 19.44 20.75 -17.10
C VAL C 132 18.14 20.13 -16.61
N ALA C 133 17.00 20.62 -17.13
CA ALA C 133 15.71 20.16 -16.64
C ALA C 133 15.41 18.72 -17.04
N ALA C 134 16.08 18.23 -18.09
CA ALA C 134 15.92 16.85 -18.52
C ALA C 134 17.07 15.95 -18.12
N LEU C 135 17.96 16.42 -17.24
CA LEU C 135 19.11 15.62 -16.85
C LEU C 135 18.73 14.58 -15.82
N SER C 136 19.43 13.45 -15.86
CA SER C 136 19.25 12.41 -14.86
C SER C 136 19.94 12.81 -13.56
N THR C 137 19.72 12.01 -12.51
CA THR C 137 20.28 12.34 -11.20
C THR C 137 21.78 12.13 -11.18
N SER C 138 22.28 11.21 -11.99
CA SER C 138 23.72 11.01 -12.09
C SER C 138 24.37 12.13 -12.88
N ASP C 139 23.66 12.69 -13.84
CA ASP C 139 24.21 13.79 -14.63
C ASP C 139 24.16 15.10 -13.87
N ILE C 140 23.13 15.30 -13.05
CA ILE C 140 23.04 16.49 -12.22
C ILE C 140 24.13 16.47 -11.16
N THR C 141 24.38 15.30 -10.58
CA THR C 141 25.42 15.17 -9.56
C THR C 141 26.81 15.34 -10.15
N ASN C 142 27.01 14.83 -11.37
CA ASN C 142 28.29 15.00 -12.05
C ASN C 142 28.51 16.46 -12.43
N LEU C 143 27.45 17.14 -12.87
CA LEU C 143 27.58 18.54 -13.26
C LEU C 143 27.79 19.44 -12.05
N THR C 144 27.18 19.09 -10.92
CA THR C 144 27.28 19.92 -9.73
C THR C 144 28.65 19.77 -9.08
N VAL C 145 29.21 18.55 -9.08
CA VAL C 145 30.53 18.32 -8.53
C VAL C 145 31.60 18.97 -9.41
N ALA C 146 31.37 18.99 -10.72
CA ALA C 146 32.31 19.57 -11.68
C ALA C 146 32.45 21.08 -11.48
N PHE C 147 31.33 21.76 -11.23
CA PHE C 147 31.37 23.20 -11.05
C PHE C 147 31.80 23.57 -9.63
N LYS C 148 31.88 22.58 -8.74
CA LYS C 148 32.47 22.81 -7.43
C LYS C 148 33.98 22.76 -7.50
N ARG C 149 34.53 21.80 -8.26
CA ARG C 149 35.98 21.68 -8.39
C ARG C 149 36.55 22.80 -9.23
N ALA C 150 35.76 23.32 -10.17
CA ALA C 150 36.21 24.45 -10.98
C ALA C 150 36.01 25.76 -10.25
N ASN C 151 35.29 25.73 -9.13
CA ASN C 151 34.95 26.88 -8.28
C ASN C 151 34.21 27.97 -9.03
N TYR C 152 33.40 27.61 -10.02
CA TYR C 152 32.66 28.58 -10.81
C TYR C 152 31.19 28.56 -10.40
N TYR C 153 30.66 29.72 -10.06
CA TYR C 153 29.26 29.87 -9.65
C TYR C 153 28.51 30.63 -10.73
N ASP C 154 27.54 29.95 -11.36
CA ASP C 154 26.60 30.57 -12.28
C ASP C 154 25.24 30.41 -11.65
N LYS C 155 24.65 31.54 -11.22
CA LYS C 155 23.44 31.48 -10.41
C LYS C 155 22.24 31.03 -11.23
N ASP C 156 22.22 31.34 -12.52
CA ASP C 156 21.13 30.86 -13.36
C ASP C 156 21.28 29.38 -13.67
N LEU C 157 22.50 28.87 -13.64
CA LEU C 157 22.71 27.44 -13.81
C LEU C 157 22.29 26.67 -12.57
N PHE C 158 22.67 27.18 -11.39
CA PHE C 158 22.35 26.47 -10.16
C PHE C 158 20.90 26.69 -9.74
N THR C 159 20.22 27.65 -10.37
CA THR C 159 18.77 27.76 -10.19
C THR C 159 18.07 26.63 -10.92
N GLY C 160 18.50 26.32 -12.13
CA GLY C 160 17.92 25.19 -12.84
C GLY C 160 18.37 23.86 -12.28
N ILE C 161 19.55 23.82 -11.67
CA ILE C 161 20.02 22.61 -10.99
C ILE C 161 19.17 22.36 -9.75
N GLU C 162 18.86 23.41 -8.99
CA GLU C 162 18.02 23.24 -7.81
C GLU C 162 16.56 23.06 -8.20
N ALA C 163 16.19 23.40 -9.43
CA ALA C 163 14.85 23.12 -9.91
C ALA C 163 14.74 21.70 -10.43
N ASN C 164 15.88 21.08 -10.76
CA ASN C 164 15.88 19.69 -11.17
C ASN C 164 15.85 18.77 -9.96
N VAL C 165 16.54 19.16 -8.89
CA VAL C 165 16.52 18.39 -7.65
C VAL C 165 15.16 18.51 -6.98
N SER C 166 14.52 19.67 -7.06
CA SER C 166 13.22 19.85 -6.43
C SER C 166 12.13 19.13 -7.20
N ALA C 167 12.31 18.95 -8.50
CA ALA C 167 11.29 18.27 -9.29
C ALA C 167 11.44 16.76 -9.21
N ASN C 168 12.66 16.27 -8.97
CA ASN C 168 12.92 14.83 -8.99
C ASN C 168 13.55 14.35 -7.70
N PHE C 169 13.09 14.85 -6.54
CA PHE C 169 13.78 14.57 -5.28
C PHE C 169 13.63 13.12 -4.86
N THR C 170 12.59 12.43 -5.33
CA THR C 170 12.43 11.02 -5.01
C THR C 170 13.49 10.17 -5.70
N LYS C 171 13.97 10.64 -6.86
CA LYS C 171 14.90 9.83 -7.64
C LYS C 171 16.34 10.03 -7.19
N PHE C 172 16.60 11.07 -6.42
CA PHE C 172 17.96 11.35 -5.99
C PHE C 172 18.34 10.47 -4.81
N GLU C 173 19.63 10.19 -4.68
CA GLU C 173 20.15 9.37 -3.61
C GLU C 173 20.90 10.23 -2.60
N THR C 174 21.04 9.71 -1.39
CA THR C 174 21.73 10.43 -0.32
C THR C 174 23.20 10.62 -0.66
N GLU C 175 23.80 9.64 -1.34
CA GLU C 175 25.18 9.76 -1.77
C GLU C 175 25.33 10.84 -2.84
N GLN C 176 24.28 11.05 -3.64
CA GLN C 176 24.30 12.10 -4.63
C GLN C 176 23.97 13.46 -4.02
N LEU C 177 23.03 13.49 -3.08
CA LEU C 177 22.55 14.76 -2.54
C LEU C 177 23.58 15.39 -1.61
N LEU C 178 24.42 14.58 -0.99
CA LEU C 178 25.45 15.11 -0.12
C LEU C 178 26.55 15.80 -0.92
N GLN C 179 26.73 15.40 -2.17
CA GLN C 179 27.66 16.09 -3.05
C GLN C 179 27.04 17.33 -3.67
N ILE C 180 25.71 17.34 -3.80
CA ILE C 180 25.03 18.51 -4.35
C ILE C 180 24.92 19.60 -3.29
N VAL C 181 24.65 19.21 -2.05
CA VAL C 181 24.55 20.17 -0.94
C VAL C 181 25.90 20.80 -0.64
N ALA C 182 26.98 20.02 -0.73
CA ALA C 182 28.32 20.55 -0.46
C ALA C 182 28.76 21.55 -1.51
N THR C 183 28.24 21.41 -2.74
CA THR C 183 28.44 22.44 -3.75
C THR C 183 27.57 23.66 -3.46
N PHE C 184 26.35 23.44 -2.98
CA PHE C 184 25.46 24.54 -2.65
C PHE C 184 25.89 25.20 -1.33
N ASP C 185 26.80 24.57 -0.59
CA ASP C 185 27.31 25.17 0.63
C ASP C 185 28.64 25.87 0.39
N ALA C 186 29.33 25.52 -0.69
CA ALA C 186 30.62 26.13 -1.01
C ALA C 186 30.44 27.59 -1.37
N PHE C 187 29.55 27.88 -2.31
CA PHE C 187 29.04 29.22 -2.51
C PHE C 187 27.61 29.26 -2.01
N ASN C 188 27.27 30.28 -1.24
CA ASN C 188 26.04 30.30 -0.47
C ASN C 188 24.83 30.44 -1.38
N HIS C 189 24.19 29.30 -1.66
CA HIS C 189 23.06 29.26 -2.59
C HIS C 189 22.05 28.28 -2.01
N SER C 190 20.93 28.81 -1.55
CA SER C 190 19.89 28.01 -0.92
C SER C 190 18.52 28.55 -1.27
N SER C 191 17.55 27.64 -1.36
CA SER C 191 16.15 27.98 -1.48
C SER C 191 15.39 27.25 -0.38
N VAL C 192 14.24 27.78 0.00
CA VAL C 192 13.44 27.11 1.02
C VAL C 192 12.77 25.87 0.45
N ALA C 193 12.48 25.87 -0.85
CA ALA C 193 11.94 24.68 -1.49
C ALA C 193 13.03 23.63 -1.71
N PHE C 194 14.25 24.08 -1.96
CA PHE C 194 15.36 23.15 -2.14
C PHE C 194 15.73 22.48 -0.83
N LEU C 195 15.67 23.23 0.26
CA LEU C 195 16.02 22.67 1.57
C LEU C 195 14.97 21.69 2.04
N ASP C 196 13.71 21.92 1.65
CA ASP C 196 12.64 21.00 2.03
C ASP C 196 12.67 19.73 1.19
N ASP C 197 12.99 19.86 -0.11
CA ASP C 197 12.96 18.68 -0.97
C ASP C 197 14.21 17.83 -0.80
N VAL C 198 15.31 18.43 -0.36
CA VAL C 198 16.51 17.64 -0.07
C VAL C 198 16.33 16.90 1.24
N ALA C 199 15.73 17.55 2.24
CA ALA C 199 15.48 16.90 3.52
C ALA C 199 14.42 15.81 3.40
N ASP C 200 13.44 16.00 2.51
CA ASP C 200 12.43 14.96 2.30
C ASP C 200 13.03 13.78 1.54
N SER C 201 14.06 14.04 0.75
CA SER C 201 14.67 12.98 -0.05
C SER C 201 15.56 12.10 0.80
N ILE C 202 16.30 12.69 1.75
CA ILE C 202 17.19 11.92 2.60
C ILE C 202 16.39 11.18 3.67
N THR C 203 15.34 11.81 4.19
CA THR C 203 14.61 11.20 5.29
C THR C 203 13.62 10.14 4.80
N TYR C 204 12.91 10.41 3.71
CA TYR C 204 11.80 9.57 3.31
C TYR C 204 11.99 8.86 1.97
N CYS C 205 12.75 9.42 1.04
CA CYS C 205 12.88 8.80 -0.27
C CYS C 205 14.08 7.88 -0.37
N ASN C 206 14.95 7.88 0.63
CA ASN C 206 16.16 7.09 0.60
C ASN C 206 16.20 6.18 1.81
N HIS C 207 17.12 5.23 1.77
CA HIS C 207 17.27 4.28 2.86
C HIS C 207 17.77 4.99 4.11
N TYR C 208 17.27 4.55 5.27
CA TYR C 208 17.57 5.25 6.51
C TYR C 208 18.99 4.99 6.99
N LEU C 209 19.64 3.96 6.46
CA LEU C 209 21.03 3.66 6.76
C LEU C 209 21.99 4.20 5.72
N ALA C 210 21.51 4.98 4.76
CA ALA C 210 22.38 5.67 3.83
C ALA C 210 23.31 6.72 4.47
N PRO C 211 22.98 7.42 5.56
CA PRO C 211 24.02 8.23 6.22
C PRO C 211 25.14 7.42 6.87
N VAL C 212 24.91 6.14 7.15
CA VAL C 212 25.97 5.30 7.73
C VAL C 212 27.07 5.06 6.70
N ARG C 213 26.69 4.93 5.44
CA ARG C 213 27.66 4.77 4.35
C ARG C 213 28.22 6.08 3.84
N ALA C 214 27.88 7.20 4.46
CA ALA C 214 28.14 8.50 3.84
C ALA C 214 29.54 9.01 4.12
N GLY C 215 30.00 8.86 5.34
CA GLY C 215 31.19 9.61 5.70
C GLY C 215 30.82 10.87 6.46
N ALA C 216 31.48 11.06 7.61
CA ALA C 216 31.04 12.08 8.55
C ALA C 216 31.39 13.48 8.06
N ASP C 217 32.35 13.60 7.16
CA ASP C 217 32.70 14.92 6.63
C ASP C 217 31.64 15.44 5.69
N GLU C 218 30.91 14.53 5.03
CA GLU C 218 29.84 14.95 4.12
C GLU C 218 28.56 15.25 4.89
N LEU C 219 28.32 14.54 5.99
CA LEU C 219 27.12 14.78 6.77
C LEU C 219 27.23 16.06 7.57
N ALA C 220 28.44 16.42 8.01
CA ALA C 220 28.64 17.66 8.75
C ALA C 220 28.48 18.87 7.85
N THR C 221 28.78 18.69 6.55
CA THR C 221 28.57 19.78 5.59
C THR C 221 27.09 20.02 5.36
N LEU C 222 26.30 18.95 5.32
CA LEU C 222 24.85 19.08 5.18
C LEU C 222 24.22 19.65 6.46
N LEU C 223 24.80 19.34 7.61
CA LEU C 223 24.30 19.91 8.86
C LEU C 223 24.61 21.39 8.95
N THR C 224 25.79 21.80 8.48
CA THR C 224 26.16 23.20 8.48
C THR C 224 25.34 23.99 7.47
N TYR C 225 24.99 23.36 6.35
CA TYR C 225 24.19 24.01 5.31
C TYR C 225 22.77 24.27 5.79
N TYR C 226 22.27 23.42 6.69
CA TYR C 226 20.93 23.63 7.22
C TYR C 226 20.96 24.56 8.43
N ALA C 227 22.09 24.62 9.13
CA ALA C 227 22.21 25.51 10.28
C ALA C 227 22.41 26.95 9.83
N LYS C 228 23.15 27.16 8.74
CA LYS C 228 23.41 28.51 8.26
C LYS C 228 22.16 29.12 7.63
N ASN C 229 21.31 28.29 7.03
CA ASN C 229 20.07 28.81 6.47
C ASN C 229 18.95 28.82 7.50
N GLY C 230 19.22 28.35 8.71
CA GLY C 230 18.23 28.32 9.76
C GLY C 230 17.11 27.33 9.57
N HIS C 231 17.26 26.39 8.65
CA HIS C 231 16.19 25.47 8.31
C HIS C 231 16.15 24.31 9.29
N GLU C 232 15.14 24.30 10.15
CA GLU C 232 15.01 23.30 11.21
C GLU C 232 14.13 22.17 10.70
N ARG C 233 14.74 21.02 10.44
CA ARG C 233 14.07 19.81 9.98
C ARG C 233 14.49 18.70 10.92
N ALA C 234 13.69 18.47 11.96
CA ALA C 234 14.07 17.50 12.99
C ALA C 234 13.99 16.06 12.51
N ASP C 235 13.19 15.79 11.47
CA ASP C 235 13.20 14.45 10.88
C ASP C 235 14.48 14.21 10.09
N LEU C 236 14.98 15.25 9.42
CA LEU C 236 16.27 15.14 8.74
C LEU C 236 17.40 15.02 9.74
N LEU C 237 17.35 15.78 10.83
CA LEU C 237 18.41 15.77 11.83
C LEU C 237 18.54 14.42 12.52
N ALA C 238 17.43 13.69 12.63
CA ALA C 238 17.50 12.33 13.19
C ALA C 238 18.14 11.36 12.21
N THR C 239 17.97 11.61 10.91
CA THR C 239 18.54 10.73 9.90
C THR C 239 20.04 10.97 9.74
N VAL C 240 20.45 12.23 9.69
CA VAL C 240 21.85 12.58 9.49
C VAL C 240 22.68 12.23 10.71
N ALA C 241 22.09 12.30 11.90
CA ALA C 241 22.84 11.98 13.11
C ALA C 241 23.12 10.49 13.25
N ARG C 242 22.40 9.65 12.50
CA ARG C 242 22.71 8.23 12.47
C ARG C 242 24.08 7.96 11.86
N GLY C 243 24.54 8.83 10.96
CA GLY C 243 25.81 8.59 10.30
C GLY C 243 27.02 8.83 11.18
N PHE C 244 26.88 9.62 12.23
CA PHE C 244 27.98 9.91 13.14
C PHE C 244 28.14 8.76 14.13
N SER C 245 29.33 8.18 14.17
CA SER C 245 29.60 7.06 15.06
C SER C 245 31.10 6.98 15.26
N GLU C 246 31.52 5.94 15.98
CA GLU C 246 32.95 5.67 16.13
C GLU C 246 33.52 5.07 14.85
N VAL C 247 32.65 4.49 14.02
CA VAL C 247 33.08 3.92 12.74
C VAL C 247 33.38 5.03 11.75
N SER C 248 32.44 5.96 11.56
CA SER C 248 32.57 6.95 10.51
C SER C 248 33.51 8.08 10.89
N LEU C 249 33.59 8.43 12.18
CA LEU C 249 34.57 9.43 12.60
C LEU C 249 35.97 8.84 12.72
N GLY C 250 36.08 7.53 12.95
CA GLY C 250 37.37 6.89 12.96
C GLY C 250 38.03 6.77 11.61
N LYS C 251 37.24 6.81 10.54
CA LYS C 251 37.76 6.74 9.18
C LYS C 251 38.33 8.06 8.69
N LEU C 252 38.24 9.12 9.48
CA LEU C 252 38.70 10.44 9.10
C LEU C 252 40.11 10.68 9.63
N SER C 253 40.81 11.61 8.97
CA SER C 253 42.08 12.11 9.47
C SER C 253 41.85 12.88 10.77
N ALA C 254 42.91 12.95 11.59
CA ALA C 254 42.79 13.61 12.90
C ALA C 254 42.57 15.10 12.77
N ALA C 255 43.10 15.72 11.72
CA ALA C 255 42.77 17.11 11.44
C ALA C 255 41.37 17.22 10.85
N GLN C 256 40.99 16.25 10.01
CA GLN C 256 39.67 16.27 9.39
C GLN C 256 38.58 15.87 10.36
N ARG C 257 38.91 15.08 11.38
CA ARG C 257 37.93 14.76 12.41
C ARG C 257 37.63 15.97 13.29
N LYS C 258 38.62 16.85 13.47
CA LYS C 258 38.43 18.05 14.27
C LYS C 258 37.46 19.02 13.60
N ASP C 259 37.62 19.25 12.30
CA ASP C 259 36.73 20.14 11.59
C ASP C 259 35.34 19.53 11.44
N THR C 260 35.25 18.19 11.42
CA THR C 260 33.96 17.53 11.33
C THR C 260 33.23 17.59 12.68
N VAL C 261 33.94 17.35 13.77
CA VAL C 261 33.33 17.38 15.10
C VAL C 261 32.89 18.79 15.45
N LEU C 262 33.76 19.78 15.21
CA LEU C 262 33.45 21.15 15.58
C LEU C 262 32.36 21.78 14.72
N SER C 263 32.13 21.27 13.51
CA SER C 263 31.05 21.79 12.70
C SER C 263 29.74 21.04 12.91
N ALA C 264 29.81 19.79 13.35
CA ALA C 264 28.58 19.07 13.68
C ALA C 264 28.04 19.46 15.04
N LEU C 265 28.92 19.80 15.98
CA LEU C 265 28.47 20.21 17.31
C LEU C 265 27.89 21.61 17.31
N LYS C 266 28.30 22.47 16.37
CA LYS C 266 27.67 23.79 16.26
C LYS C 266 26.30 23.68 15.61
N ALA C 267 26.14 22.75 14.67
CA ALA C 267 24.85 22.59 14.01
C ALA C 267 23.84 21.90 14.92
N PHE C 268 24.31 21.03 15.81
CA PHE C 268 23.41 20.38 16.75
C PHE C 268 23.00 21.34 17.86
N GLN C 269 23.86 22.28 18.19
CA GLN C 269 23.53 23.27 19.22
C GLN C 269 22.67 24.39 18.65
N THR C 270 22.71 24.58 17.33
CA THR C 270 21.90 25.62 16.70
C THR C 270 20.43 25.25 16.75
N PHE C 271 20.10 23.99 16.47
CA PHE C 271 18.71 23.57 16.45
C PHE C 271 18.23 23.13 17.83
N GLY C 272 19.15 22.98 18.78
CA GLY C 272 18.79 22.41 20.05
C GLY C 272 18.51 20.94 20.02
N PHE C 273 18.99 20.23 18.99
CA PHE C 273 18.75 18.81 18.82
C PHE C 273 19.96 18.04 19.32
N TYR C 274 19.76 17.20 20.33
CA TYR C 274 20.83 16.42 20.93
C TYR C 274 20.41 14.96 20.90
N PRO C 275 20.69 14.26 19.81
CA PRO C 275 20.32 12.85 19.71
C PRO C 275 21.26 11.98 20.53
N GLU C 276 20.97 10.68 20.54
CA GLU C 276 21.81 9.75 21.29
C GLU C 276 23.16 9.56 20.62
N SER C 277 23.22 9.81 19.31
CA SER C 277 24.48 9.64 18.58
C SER C 277 25.36 10.88 18.64
N ILE C 278 25.05 11.85 19.50
CA ILE C 278 25.97 12.96 19.73
C ILE C 278 27.05 12.56 20.73
N GLU C 279 26.89 11.41 21.38
CA GLU C 279 27.92 10.89 22.28
C GLU C 279 29.17 10.52 21.50
N ALA C 280 29.01 10.12 20.24
CA ALA C 280 30.16 9.79 19.42
C ALA C 280 30.86 11.05 18.90
N VAL C 281 30.11 12.13 18.70
CA VAL C 281 30.71 13.36 18.21
C VAL C 281 31.44 14.08 19.33
N ILE C 282 30.83 14.13 20.51
CA ILE C 282 31.52 14.69 21.69
C ILE C 282 32.64 13.77 22.13
N GLY C 283 32.42 12.45 22.07
CA GLY C 283 33.43 11.50 22.49
C GLY C 283 34.61 11.41 21.55
N ALA C 284 34.44 11.87 20.30
CA ALA C 284 35.58 11.96 19.39
C ALA C 284 36.47 13.13 19.73
N ALA C 285 35.93 14.12 20.44
CA ALA C 285 36.72 15.27 20.85
C ALA C 285 37.36 15.04 22.21
N LEU C 286 36.70 14.27 23.07
CA LEU C 286 37.18 14.13 24.44
C LEU C 286 38.14 12.96 24.59
N VAL C 287 38.20 12.07 23.59
CA VAL C 287 39.19 11.01 23.62
C VAL C 287 40.54 11.50 23.12
N SER C 288 40.57 12.63 22.41
CA SER C 288 41.80 13.23 21.95
C SER C 288 41.72 14.75 22.03
N PRO C 289 41.77 15.33 23.23
CA PRO C 289 41.59 16.79 23.35
C PRO C 289 42.84 17.61 23.09
N ALA C 290 43.98 16.97 22.83
CA ALA C 290 45.22 17.72 22.60
C ALA C 290 45.21 18.38 21.23
N GLU C 291 44.38 17.87 20.30
CA GLU C 291 44.23 18.51 19.00
C GLU C 291 43.43 19.80 19.11
N TYR C 292 42.58 19.90 20.14
CA TYR C 292 41.67 21.02 20.25
C TYR C 292 42.25 22.11 21.15
N SER C 293 41.84 23.35 20.90
CA SER C 293 42.32 24.48 21.68
C SER C 293 41.53 24.60 22.99
N ALA C 294 41.81 25.68 23.72
CA ALA C 294 41.12 25.90 24.99
C ALA C 294 39.71 26.42 24.76
N GLU C 295 39.54 27.30 23.77
CA GLU C 295 38.21 27.83 23.48
C GLU C 295 37.35 26.80 22.75
N GLU C 296 37.99 25.87 22.03
CA GLU C 296 37.24 24.82 21.35
C GLU C 296 36.74 23.78 22.33
N LEU C 297 37.53 23.47 23.36
CA LEU C 297 37.07 22.54 24.38
C LEU C 297 36.00 23.18 25.27
N LYS C 298 35.94 24.51 25.29
CA LYS C 298 34.86 25.19 25.98
C LYS C 298 33.53 25.02 25.25
N GLU C 299 33.55 25.11 23.92
CA GLU C 299 32.31 24.98 23.16
C GLU C 299 31.97 23.53 22.89
N VAL C 300 32.94 22.62 23.06
CA VAL C 300 32.61 21.20 23.07
C VAL C 300 31.87 20.83 24.35
N GLU C 301 32.37 21.29 25.50
CA GLU C 301 31.72 20.94 26.76
C GLU C 301 30.51 21.84 27.01
N ALA C 302 30.33 22.88 26.20
CA ALA C 302 29.04 23.57 26.19
C ALA C 302 27.97 22.70 25.57
N VAL C 303 28.32 21.96 24.51
CA VAL C 303 27.37 21.04 23.89
C VAL C 303 27.21 19.79 24.73
N LYS C 304 28.28 19.42 25.46
CA LYS C 304 28.24 18.20 26.27
C LYS C 304 27.30 18.34 27.46
N VAL C 305 27.27 19.52 28.09
CA VAL C 305 26.33 19.72 29.18
C VAL C 305 24.92 19.95 28.63
N ALA C 306 24.82 20.47 27.41
CA ALA C 306 23.51 20.68 26.81
C ALA C 306 22.90 19.37 26.35
N ALA C 307 23.75 18.42 25.95
CA ALA C 307 23.27 17.09 25.60
C ALA C 307 23.04 16.25 26.85
N GLU C 308 23.69 16.61 27.95
CA GLU C 308 23.47 15.88 29.20
C GLU C 308 22.12 16.25 29.82
N ASN C 309 21.66 17.48 29.59
CA ASN C 309 20.33 17.86 30.05
C ASN C 309 19.25 17.29 29.14
N ALA C 310 19.53 17.24 27.83
CA ALA C 310 18.52 16.78 26.88
C ALA C 310 18.35 15.27 26.94
N LEU C 311 19.46 14.53 27.03
CA LEU C 311 19.39 13.09 27.12
C LEU C 311 19.25 12.59 28.54
N GLY C 312 19.39 13.47 29.53
CA GLY C 312 19.14 13.14 30.92
C GLY C 312 20.11 12.17 31.54
N GLY C 313 21.39 12.53 31.57
CA GLY C 313 22.37 11.67 32.19
C GLY C 313 23.70 12.35 32.34
N GLU C 314 24.73 11.55 32.59
CA GLU C 314 26.10 12.03 32.73
C GLU C 314 26.97 11.44 31.63
N PHE C 315 27.90 12.25 31.13
CA PHE C 315 28.79 11.80 30.07
C PHE C 315 29.96 11.00 30.67
N VAL C 316 30.16 9.80 30.14
CA VAL C 316 31.24 8.93 30.58
C VAL C 316 31.88 8.28 29.36
N LEU C 317 33.21 8.24 29.36
CA LEU C 317 33.97 7.63 28.29
C LEU C 317 34.15 6.14 28.58
N ILE C 318 33.83 5.32 27.59
CA ILE C 318 33.99 3.87 27.74
C ILE C 318 35.42 3.49 27.41
N GLN C 319 36.03 2.68 28.27
CA GLN C 319 37.31 2.04 27.99
C GLN C 319 37.06 0.54 27.83
N GLU C 320 37.70 -0.05 26.82
CA GLU C 320 37.42 -1.44 26.49
C GLU C 320 38.07 -2.38 27.50
N GLY C 321 37.28 -3.31 28.02
CA GLY C 321 37.74 -4.24 29.02
C GLY C 321 36.66 -4.54 30.05
N MET D 1 41.13 -46.08 -15.88
CA MET D 1 40.06 -45.11 -16.05
C MET D 1 40.62 -43.70 -16.10
N LYS D 2 39.74 -42.73 -16.31
CA LYS D 2 40.13 -41.32 -16.32
C LYS D 2 40.37 -40.85 -14.90
N LEU D 3 41.64 -40.64 -14.56
CA LEU D 3 42.02 -40.09 -13.26
C LEU D 3 42.58 -38.68 -13.37
N LEU D 4 43.59 -38.49 -14.19
CA LEU D 4 44.12 -37.15 -14.40
C LEU D 4 43.66 -36.62 -15.77
N PRO D 5 43.28 -35.36 -15.85
CA PRO D 5 42.83 -34.80 -17.12
C PRO D 5 44.00 -34.48 -18.03
N GLU D 6 43.67 -33.98 -19.23
CA GLU D 6 44.70 -33.54 -20.16
C GLU D 6 45.35 -32.26 -19.68
N SER D 7 44.61 -31.42 -18.97
CA SER D 7 45.17 -30.25 -18.32
C SER D 7 44.47 -30.05 -16.99
N LEU D 8 45.23 -29.90 -15.91
CA LEU D 8 44.63 -29.63 -14.61
C LEU D 8 44.23 -28.17 -14.50
N GLN D 9 44.95 -27.28 -15.17
CA GLN D 9 44.63 -25.86 -15.12
C GLN D 9 43.35 -25.56 -15.89
N GLN D 10 43.10 -26.31 -16.96
CA GLN D 10 41.89 -26.10 -17.75
C GLN D 10 40.65 -26.55 -16.99
N GLU D 11 40.76 -27.63 -16.22
CA GLU D 11 39.63 -28.11 -15.45
C GLU D 11 39.39 -27.23 -14.22
N ALA D 12 40.44 -26.63 -13.68
CA ALA D 12 40.27 -25.72 -12.55
C ALA D 12 39.73 -24.38 -13.01
N ALA D 13 40.15 -23.91 -14.18
CA ALA D 13 39.64 -22.65 -14.70
C ALA D 13 38.22 -22.81 -15.21
N THR D 14 37.83 -24.01 -15.61
CA THR D 14 36.43 -24.27 -15.93
C THR D 14 35.57 -24.22 -14.67
N ALA D 15 36.07 -24.79 -13.57
CA ALA D 15 35.36 -24.70 -12.30
C ALA D 15 35.35 -23.27 -11.78
N ALA D 16 36.39 -22.50 -12.09
CA ALA D 16 36.42 -21.11 -11.66
C ALA D 16 35.46 -20.26 -12.49
N VAL D 17 35.32 -20.58 -13.78
CA VAL D 17 34.42 -19.82 -14.64
C VAL D 17 32.96 -20.12 -14.31
N VAL D 18 32.65 -21.39 -14.05
CA VAL D 18 31.28 -21.79 -13.74
C VAL D 18 30.86 -21.25 -12.38
N ALA D 19 31.75 -21.30 -11.39
CA ALA D 19 31.40 -20.80 -10.07
C ALA D 19 31.36 -19.29 -10.00
N SER D 20 32.16 -18.59 -10.81
CA SER D 20 32.08 -17.14 -10.84
C SER D 20 30.88 -16.65 -11.62
N TRP D 21 30.41 -17.45 -12.58
CA TRP D 21 29.16 -17.09 -13.25
C TRP D 21 27.97 -17.28 -12.34
N VAL D 22 27.98 -18.34 -11.53
CA VAL D 22 26.91 -18.58 -10.56
C VAL D 22 26.96 -17.52 -9.47
N LEU D 23 28.16 -17.09 -9.09
CA LEU D 23 28.31 -16.00 -8.13
C LEU D 23 27.81 -14.69 -8.71
N TRP D 24 28.13 -14.43 -9.99
CA TRP D 24 27.59 -13.24 -10.63
C TRP D 24 26.07 -13.32 -10.78
N HIS D 25 25.55 -14.48 -11.22
CA HIS D 25 24.12 -14.57 -11.51
C HIS D 25 23.29 -14.53 -10.25
N LEU D 26 23.85 -15.00 -9.14
CA LEU D 26 23.16 -14.87 -7.86
C LEU D 26 23.12 -13.42 -7.39
N ASP D 27 24.27 -12.75 -7.35
CA ASP D 27 24.34 -11.40 -6.79
C ASP D 27 23.65 -10.38 -7.67
N THR D 28 23.52 -10.66 -8.95
CA THR D 28 23.02 -9.65 -9.89
C THR D 28 21.61 -9.95 -10.37
N GLN D 29 21.27 -11.20 -10.59
CA GLN D 29 19.98 -11.54 -11.15
C GLN D 29 19.02 -12.22 -10.19
N LEU D 30 19.52 -13.04 -9.26
CA LEU D 30 18.64 -13.79 -8.38
C LEU D 30 18.38 -13.07 -7.07
N LEU D 31 19.43 -12.65 -6.38
CA LEU D 31 19.26 -11.99 -5.09
C LEU D 31 18.60 -10.61 -5.16
N PRO D 32 18.80 -9.77 -6.19
CA PRO D 32 17.93 -8.58 -6.30
C PRO D 32 16.46 -8.91 -6.51
N THR D 33 16.17 -10.02 -7.18
CA THR D 33 14.78 -10.45 -7.35
C THR D 33 14.24 -11.05 -6.05
N ILE D 34 15.06 -11.87 -5.39
CA ILE D 34 14.68 -12.49 -4.12
C ILE D 34 14.42 -11.43 -3.05
N MET D 35 15.30 -10.44 -2.95
CA MET D 35 15.18 -9.46 -1.88
C MET D 35 14.07 -8.45 -2.14
N ARG D 36 13.72 -8.21 -3.40
CA ARG D 36 12.55 -7.37 -3.70
C ARG D 36 11.28 -8.05 -3.24
N GLU D 37 11.24 -9.38 -3.36
CA GLU D 37 10.06 -10.15 -3.00
C GLU D 37 10.07 -10.49 -1.51
N HIS D 38 11.25 -10.74 -0.96
CA HIS D 38 11.32 -11.04 0.47
C HIS D 38 11.09 -9.81 1.32
N LYS D 39 11.75 -8.69 0.99
CA LYS D 39 11.72 -7.55 1.89
C LYS D 39 10.48 -6.70 1.70
N LEU D 40 9.71 -6.91 0.63
CA LEU D 40 8.40 -6.29 0.58
C LEU D 40 7.49 -6.94 1.63
N HIS D 41 7.56 -8.26 1.73
CA HIS D 41 6.84 -8.97 2.76
C HIS D 41 7.41 -8.69 4.14
N ALA D 42 8.73 -8.58 4.23
CA ALA D 42 9.38 -8.47 5.54
C ALA D 42 9.24 -7.07 6.12
N CYS D 43 9.31 -6.04 5.28
CA CYS D 43 9.12 -4.68 5.77
C CYS D 43 7.68 -4.41 6.14
N TRP D 44 6.74 -5.03 5.42
CA TRP D 44 5.33 -4.85 5.77
C TRP D 44 5.01 -5.56 7.08
N ALA D 45 5.58 -6.74 7.31
CA ALA D 45 5.30 -7.48 8.53
C ALA D 45 5.99 -6.84 9.73
N ALA D 46 7.10 -6.13 9.51
CA ALA D 46 7.81 -5.52 10.62
C ALA D 46 7.29 -4.13 10.94
N ALA D 47 6.58 -3.50 10.02
CA ALA D 47 6.07 -2.16 10.24
C ALA D 47 4.61 -2.11 10.65
N ALA D 48 3.84 -3.19 10.41
CA ALA D 48 2.38 -3.11 10.39
C ALA D 48 1.78 -2.74 11.74
N LYS D 49 2.51 -3.01 12.82
CA LYS D 49 2.05 -2.54 14.12
C LYS D 49 2.31 -1.04 14.27
N ARG D 50 3.46 -0.58 13.78
CA ARG D 50 3.80 0.83 13.92
C ARG D 50 3.25 1.65 12.76
N TYR D 51 3.07 1.01 11.60
CA TYR D 51 2.48 1.70 10.45
C TYR D 51 1.00 1.99 10.69
N ASN D 52 0.28 1.01 11.21
CA ASN D 52 -1.15 1.19 11.44
C ASN D 52 -1.40 2.10 12.62
N GLU D 53 -0.46 2.15 13.57
CA GLU D 53 -0.59 3.07 14.69
C GLU D 53 -0.33 4.50 14.26
N LYS D 54 0.69 4.70 13.40
CA LYS D 54 0.99 6.03 12.89
C LYS D 54 -0.10 6.54 11.97
N LEU D 55 -0.72 5.65 11.21
CA LEU D 55 -1.80 6.04 10.32
C LEU D 55 -3.09 6.29 11.07
N PHE D 56 -3.26 5.60 12.20
CA PHE D 56 -4.43 5.81 13.06
C PHE D 56 -4.39 7.19 13.70
N LYS D 57 -3.19 7.66 14.08
CA LYS D 57 -3.08 8.95 14.74
C LYS D 57 -3.22 10.10 13.76
N LEU D 58 -3.00 9.84 12.47
CA LEU D 58 -2.95 10.92 11.49
C LEU D 58 -4.32 11.32 10.98
N ASN D 59 -5.16 10.34 10.64
CA ASN D 59 -6.39 10.68 9.93
C ASN D 59 -7.44 11.19 10.93
N PRO D 60 -8.15 12.27 10.60
CA PRO D 60 -9.15 12.83 11.52
C PRO D 60 -10.53 12.22 11.36
N SER D 61 -10.58 11.04 10.76
CA SER D 61 -11.85 10.47 10.30
C SER D 61 -12.72 10.00 11.45
N TYR D 62 -12.14 9.74 12.62
CA TYR D 62 -12.91 9.08 13.67
C TYR D 62 -13.64 10.09 14.54
N ASP D 63 -13.02 11.22 14.83
CA ASP D 63 -13.62 12.23 15.72
C ASP D 63 -14.19 13.40 14.95
N ARG D 64 -14.84 13.12 13.81
CA ARG D 64 -15.48 14.20 13.04
C ARG D 64 -16.71 14.74 13.74
N VAL D 65 -17.30 13.96 14.64
CA VAL D 65 -18.50 14.36 15.35
C VAL D 65 -18.20 15.47 16.36
N LEU D 66 -16.93 15.62 16.76
CA LEU D 66 -16.56 16.71 17.65
C LEU D 66 -16.37 18.02 16.92
N SER D 67 -16.38 18.00 15.59
CA SER D 67 -16.28 19.25 14.83
C SER D 67 -17.65 19.82 14.52
N LEU D 68 -18.69 19.00 14.62
CA LEU D 68 -20.05 19.46 14.46
C LEU D 68 -20.47 20.30 15.65
N PRO D 69 -21.51 21.14 15.49
CA PRO D 69 -22.08 21.83 16.66
C PRO D 69 -22.64 20.86 17.70
N ALA D 70 -22.26 21.07 18.97
CA ALA D 70 -22.64 20.12 20.01
C ALA D 70 -24.10 20.31 20.41
N VAL D 71 -24.62 21.53 20.23
CA VAL D 71 -26.04 21.76 20.45
C VAL D 71 -26.82 21.14 19.30
N SER D 72 -27.73 20.24 19.64
CA SER D 72 -28.46 19.50 18.62
C SER D 72 -29.55 20.36 18.00
N LYS D 73 -30.14 19.84 16.93
CA LYS D 73 -31.28 20.51 16.32
C LYS D 73 -32.50 20.45 17.22
N ASN D 74 -32.58 19.41 18.07
CA ASN D 74 -33.63 19.33 19.07
C ASN D 74 -33.47 20.40 20.13
N GLN D 75 -32.23 20.71 20.52
CA GLN D 75 -32.01 21.71 21.55
C GLN D 75 -32.18 23.11 21.01
N VAL D 76 -32.05 23.29 19.70
CA VAL D 76 -32.29 24.59 19.09
C VAL D 76 -33.78 24.89 19.06
N LEU D 77 -34.59 23.89 18.68
CA LEU D 77 -36.03 24.11 18.53
C LEU D 77 -36.72 24.28 19.87
N GLU D 78 -36.17 23.68 20.94
CA GLU D 78 -36.77 23.86 22.25
C GLU D 78 -36.31 25.15 22.91
N ASN D 79 -35.28 25.78 22.34
CA ASN D 79 -34.84 27.07 22.86
C ASN D 79 -35.40 28.22 22.02
N VAL D 80 -35.49 28.02 20.71
CA VAL D 80 -36.08 29.04 19.85
C VAL D 80 -37.59 29.09 20.04
N PHE D 81 -38.25 27.94 19.96
CA PHE D 81 -39.68 27.83 20.24
C PHE D 81 -39.87 27.31 21.65
N HIS D 82 -39.60 28.16 22.64
CA HIS D 82 -39.66 27.73 24.02
C HIS D 82 -41.09 27.73 24.55
N THR D 83 -41.87 28.74 24.20
CA THR D 83 -43.23 28.88 24.66
C THR D 83 -44.15 28.85 23.44
N ALA D 84 -45.28 28.17 23.58
CA ALA D 84 -46.31 28.21 22.55
C ALA D 84 -46.88 29.62 22.48
N PRO D 85 -46.87 30.26 21.31
CA PRO D 85 -47.26 31.67 21.24
C PRO D 85 -48.76 31.87 21.39
N LYS D 86 -49.14 33.07 21.82
CA LYS D 86 -50.54 33.40 21.97
C LYS D 86 -51.18 33.63 20.61
N ALA D 87 -52.33 33.01 20.40
CA ALA D 87 -53.10 33.21 19.17
C ALA D 87 -53.72 34.58 19.16
N PRO D 88 -53.89 35.21 17.99
CA PRO D 88 -54.58 36.51 17.97
C PRO D 88 -56.07 36.40 18.26
N VAL D 89 -56.64 35.21 18.05
CA VAL D 89 -58.09 35.07 18.18
C VAL D 89 -58.48 34.64 19.60
N GLU D 90 -57.52 34.20 20.42
CA GLU D 90 -57.87 33.66 21.72
C GLU D 90 -58.24 34.77 22.69
N HIS D 91 -57.80 35.99 22.42
CA HIS D 91 -58.26 37.13 23.19
C HIS D 91 -59.69 37.48 22.83
N LEU D 92 -60.08 37.25 21.57
CA LEU D 92 -61.44 37.56 21.15
C LEU D 92 -62.44 36.57 21.73
N GLU D 93 -62.15 35.26 21.65
CA GLU D 93 -63.12 34.26 22.06
C GLU D 93 -63.28 34.21 23.57
N LYS D 94 -62.25 34.63 24.32
CA LYS D 94 -62.35 34.59 25.77
C LYS D 94 -63.00 35.86 26.31
N MET D 95 -62.87 36.97 25.61
CA MET D 95 -63.47 38.21 26.08
C MET D 95 -64.91 38.35 25.61
N VAL D 96 -65.27 37.70 24.50
CA VAL D 96 -66.66 37.68 24.06
C VAL D 96 -67.48 36.77 24.97
N SER D 97 -66.91 35.64 25.38
CA SER D 97 -67.59 34.74 26.30
C SER D 97 -67.72 35.36 27.69
N ALA D 98 -66.86 36.31 28.02
CA ALA D 98 -67.02 37.05 29.26
C ALA D 98 -68.03 38.18 29.09
N ASN D 99 -68.07 38.78 27.90
CA ASN D 99 -68.99 39.89 27.66
C ASN D 99 -70.40 39.41 27.34
N SER D 100 -70.55 38.14 26.96
CA SER D 100 -71.89 37.61 26.74
C SER D 100 -72.61 37.40 28.07
N LYS D 101 -71.86 37.17 29.15
CA LYS D 101 -72.46 37.12 30.47
C LYS D 101 -72.68 38.52 31.02
N VAL D 102 -71.90 39.50 30.53
CA VAL D 102 -72.19 40.89 30.84
C VAL D 102 -73.46 41.32 30.14
N TYR D 103 -73.70 40.79 28.94
CA TYR D 103 -74.96 41.04 28.23
C TYR D 103 -76.13 40.41 28.96
N ASP D 104 -75.96 39.18 29.45
CA ASP D 104 -77.05 38.47 30.09
C ASP D 104 -77.37 39.06 31.46
N ALA D 105 -76.41 39.68 32.10
CA ALA D 105 -76.71 40.33 33.37
C ALA D 105 -77.46 41.64 33.14
N LEU D 106 -77.06 42.40 32.11
CA LEU D 106 -77.30 43.83 32.04
C LEU D 106 -77.56 44.26 30.59
N ASN D 107 -78.81 44.20 30.14
CA ASN D 107 -79.13 44.90 28.90
C ASN D 107 -80.49 45.56 28.85
N LEU D 108 -81.45 45.10 29.66
CA LEU D 108 -82.91 45.33 29.64
C LEU D 108 -83.59 44.66 28.45
N GLN D 109 -82.87 43.94 27.59
CA GLN D 109 -83.49 43.24 26.47
C GLN D 109 -83.16 41.76 26.43
N SER D 110 -82.40 41.25 27.40
CA SER D 110 -82.12 39.83 27.43
C SER D 110 -83.33 39.06 27.95
N LYS D 111 -83.29 37.73 27.81
CA LYS D 111 -84.36 36.93 28.36
C LYS D 111 -84.22 36.79 29.87
N ARG D 112 -83.03 36.43 30.33
CA ARG D 112 -82.67 36.48 31.74
C ARG D 112 -81.98 37.83 31.96
N VAL D 113 -82.52 38.64 32.87
CA VAL D 113 -81.90 39.91 33.23
C VAL D 113 -81.89 39.99 34.76
N LEU D 114 -80.81 40.53 35.31
CA LEU D 114 -80.70 40.72 36.75
C LEU D 114 -81.33 42.02 37.23
N ILE D 115 -82.04 42.76 36.37
CA ILE D 115 -82.65 44.01 36.80
C ILE D 115 -83.94 43.75 37.57
N TRP D 116 -84.54 42.57 37.41
CA TRP D 116 -85.69 42.20 38.23
C TRP D 116 -85.30 41.37 39.44
N GLN D 117 -84.03 40.98 39.56
CA GLN D 117 -83.53 40.32 40.75
C GLN D 117 -83.09 41.31 41.81
N VAL D 118 -82.58 42.46 41.41
CA VAL D 118 -82.13 43.48 42.37
C VAL D 118 -83.29 44.34 42.83
N LYS D 119 -84.10 44.84 41.89
CA LYS D 119 -85.30 45.59 42.20
C LYS D 119 -86.50 44.68 41.94
N PRO D 120 -87.12 44.09 42.98
CA PRO D 120 -88.12 43.03 42.75
C PRO D 120 -89.41 43.45 42.07
N ALA D 121 -90.15 44.38 42.67
CA ALA D 121 -91.52 44.67 42.25
C ALA D 121 -92.03 45.91 42.97
N LEU D 122 -92.96 46.60 42.31
CA LEU D 122 -93.79 47.65 42.92
C LEU D 122 -95.23 47.33 42.56
N PHE D 123 -95.87 46.50 43.36
CA PHE D 123 -97.26 46.10 43.12
C PHE D 123 -98.03 46.00 44.43
N GLU E 28 0.41 7.96 -17.41
CA GLU E 28 -0.73 7.28 -16.81
C GLU E 28 -1.01 7.81 -15.41
N GLY E 29 -2.12 8.50 -15.26
CA GLY E 29 -2.51 8.98 -13.96
C GLY E 29 -3.00 7.86 -13.06
N ASN E 30 -3.07 8.14 -11.77
CA ASN E 30 -3.49 7.09 -10.85
C ASN E 30 -5.01 7.00 -10.79
N SER E 31 -5.50 5.82 -10.41
CA SER E 31 -6.88 5.46 -10.66
C SER E 31 -7.82 6.02 -9.59
N VAL E 32 -7.29 6.35 -8.42
CA VAL E 32 -8.14 6.89 -7.36
C VAL E 32 -8.53 8.33 -7.68
N ALA E 33 -7.60 9.09 -8.26
CA ALA E 33 -7.93 10.45 -8.68
C ALA E 33 -8.86 10.45 -9.88
N GLY E 34 -8.83 9.39 -10.68
CA GLY E 34 -9.81 9.24 -11.73
C GLY E 34 -11.18 8.87 -11.19
N ILE E 35 -11.22 8.12 -10.09
CA ILE E 35 -12.48 7.82 -9.42
C ILE E 35 -13.08 9.09 -8.83
N ILE E 36 -12.26 9.89 -8.16
CA ILE E 36 -12.71 11.13 -7.55
C ILE E 36 -13.17 12.12 -8.61
N LYS E 37 -12.49 12.16 -9.75
CA LYS E 37 -12.88 13.07 -10.83
C LYS E 37 -14.15 12.61 -11.52
N SER E 38 -14.34 11.29 -11.67
CA SER E 38 -15.52 10.81 -12.40
C SER E 38 -16.75 10.81 -11.52
N VAL E 39 -16.60 10.58 -10.22
CA VAL E 39 -17.74 10.62 -9.32
C VAL E 39 -18.20 12.06 -9.09
N ASN E 40 -17.25 12.99 -9.01
CA ASN E 40 -17.61 14.40 -8.78
C ASN E 40 -18.26 15.01 -10.02
N GLU E 41 -17.89 14.53 -11.20
CA GLU E 41 -18.39 15.17 -12.43
C GLU E 41 -19.76 14.62 -12.80
N THR E 42 -20.17 13.50 -12.22
CA THR E 42 -21.42 12.89 -12.63
C THR E 42 -22.60 13.60 -11.98
N SER E 43 -23.77 13.44 -12.59
CA SER E 43 -24.98 14.05 -12.06
C SER E 43 -25.48 13.29 -10.84
N GLY E 44 -26.35 13.94 -10.07
CA GLY E 44 -27.00 13.23 -8.98
C GLY E 44 -28.01 12.21 -9.47
N ALA E 45 -28.54 12.43 -10.68
CA ALA E 45 -29.52 11.51 -11.22
C ALA E 45 -28.86 10.21 -11.70
N ASN E 46 -27.78 10.32 -12.47
CA ASN E 46 -27.11 9.15 -13.02
C ASN E 46 -25.83 8.80 -12.26
N LEU E 47 -25.79 9.08 -10.96
CA LEU E 47 -24.63 8.65 -10.18
C LEU E 47 -24.63 7.15 -9.97
N LEU E 48 -25.76 6.59 -9.55
CA LEU E 48 -25.81 5.18 -9.14
C LEU E 48 -25.71 4.25 -10.34
N SER E 49 -26.18 4.68 -11.51
CA SER E 49 -26.09 3.83 -12.68
C SER E 49 -24.67 3.81 -13.24
N SER E 50 -23.96 4.93 -13.15
CA SER E 50 -22.64 5.04 -13.72
C SER E 50 -21.53 4.56 -12.78
N LEU E 51 -21.87 3.92 -11.67
CA LEU E 51 -20.83 3.50 -10.73
C LEU E 51 -20.08 2.26 -11.21
N LYS E 52 -20.74 1.42 -12.02
CA LYS E 52 -20.05 0.27 -12.58
C LYS E 52 -19.13 0.68 -13.72
N THR E 53 -19.41 1.82 -14.34
CA THR E 53 -18.52 2.34 -15.39
C THR E 53 -17.27 2.95 -14.79
N ILE E 54 -17.41 3.64 -13.65
CA ILE E 54 -16.25 4.21 -12.96
C ILE E 54 -15.44 3.10 -12.29
N LYS E 55 -16.11 2.01 -11.91
CA LYS E 55 -15.41 0.86 -11.34
C LYS E 55 -14.52 0.19 -12.38
N ALA E 56 -14.98 0.11 -13.62
CA ALA E 56 -14.21 -0.58 -14.66
C ALA E 56 -13.08 0.30 -15.19
N GLN E 57 -13.24 1.61 -15.12
CA GLN E 57 -12.20 2.51 -15.62
C GLN E 57 -11.02 2.55 -14.67
N ALA E 58 -11.25 2.24 -13.40
CA ALA E 58 -10.17 2.18 -12.42
C ALA E 58 -9.73 0.76 -12.11
N ALA E 59 -10.27 -0.22 -12.81
CA ALA E 59 -9.84 -1.60 -12.62
C ALA E 59 -8.41 -1.76 -13.14
N PRO E 60 -7.57 -2.53 -12.46
CA PRO E 60 -6.20 -2.73 -12.95
C PRO E 60 -6.20 -3.57 -14.21
N ILE E 61 -5.26 -3.26 -15.11
CA ILE E 61 -5.21 -3.97 -16.39
C ILE E 61 -4.72 -5.39 -16.16
N TYR E 62 -5.47 -6.34 -16.67
CA TYR E 62 -5.06 -7.74 -16.72
C TYR E 62 -5.03 -8.11 -18.20
N PRO E 63 -3.85 -8.25 -18.80
CA PRO E 63 -3.79 -8.47 -20.26
C PRO E 63 -4.39 -9.80 -20.67
N ALA E 64 -5.19 -9.75 -21.73
CA ALA E 64 -5.94 -10.92 -22.17
C ALA E 64 -5.01 -11.93 -22.82
N ALA E 65 -5.50 -13.16 -22.94
CA ALA E 65 -4.72 -14.24 -23.52
C ALA E 65 -4.47 -13.98 -24.99
N ALA E 66 -3.21 -13.77 -25.35
CA ALA E 66 -2.84 -13.45 -26.72
C ALA E 66 -2.87 -14.70 -27.58
N SER E 67 -2.53 -14.51 -28.86
CA SER E 67 -2.55 -15.61 -29.82
C SER E 67 -1.41 -16.59 -29.53
N SER E 68 -1.71 -17.87 -29.69
CA SER E 68 -0.74 -18.91 -29.40
C SER E 68 0.38 -18.93 -30.44
N THR E 69 1.61 -18.94 -29.94
CA THR E 69 2.79 -19.11 -30.78
C THR E 69 3.53 -20.34 -30.28
N GLY E 70 3.87 -21.23 -31.21
CA GLY E 70 4.40 -22.54 -30.88
C GLY E 70 5.71 -22.56 -30.11
N TYR E 71 6.75 -21.95 -30.68
CA TYR E 71 8.08 -21.96 -30.08
C TYR E 71 8.67 -20.56 -30.11
N SER E 72 9.32 -20.18 -29.02
CA SER E 72 10.14 -18.99 -29.01
C SER E 72 11.42 -19.24 -29.81
N THR E 73 12.13 -18.16 -30.13
CA THR E 73 13.44 -18.29 -30.75
C THR E 73 14.44 -18.94 -29.79
N GLN E 74 14.43 -18.49 -28.53
CA GLN E 74 15.33 -19.07 -27.54
C GLN E 74 14.86 -20.45 -27.11
N ALA E 75 13.57 -20.75 -27.28
CA ALA E 75 13.10 -22.10 -27.04
C ALA E 75 13.51 -23.03 -28.16
N LYS E 76 13.67 -22.48 -29.37
CA LYS E 76 14.13 -23.29 -30.49
C LYS E 76 15.62 -23.57 -30.38
N ILE E 77 16.39 -22.60 -29.86
CA ILE E 77 17.81 -22.81 -29.62
C ILE E 77 18.03 -23.82 -28.50
N ALA E 78 17.17 -23.78 -27.49
CA ALA E 78 17.33 -24.65 -26.33
C ALA E 78 17.01 -26.10 -26.67
N LEU E 79 16.01 -26.32 -27.50
CA LEU E 79 15.63 -27.69 -27.83
C LEU E 79 16.54 -28.28 -28.89
N PHE E 80 16.94 -27.47 -29.88
CA PHE E 80 17.90 -27.94 -30.86
C PHE E 80 19.28 -28.08 -30.24
N GLY E 81 19.62 -27.21 -29.28
CA GLY E 81 20.90 -27.31 -28.62
C GLY E 81 20.98 -28.50 -27.67
N ALA E 82 19.86 -28.87 -27.07
CA ALA E 82 19.84 -30.07 -26.24
C ALA E 82 19.80 -31.32 -27.10
N LEU E 83 19.18 -31.24 -28.27
CA LEU E 83 19.18 -32.37 -29.20
C LEU E 83 20.56 -32.55 -29.83
N SER E 84 21.23 -31.43 -30.14
CA SER E 84 22.59 -31.51 -30.66
C SER E 84 23.56 -32.03 -29.60
N TRP E 85 23.30 -31.69 -28.34
CA TRP E 85 24.17 -32.17 -27.27
C TRP E 85 23.93 -33.65 -26.99
N ILE E 86 22.68 -34.11 -27.11
CA ILE E 86 22.38 -35.52 -26.88
C ILE E 86 22.99 -36.38 -27.99
N LEU E 87 22.88 -35.92 -29.24
CA LEU E 87 23.44 -36.67 -30.35
C LEU E 87 24.97 -36.66 -30.33
N TYR E 88 25.56 -35.59 -29.82
CA TYR E 88 27.02 -35.53 -29.69
C TYR E 88 27.50 -36.46 -28.58
N ARG E 89 26.75 -36.57 -27.50
CA ARG E 89 27.18 -37.40 -26.39
C ARG E 89 26.84 -38.87 -26.64
N ALA E 90 25.79 -39.14 -27.41
CA ALA E 90 25.47 -40.51 -27.77
C ALA E 90 26.44 -41.05 -28.81
N ASP E 91 26.95 -40.17 -29.67
CA ASP E 91 27.97 -40.57 -30.63
C ASP E 91 29.30 -40.84 -29.95
N GLY E 92 29.61 -40.08 -28.90
CA GLY E 92 30.84 -40.30 -28.18
C GLY E 92 30.78 -41.50 -27.26
N GLN E 93 29.60 -41.78 -26.72
CA GLN E 93 29.42 -42.95 -25.87
C GLN E 93 29.48 -44.24 -26.68
N SER E 94 29.01 -44.18 -27.92
CA SER E 94 28.98 -45.37 -28.76
C SER E 94 30.36 -45.72 -29.28
N LYS E 95 31.23 -44.73 -29.44
CA LYS E 95 32.60 -44.97 -29.85
C LYS E 95 33.52 -45.27 -28.69
N ALA E 96 33.00 -45.37 -27.47
CA ALA E 96 33.82 -45.62 -26.31
C ALA E 96 34.28 -47.07 -26.27
N HIS E 97 35.21 -47.36 -25.36
CA HIS E 97 35.69 -48.73 -25.21
C HIS E 97 34.60 -49.61 -24.60
N GLU E 98 34.07 -49.20 -23.46
CA GLU E 98 32.90 -49.84 -22.87
C GLU E 98 31.62 -49.18 -23.39
N TRP E 99 31.38 -49.37 -24.68
CA TRP E 99 30.36 -48.60 -25.39
C TRP E 99 28.96 -49.07 -25.04
N ILE E 100 28.78 -50.38 -24.86
CA ILE E 100 27.46 -50.92 -24.60
C ILE E 100 27.10 -50.70 -23.13
N VAL E 101 28.10 -50.55 -22.27
CA VAL E 101 27.85 -50.20 -20.88
C VAL E 101 27.44 -48.73 -20.78
N ASP E 102 27.96 -47.88 -21.66
CA ASP E 102 27.62 -46.46 -21.64
C ASP E 102 26.18 -46.23 -22.09
N LEU E 103 25.73 -46.99 -23.09
CA LEU E 103 24.37 -46.80 -23.60
C LEU E 103 23.34 -47.42 -22.66
N ASN E 104 23.73 -48.43 -21.89
CA ASN E 104 22.80 -49.01 -20.92
C ASN E 104 22.82 -48.23 -19.61
N LEU E 105 23.85 -47.43 -19.38
CA LEU E 105 23.81 -46.51 -18.26
C LEU E 105 22.85 -45.35 -18.53
N ASN E 106 22.61 -45.05 -19.81
CA ASN E 106 21.57 -44.08 -20.15
C ASN E 106 20.19 -44.66 -19.91
N VAL E 107 20.05 -45.99 -19.97
CA VAL E 107 18.78 -46.61 -19.65
C VAL E 107 18.54 -46.61 -18.14
N LEU E 108 19.60 -46.85 -17.36
CA LEU E 108 19.50 -46.82 -15.91
C LEU E 108 19.23 -45.41 -15.40
N GLN E 109 19.75 -44.41 -16.11
CA GLN E 109 19.56 -43.02 -15.68
C GLN E 109 18.20 -42.49 -16.10
N ALA E 110 17.72 -42.90 -17.27
CA ALA E 110 16.42 -42.40 -17.74
C ALA E 110 15.27 -43.11 -17.07
N ALA E 111 15.54 -44.27 -16.46
CA ALA E 111 14.50 -44.98 -15.74
C ALA E 111 14.14 -44.25 -14.44
N TRP E 112 15.12 -43.59 -13.84
CA TRP E 112 14.84 -42.86 -12.60
C TRP E 112 14.12 -41.55 -12.88
N LEU E 113 14.31 -40.98 -14.07
CA LEU E 113 13.55 -39.81 -14.46
C LEU E 113 12.09 -40.14 -14.68
N ILE E 114 11.80 -41.38 -15.09
CA ILE E 114 10.42 -41.83 -15.22
C ILE E 114 9.83 -42.13 -13.85
N SER E 115 10.63 -42.74 -12.96
CA SER E 115 10.14 -43.07 -11.63
C SER E 115 9.95 -41.83 -10.77
N PHE E 116 10.69 -40.75 -11.06
CA PHE E 116 10.50 -39.53 -10.30
C PHE E 116 9.25 -38.80 -10.72
N SER E 117 8.79 -39.03 -11.94
CA SER E 117 7.50 -38.46 -12.35
C SER E 117 6.34 -39.18 -11.71
N SER E 118 6.57 -40.41 -11.25
CA SER E 118 5.53 -41.24 -10.65
C SER E 118 5.49 -41.10 -9.13
N LEU E 119 6.63 -40.91 -8.48
CA LEU E 119 6.68 -41.00 -7.04
C LEU E 119 6.53 -39.64 -6.38
N ILE E 120 7.03 -38.59 -7.01
CA ILE E 120 7.17 -37.30 -6.31
C ILE E 120 5.82 -36.61 -6.22
N PRO E 121 5.36 -36.25 -5.01
CA PRO E 121 4.09 -35.53 -4.87
C PRO E 121 4.24 -34.07 -5.28
N PHE E 122 4.01 -33.78 -6.56
CA PHE E 122 4.40 -32.50 -7.14
C PHE E 122 3.57 -31.33 -6.59
N ARG E 123 2.39 -31.61 -6.05
CA ARG E 123 1.66 -30.55 -5.37
C ARG E 123 2.21 -30.30 -3.97
N ALA E 124 2.62 -31.37 -3.28
CA ALA E 124 3.17 -31.21 -1.93
C ALA E 124 4.55 -30.56 -1.98
N VAL E 125 5.36 -30.88 -2.98
CA VAL E 125 6.68 -30.29 -3.13
C VAL E 125 6.55 -28.81 -3.49
N TYR E 126 5.52 -28.46 -4.26
CA TYR E 126 5.25 -27.07 -4.58
C TYR E 126 4.91 -26.25 -3.34
N PHE E 127 4.12 -26.82 -2.44
CA PHE E 127 3.74 -26.08 -1.24
C PHE E 127 4.83 -26.17 -0.17
N ALA E 128 5.70 -27.18 -0.25
CA ALA E 128 6.84 -27.23 0.63
C ALA E 128 7.87 -26.17 0.25
N PHE E 129 8.08 -25.98 -1.06
CA PHE E 129 8.96 -24.91 -1.51
C PHE E 129 8.36 -23.55 -1.24
N ARG E 130 7.03 -23.47 -1.28
CA ARG E 130 6.33 -22.22 -1.00
C ARG E 130 6.49 -21.82 0.46
N GLY E 131 6.62 -22.80 1.35
CA GLY E 131 6.90 -22.51 2.75
C GLY E 131 8.36 -22.29 3.07
N MET E 132 9.24 -22.37 2.07
CA MET E 132 10.66 -22.12 2.31
C MET E 132 10.96 -20.63 2.35
N ALA E 133 10.31 -19.87 1.53
CA ALA E 133 10.44 -18.42 1.53
C ALA E 133 9.45 -17.82 2.52
N PRO E 134 9.87 -16.88 3.37
CA PRO E 134 8.89 -16.25 4.28
C PRO E 134 7.90 -15.36 3.57
N ALA E 135 8.18 -14.95 2.34
CA ALA E 135 7.24 -14.13 1.59
C ALA E 135 6.03 -14.92 1.12
N THR E 136 6.16 -16.24 0.98
CA THR E 136 5.05 -17.08 0.57
C THR E 136 4.59 -18.02 1.66
N ALA E 137 5.31 -18.10 2.78
CA ALA E 137 4.90 -18.99 3.86
C ALA E 137 3.76 -18.39 4.68
N SER E 138 3.59 -17.07 4.63
CA SER E 138 2.52 -16.39 5.34
C SER E 138 1.80 -15.48 4.37
N THR E 139 0.60 -15.06 4.76
CA THR E 139 -0.08 -14.02 4.01
C THR E 139 0.52 -12.66 4.35
N LEU E 140 0.35 -11.70 3.44
CA LEU E 140 0.94 -10.39 3.61
C LEU E 140 0.20 -9.59 4.68
N ASN E 141 0.87 -9.35 5.81
CA ASN E 141 0.30 -8.59 6.92
C ASN E 141 0.80 -7.16 6.83
N GLY E 142 -0.09 -6.24 6.51
CA GLY E 142 0.27 -4.86 6.39
C GLY E 142 -0.75 -3.87 6.88
N LEU E 143 -1.14 -2.98 5.97
CA LEU E 143 -2.15 -1.97 6.21
C LEU E 143 -3.51 -2.60 6.51
N LYS E 144 -4.13 -2.17 7.60
CA LYS E 144 -5.46 -2.62 7.99
C LYS E 144 -6.50 -1.62 7.54
N THR E 145 -7.77 -2.03 7.60
CA THR E 145 -8.84 -1.21 7.05
C THR E 145 -9.15 0.00 7.93
N PHE E 146 -9.20 -0.20 9.26
CA PHE E 146 -9.60 0.88 10.17
C PHE E 146 -8.58 2.00 10.23
N SER E 147 -7.32 1.72 9.94
CA SER E 147 -6.30 2.76 10.04
C SER E 147 -6.37 3.71 8.85
N SER E 148 -6.84 3.25 7.71
CA SER E 148 -6.88 4.04 6.49
C SER E 148 -8.29 4.40 6.05
N ILE E 149 -9.27 4.35 6.96
CA ILE E 149 -10.62 4.78 6.63
C ILE E 149 -10.64 6.30 6.47
N SER E 150 -11.25 6.75 5.37
CA SER E 150 -11.26 8.16 5.00
C SER E 150 -12.66 8.72 5.15
N LEU E 151 -12.94 9.32 6.30
CA LEU E 151 -14.12 10.13 6.52
C LEU E 151 -13.70 11.50 7.02
N VAL F 2 -7.10 20.71 -1.45
CA VAL F 2 -7.08 19.29 -1.17
C VAL F 2 -5.74 18.71 -1.56
N LEU F 3 -5.48 17.47 -1.14
CA LEU F 3 -4.30 16.76 -1.59
C LEU F 3 -4.53 16.28 -3.03
N GLY F 4 -3.71 16.77 -3.94
CA GLY F 4 -4.09 16.79 -5.33
C GLY F 4 -3.18 16.13 -6.35
N GLU F 5 -2.65 14.95 -6.04
CA GLU F 5 -1.98 14.02 -6.96
C GLU F 5 -0.58 14.49 -7.39
N VAL F 6 -0.22 15.72 -7.04
CA VAL F 6 1.16 16.16 -7.23
C VAL F 6 1.97 15.82 -5.98
N TYR F 7 1.29 15.58 -4.87
CA TYR F 7 1.98 15.24 -3.64
C TYR F 7 2.37 13.77 -3.60
N LEU F 8 1.70 12.95 -4.39
CA LEU F 8 2.03 11.53 -4.52
C LEU F 8 2.38 11.15 -5.96
N LYS F 9 3.16 11.99 -6.63
CA LYS F 9 3.43 11.80 -8.05
C LYS F 9 4.35 10.62 -8.31
N ASP F 10 5.57 10.67 -7.77
CA ASP F 10 6.51 9.58 -7.94
C ASP F 10 6.71 8.79 -6.65
N ILE F 11 5.76 8.86 -5.74
CA ILE F 11 5.86 8.23 -4.44
C ILE F 11 4.91 7.05 -4.31
N LEU F 12 3.62 7.29 -4.51
CA LEU F 12 2.59 6.27 -4.42
C LEU F 12 1.84 6.22 -5.73
N ARG F 13 1.75 5.04 -6.32
CA ARG F 13 0.99 4.85 -7.54
C ARG F 13 -0.02 3.72 -7.34
N THR F 14 -1.15 3.82 -8.03
CA THR F 14 -2.16 2.80 -8.02
C THR F 14 -1.76 1.66 -8.97
N PRO F 15 -2.43 0.50 -8.92
CA PRO F 15 -2.18 -0.53 -9.92
C PRO F 15 -2.50 -0.04 -11.32
N PRO F 16 -1.66 -0.37 -12.30
CA PRO F 16 -1.78 0.26 -13.62
C PRO F 16 -3.02 -0.20 -14.36
N THR F 17 -3.58 0.70 -15.16
CA THR F 17 -4.83 0.46 -15.86
C THR F 17 -4.69 0.42 -17.37
N GLY F 18 -3.61 0.98 -17.92
CA GLY F 18 -3.42 0.97 -19.36
C GLY F 18 -2.56 -0.17 -19.84
N ALA F 19 -1.37 -0.30 -19.24
CA ALA F 19 -0.43 -1.35 -19.64
C ALA F 19 0.49 -1.64 -18.47
N ILE F 20 0.92 -2.89 -18.39
CA ILE F 20 1.92 -3.28 -17.40
C ILE F 20 3.26 -2.68 -17.80
N PRO F 21 3.93 -1.95 -16.92
CA PRO F 21 5.19 -1.28 -17.30
C PRO F 21 6.34 -2.28 -17.38
N ALA F 22 7.49 -1.76 -17.80
CA ALA F 22 8.71 -2.55 -17.77
C ALA F 22 9.18 -2.69 -16.33
N ASN F 23 9.92 -3.76 -16.06
CA ASN F 23 10.49 -3.95 -14.73
C ASN F 23 11.60 -2.94 -14.51
N VAL F 24 11.66 -2.41 -13.29
CA VAL F 24 12.73 -1.49 -12.91
C VAL F 24 13.97 -2.33 -12.65
N PRO F 25 15.09 -2.05 -13.33
CA PRO F 25 16.29 -2.85 -13.11
C PRO F 25 17.00 -2.46 -11.82
N HIS F 26 17.62 -3.44 -11.23
CA HIS F 26 18.62 -3.20 -10.20
C HIS F 26 19.86 -2.59 -10.86
N PRO F 27 20.62 -1.75 -10.13
CA PRO F 27 21.89 -1.23 -10.65
C PRO F 27 22.92 -2.27 -11.09
N PHE F 28 22.86 -3.48 -10.53
CA PHE F 28 23.79 -4.53 -10.93
C PHE F 28 23.38 -5.14 -12.27
N GLN F 29 22.08 -5.19 -12.53
CA GLN F 29 21.60 -5.66 -13.83
C GLN F 29 21.86 -4.64 -14.92
N THR F 30 21.91 -3.36 -14.55
CA THR F 30 22.10 -2.30 -15.52
C THR F 30 23.53 -2.29 -16.04
N SER F 31 24.50 -2.38 -15.15
CA SER F 31 25.90 -2.33 -15.56
C SER F 31 26.73 -3.29 -14.73
N PHE F 32 27.65 -3.98 -15.40
CA PHE F 32 28.58 -4.88 -14.71
C PHE F 32 29.63 -4.09 -13.94
N TYR F 33 29.91 -2.85 -14.36
CA TYR F 33 30.92 -2.05 -13.70
C TYR F 33 30.46 -1.61 -12.31
N THR F 34 29.15 -1.41 -12.13
CA THR F 34 28.63 -1.11 -10.81
C THR F 34 28.72 -2.33 -9.90
N TYR F 35 28.48 -3.51 -10.46
CA TYR F 35 28.59 -4.73 -9.67
C TYR F 35 30.04 -5.03 -9.33
N ALA F 36 30.96 -4.74 -10.25
CA ALA F 36 32.36 -5.06 -10.03
C ALA F 36 32.97 -4.14 -8.99
N THR F 37 32.55 -2.87 -8.96
CA THR F 37 33.22 -1.91 -8.10
C THR F 37 32.55 -1.78 -6.75
N LYS F 38 31.27 -2.16 -6.65
CA LYS F 38 30.57 -2.00 -5.38
C LYS F 38 30.41 -3.33 -4.66
N LYS F 39 30.32 -4.43 -5.39
CA LYS F 39 30.11 -5.68 -4.66
C LYS F 39 31.16 -6.74 -4.97
N LEU F 40 31.56 -6.91 -6.24
CA LEU F 40 32.39 -8.04 -6.60
C LEU F 40 33.81 -7.91 -6.06
N ILE F 41 34.43 -6.75 -6.24
CA ILE F 41 35.76 -6.51 -5.69
C ILE F 41 35.71 -6.20 -4.18
N PRO F 42 34.76 -5.38 -3.62
CA PRO F 42 34.75 -5.24 -2.15
C PRO F 42 34.38 -6.48 -1.35
N ARG F 43 33.44 -7.31 -1.83
CA ARG F 43 32.96 -8.40 -0.99
C ARG F 43 33.50 -9.75 -1.42
N HIS F 44 33.70 -9.98 -2.71
CA HIS F 44 34.01 -11.31 -3.22
C HIS F 44 35.43 -11.44 -3.74
N TRP F 45 36.35 -10.55 -3.35
CA TRP F 45 37.71 -10.67 -3.84
C TRP F 45 38.47 -11.82 -3.18
N TYR F 46 37.92 -12.36 -2.09
CA TYR F 46 38.50 -13.55 -1.48
C TYR F 46 38.29 -14.77 -2.36
N LEU F 47 37.10 -14.89 -2.96
CA LEU F 47 36.88 -15.97 -3.93
C LEU F 47 37.71 -15.80 -5.18
N LEU F 48 37.76 -14.56 -5.70
CA LEU F 48 38.51 -14.31 -6.93
C LEU F 48 39.99 -14.53 -6.73
N GLY F 49 40.50 -14.19 -5.55
CA GLY F 49 41.87 -14.55 -5.23
C GLY F 49 42.01 -16.02 -4.90
N GLY F 50 40.94 -16.62 -4.37
CA GLY F 50 40.96 -18.06 -4.13
C GLY F 50 40.89 -18.86 -5.41
N PHE F 51 40.16 -18.35 -6.41
CA PHE F 51 40.19 -18.96 -7.73
C PHE F 51 41.53 -18.73 -8.40
N THR F 52 42.11 -17.53 -8.21
CA THR F 52 43.40 -17.21 -8.82
C THR F 52 44.52 -18.05 -8.24
N PHE F 53 44.39 -18.42 -6.97
CA PHE F 53 45.36 -19.34 -6.36
C PHE F 53 45.29 -20.71 -7.01
N THR F 54 44.08 -21.21 -7.26
CA THR F 54 43.93 -22.59 -7.74
C THR F 54 44.32 -22.71 -9.20
N ILE F 55 44.09 -21.67 -10.00
CA ILE F 55 44.45 -21.71 -11.41
C ILE F 55 45.97 -21.63 -11.56
N THR F 56 46.62 -20.82 -10.73
CA THR F 56 48.08 -20.73 -10.80
C THR F 56 48.75 -21.94 -10.19
N LEU F 57 48.15 -22.54 -9.15
CA LEU F 57 48.74 -23.72 -8.54
C LEU F 57 48.61 -24.93 -9.46
N TYR F 58 47.48 -25.05 -10.15
CA TYR F 58 47.28 -26.18 -11.05
C TYR F 58 48.06 -26.00 -12.33
N GLY F 59 48.42 -24.75 -12.65
CA GLY F 59 49.34 -24.52 -13.75
C GLY F 59 50.77 -24.84 -13.37
N ILE F 60 51.10 -24.80 -12.09
CA ILE F 60 52.38 -25.27 -11.61
C ILE F 60 52.43 -26.79 -11.64
N LEU F 61 51.33 -27.43 -11.22
CA LEU F 61 51.27 -28.89 -11.26
C LEU F 61 51.16 -29.42 -12.68
N ASP F 62 50.70 -28.59 -13.61
CA ASP F 62 50.76 -28.96 -15.02
C ASP F 62 52.17 -28.84 -15.56
N GLY F 63 52.94 -27.88 -15.04
CA GLY F 63 54.32 -27.74 -15.47
C GLY F 63 55.21 -28.81 -14.89
N LEU F 64 54.89 -29.31 -13.70
CA LEU F 64 55.65 -30.42 -13.13
C LEU F 64 55.32 -31.72 -13.83
N ARG F 65 54.07 -31.86 -14.27
CA ARG F 65 53.67 -33.06 -15.01
C ARG F 65 54.24 -33.05 -16.42
N ASP F 66 54.38 -31.87 -17.03
CA ASP F 66 54.90 -31.77 -18.38
C ASP F 66 56.42 -31.88 -18.41
N SER F 67 57.09 -31.46 -17.34
CA SER F 67 58.53 -31.68 -17.23
C SER F 67 58.85 -33.13 -16.91
N GLY F 68 57.93 -33.84 -16.28
CA GLY F 68 58.13 -35.26 -16.06
C GLY F 68 57.96 -36.07 -17.33
N LYS F 69 57.13 -35.58 -18.25
CA LYS F 69 57.00 -36.21 -19.55
C LYS F 69 58.23 -35.94 -20.41
N LYS F 70 58.79 -34.73 -20.29
CA LYS F 70 59.96 -34.38 -21.10
C LYS F 70 61.21 -35.10 -20.60
N LYS F 71 61.29 -35.33 -19.29
CA LYS F 71 62.42 -36.07 -18.74
C LYS F 71 62.35 -37.54 -19.15
N ALA F 72 61.14 -38.10 -19.17
CA ALA F 72 60.99 -39.49 -19.58
C ALA F 72 61.10 -39.64 -21.09
N TYR F 73 60.81 -38.58 -21.84
CA TYR F 73 60.95 -38.64 -23.29
C TYR F 73 62.41 -38.63 -23.70
N ASP F 74 63.21 -37.72 -23.13
CA ASP F 74 64.61 -37.62 -23.49
C ASP F 74 65.41 -38.80 -22.95
N GLU F 75 64.90 -39.45 -21.91
CA GLU F 75 65.58 -40.64 -21.39
C GLU F 75 65.41 -41.82 -22.32
N ALA F 76 64.31 -41.87 -23.07
CA ALA F 76 64.08 -42.99 -23.97
C ALA F 76 64.74 -42.74 -25.33
N ILE F 77 64.89 -41.47 -25.73
CA ILE F 77 65.55 -41.16 -26.99
C ILE F 77 67.05 -41.38 -26.85
N HIS F 78 67.63 -41.01 -25.70
CA HIS F 78 69.07 -41.19 -25.48
C HIS F 78 69.43 -42.65 -25.27
N ALA F 79 68.49 -43.46 -24.80
CA ALA F 79 68.74 -44.87 -24.58
C ALA F 79 68.46 -45.72 -25.81
N GLY F 80 68.11 -45.12 -26.93
CA GLY F 80 67.81 -45.88 -28.13
C GLY F 80 66.50 -46.64 -28.05
N LYS F 81 65.54 -46.11 -27.29
CA LYS F 81 64.24 -46.74 -27.12
C LYS F 81 63.17 -45.88 -27.77
N THR F 82 61.97 -46.41 -27.86
CA THR F 82 60.82 -45.60 -28.23
C THR F 82 60.19 -45.00 -26.97
N PRO F 83 59.75 -43.74 -27.00
CA PRO F 83 59.19 -43.14 -25.78
C PRO F 83 57.79 -43.60 -25.47
N TYR F 84 57.05 -44.05 -26.46
CA TYR F 84 55.70 -44.58 -26.30
C TYR F 84 55.67 -46.01 -26.82
N THR F 85 54.83 -46.84 -26.21
CA THR F 85 54.89 -48.27 -26.48
C THR F 85 54.35 -48.66 -27.85
N ALA F 86 53.05 -48.48 -28.07
CA ALA F 86 52.41 -48.88 -29.32
C ALA F 86 50.99 -48.31 -29.42
N GLY F 87 50.44 -48.30 -30.63
CA GLY F 87 49.00 -48.22 -30.77
C GLY F 87 48.41 -49.62 -30.82
N GLY F 88 47.14 -49.71 -30.39
CA GLY F 88 46.51 -51.02 -30.33
C GLY F 88 46.16 -51.58 -31.69
N HIS F 89 46.02 -50.72 -32.69
CA HIS F 89 45.69 -51.13 -34.04
C HIS F 89 46.87 -51.84 -34.70
N ALA G 2 0.65 -25.03 -33.30
CA ALA G 2 0.03 -26.08 -34.08
C ALA G 2 0.78 -27.40 -33.91
N VAL G 3 2.04 -27.43 -34.37
CA VAL G 3 2.87 -28.62 -34.19
C VAL G 3 3.29 -28.74 -32.73
N THR G 4 3.39 -27.61 -32.03
CA THR G 4 3.76 -27.64 -30.62
C THR G 4 2.53 -27.69 -29.73
N SER G 5 1.42 -27.08 -30.18
CA SER G 5 0.21 -27.04 -29.37
C SER G 5 -0.49 -28.39 -29.37
N PHE G 6 -0.39 -29.14 -30.46
CA PHE G 6 -0.93 -30.50 -30.47
C PHE G 6 -0.09 -31.43 -29.60
N LEU G 7 1.24 -31.28 -29.67
CA LEU G 7 2.13 -32.19 -28.96
C LEU G 7 2.04 -31.99 -27.45
N GLY G 8 1.70 -30.78 -27.02
CA GLY G 8 1.40 -30.58 -25.61
C GLY G 8 0.10 -31.22 -25.19
N LYS G 9 -0.93 -31.10 -26.04
CA LYS G 9 -2.22 -31.71 -25.75
C LYS G 9 -2.14 -33.24 -25.83
N ALA G 10 -1.26 -33.75 -26.71
CA ALA G 10 -1.11 -35.19 -26.87
C ALA G 10 -0.42 -35.82 -25.66
N PHE G 11 0.68 -35.23 -25.21
CA PHE G 11 1.44 -35.83 -24.12
C PHE G 11 0.74 -35.65 -22.79
N GLU G 12 -0.06 -34.58 -22.64
CA GLU G 12 -0.90 -34.40 -21.46
C GLU G 12 -1.91 -35.53 -21.32
N LYS G 13 -2.49 -35.96 -22.45
CA LYS G 13 -3.40 -37.09 -22.43
C LYS G 13 -2.66 -38.39 -22.10
N TYR G 14 -1.40 -38.51 -22.54
CA TYR G 14 -0.65 -39.72 -22.27
C TYR G 14 -0.12 -39.76 -20.83
N PHE G 15 0.35 -38.63 -20.33
CA PHE G 15 0.94 -38.57 -19.00
C PHE G 15 -0.10 -38.80 -17.92
N TYR G 16 -1.29 -38.22 -18.08
CA TYR G 16 -2.35 -38.29 -17.07
C TYR G 16 -3.48 -39.23 -17.45
N ASP G 17 -4.09 -39.02 -18.62
CA ASP G 17 -5.36 -39.69 -18.91
C ASP G 17 -5.17 -41.14 -19.33
N PHE G 18 -4.13 -41.42 -20.10
CA PHE G 18 -3.84 -42.79 -20.54
C PHE G 18 -2.94 -43.45 -19.51
N SER G 19 -3.52 -44.36 -18.72
CA SER G 19 -2.77 -45.15 -17.75
C SER G 19 -2.93 -46.62 -18.12
N ALA G 20 -1.80 -47.31 -18.29
CA ALA G 20 -1.85 -48.73 -18.61
C ALA G 20 -2.02 -49.57 -17.36
N TYR G 21 -1.97 -48.94 -16.18
CA TYR G 21 -2.23 -49.67 -14.94
C TYR G 21 -3.72 -49.94 -14.77
N GLU G 22 -4.57 -49.07 -15.30
CA GLU G 22 -6.01 -49.27 -15.15
C GLU G 22 -6.61 -49.98 -16.36
N GLN G 23 -6.06 -49.73 -17.56
CA GLN G 23 -6.63 -50.32 -18.75
C GLN G 23 -6.30 -51.79 -18.87
N PHE G 24 -5.17 -52.21 -18.32
CA PHE G 24 -4.81 -53.62 -18.30
C PHE G 24 -5.30 -54.34 -17.05
N GLY G 25 -5.82 -53.61 -16.08
CA GLY G 25 -6.38 -54.21 -14.88
C GLY G 25 -5.33 -54.87 -14.00
N LEU G 26 -4.26 -54.15 -13.69
CA LEU G 26 -3.17 -54.72 -12.90
C LEU G 26 -3.44 -54.69 -11.40
N ASN G 27 -4.65 -54.30 -10.97
CA ASN G 27 -4.99 -54.34 -9.56
C ASN G 27 -5.19 -55.78 -9.10
N ARG G 28 -5.50 -56.69 -10.03
CA ARG G 28 -5.62 -58.10 -9.69
C ARG G 28 -4.26 -58.72 -9.40
N PHE G 29 -3.25 -58.35 -10.19
CA PHE G 29 -1.93 -58.95 -10.03
C PHE G 29 -1.07 -58.20 -9.03
N LEU G 30 -1.17 -56.87 -9.02
CA LEU G 30 -0.27 -56.04 -8.23
C LEU G 30 -1.01 -55.46 -7.03
N SER G 31 -0.27 -55.23 -5.94
CA SER G 31 -0.86 -54.65 -4.75
C SER G 31 -1.13 -53.16 -4.92
N SER G 32 -0.08 -52.37 -5.13
CA SER G 32 -0.16 -50.93 -5.10
C SER G 32 0.18 -50.35 -6.47
N LYS G 33 -0.14 -49.07 -6.64
CA LYS G 33 0.41 -48.33 -7.78
C LYS G 33 1.86 -47.96 -7.53
N GLY G 34 2.24 -47.87 -6.25
CA GLY G 34 3.62 -47.56 -5.92
C GLY G 34 4.55 -48.74 -6.16
N GLN G 35 4.00 -49.96 -6.14
CA GLN G 35 4.81 -51.13 -6.46
C GLN G 35 4.71 -51.48 -7.94
N TYR G 36 3.71 -50.94 -8.62
CA TYR G 36 3.68 -51.06 -10.08
C TYR G 36 4.77 -50.21 -10.71
N VAL G 37 5.02 -49.02 -10.15
CA VAL G 37 6.03 -48.14 -10.74
C VAL G 37 7.43 -48.58 -10.33
N ALA G 38 7.53 -49.45 -9.31
CA ALA G 38 8.81 -50.08 -9.03
C ALA G 38 9.07 -51.23 -10.00
N LEU G 39 8.01 -51.92 -10.40
CA LEU G 39 8.17 -52.98 -11.40
C LEU G 39 8.26 -52.40 -12.80
N ARG G 40 7.62 -51.25 -13.04
CA ARG G 40 7.74 -50.58 -14.33
C ARG G 40 9.13 -49.97 -14.47
N HIS G 41 9.78 -49.69 -13.34
CA HIS G 41 11.14 -49.17 -13.35
C HIS G 41 12.13 -50.25 -13.78
N VAL G 42 12.13 -51.38 -13.07
CA VAL G 42 13.01 -52.49 -13.41
C VAL G 42 12.58 -53.12 -14.73
N GLY G 43 11.29 -53.05 -15.05
CA GLY G 43 10.84 -53.50 -16.36
C GLY G 43 11.33 -52.63 -17.50
N PHE G 44 11.53 -51.33 -17.23
CA PHE G 44 12.12 -50.45 -18.23
C PHE G 44 13.61 -50.72 -18.40
N VAL G 45 14.28 -51.07 -17.30
CA VAL G 45 15.71 -51.36 -17.36
C VAL G 45 15.96 -52.67 -18.09
N MET G 46 15.15 -53.69 -17.80
CA MET G 46 15.34 -55.01 -18.40
C MET G 46 15.03 -55.01 -19.89
N VAL G 47 14.05 -54.21 -20.31
CA VAL G 47 13.77 -54.06 -21.74
C VAL G 47 14.92 -53.32 -22.42
N GLY G 48 15.39 -52.25 -21.81
CA GLY G 48 16.45 -51.45 -22.43
C GLY G 48 17.79 -52.16 -22.45
N VAL G 49 18.00 -53.11 -21.53
CA VAL G 49 19.16 -53.98 -21.62
C VAL G 49 19.01 -54.94 -22.80
N ASN G 50 17.84 -55.57 -22.90
CA ASN G 50 17.65 -56.59 -23.93
C ASN G 50 17.47 -55.99 -25.31
N VAL G 51 16.98 -54.75 -25.40
CA VAL G 51 16.84 -54.11 -26.70
C VAL G 51 18.20 -53.64 -27.21
N LEU G 52 19.05 -53.12 -26.32
CA LEU G 52 20.38 -52.66 -26.72
C LEU G 52 21.27 -53.82 -27.12
N LEU G 53 21.04 -55.00 -26.54
CA LEU G 53 21.77 -56.18 -26.98
C LEU G 53 21.19 -56.77 -28.25
N ALA G 54 19.88 -56.67 -28.45
CA ALA G 54 19.27 -57.23 -29.67
C ALA G 54 19.44 -56.31 -30.86
N ALA G 55 19.76 -55.03 -30.60
CA ALA G 55 19.99 -54.10 -31.70
C ALA G 55 21.28 -54.44 -32.44
N ASN G 56 22.23 -55.03 -31.74
CA ASN G 56 23.41 -55.64 -32.36
C ASN G 56 23.88 -56.80 -31.51
N PHE G 57 23.42 -58.01 -31.83
CA PHE G 57 23.86 -59.15 -31.04
C PHE G 57 25.24 -59.68 -31.42
N PRO G 58 25.61 -59.92 -32.71
CA PRO G 58 26.96 -60.45 -32.96
C PRO G 58 28.01 -59.38 -32.71
N PHE G 59 28.39 -59.21 -31.44
CA PHE G 59 29.50 -58.38 -31.06
C PHE G 59 30.31 -59.09 -29.98
N ASN G 60 31.60 -58.86 -29.99
CA ASN G 60 32.44 -59.32 -28.89
C ASN G 60 32.27 -58.37 -27.71
N PRO G 61 31.96 -58.89 -26.52
CA PRO G 61 31.60 -58.01 -25.41
C PRO G 61 32.81 -57.31 -24.82
N PRO G 62 32.73 -55.99 -24.63
CA PRO G 62 33.79 -55.31 -23.87
C PRO G 62 33.68 -55.54 -22.38
N PHE G 63 32.50 -55.90 -21.91
CA PHE G 63 32.33 -56.29 -20.52
C PHE G 63 32.77 -57.73 -20.32
N PRO G 64 33.33 -58.07 -19.15
CA PRO G 64 33.80 -59.44 -18.93
C PRO G 64 32.64 -60.40 -18.70
N THR G 65 32.42 -61.32 -19.64
CA THR G 65 31.50 -62.42 -19.45
C THR G 65 32.12 -63.40 -18.47
N ILE G 66 31.31 -63.94 -17.56
CA ILE G 66 31.85 -64.82 -16.53
C ILE G 66 31.87 -66.23 -17.07
N GLY G 67 32.90 -66.53 -17.89
CA GLY G 67 33.11 -67.82 -18.50
C GLY G 67 31.95 -68.43 -19.28
N MET G 68 31.12 -67.61 -19.91
CA MET G 68 29.90 -68.09 -20.54
C MET G 68 29.82 -67.62 -21.99
N CYS G 69 29.08 -68.38 -22.79
CA CYS G 69 28.96 -68.14 -24.23
C CYS G 69 27.51 -67.88 -24.60
N PRO G 70 27.25 -67.01 -25.60
CA PRO G 70 25.86 -66.63 -25.91
C PRO G 70 24.95 -67.72 -26.45
N ALA G 71 25.34 -68.25 -27.61
CA ALA G 71 24.55 -69.21 -28.35
C ALA G 71 25.48 -70.34 -28.75
N GLY G 72 25.12 -71.11 -29.75
CA GLY G 72 26.09 -72.03 -30.31
C GLY G 72 27.19 -71.35 -31.10
N TRP G 73 28.07 -70.62 -30.41
CA TRP G 73 29.30 -70.15 -31.02
C TRP G 73 30.49 -70.83 -30.35
N GLU G 74 30.73 -70.48 -29.08
CA GLU G 74 31.66 -71.09 -28.13
C GLU G 74 33.13 -71.23 -28.55
N GLY G 75 33.48 -70.86 -29.79
CA GLY G 75 34.84 -70.82 -30.28
C GLY G 75 35.08 -69.72 -31.28
N THR G 76 34.06 -68.92 -31.56
CA THR G 76 34.12 -67.91 -32.60
C THR G 76 34.74 -66.64 -32.01
N TRP G 77 34.72 -65.56 -32.80
CA TRP G 77 35.27 -64.28 -32.38
C TRP G 77 34.44 -63.63 -31.28
N VAL G 78 33.17 -64.03 -31.14
CA VAL G 78 32.30 -63.45 -30.12
C VAL G 78 32.75 -63.88 -28.73
N CYS G 79 33.35 -65.06 -28.63
CA CYS G 79 33.73 -65.62 -27.34
C CYS G 79 35.20 -65.49 -27.03
N GLN G 80 35.97 -64.74 -27.84
CA GLN G 80 37.41 -64.70 -27.67
C GLN G 80 37.78 -63.76 -26.53
N ALA G 81 38.84 -64.13 -25.79
CA ALA G 81 39.22 -63.35 -24.61
C ALA G 81 40.06 -62.13 -24.99
N ASP G 82 41.11 -62.33 -25.79
CA ASP G 82 41.95 -61.24 -26.25
C ASP G 82 41.34 -60.61 -27.49
N LYS G 83 41.30 -59.27 -27.52
CA LYS G 83 40.55 -58.58 -28.56
C LYS G 83 41.36 -58.42 -29.84
N ALA G 84 42.69 -58.60 -29.75
CA ALA G 84 43.51 -58.55 -30.94
C ALA G 84 43.34 -59.81 -31.78
N LYS G 85 43.08 -60.93 -31.13
CA LYS G 85 42.76 -62.16 -31.85
C LYS G 85 41.33 -62.13 -32.37
N ALA G 86 40.43 -61.52 -31.61
CA ALA G 86 39.01 -61.48 -31.99
C ALA G 86 38.77 -60.56 -33.18
N LEU G 87 39.66 -59.59 -33.38
CA LEU G 87 39.53 -58.72 -34.54
C LEU G 87 39.94 -59.44 -35.82
N GLU G 88 40.95 -60.32 -35.72
CA GLU G 88 41.36 -61.07 -36.89
C GLU G 88 40.38 -62.18 -37.22
N MET G 89 39.74 -62.75 -36.19
CA MET G 89 38.75 -63.80 -36.45
C MET G 89 37.46 -63.23 -36.99
N TYR G 90 37.16 -61.97 -36.67
CA TYR G 90 35.93 -61.35 -37.16
C TYR G 90 36.05 -61.00 -38.65
N LYS G 91 37.25 -60.67 -39.10
CA LYS G 91 37.44 -60.28 -40.50
C LYS G 91 37.27 -61.47 -41.43
N GLU G 92 37.60 -62.68 -40.97
CA GLU G 92 37.33 -63.87 -41.75
C GLU G 92 35.84 -64.20 -41.75
N TRP G 93 35.16 -63.92 -40.65
CA TRP G 93 33.73 -64.19 -40.55
C TRP G 93 32.91 -63.18 -41.33
N LYS G 94 33.46 -61.97 -41.54
CA LYS G 94 32.69 -60.90 -42.14
C LYS G 94 32.62 -61.05 -43.66
N LYS G 95 33.71 -61.50 -44.28
CA LYS G 95 33.75 -61.62 -45.74
C LYS G 95 32.86 -62.75 -46.22
N SER G 96 32.72 -63.81 -45.42
CA SER G 96 31.78 -64.88 -45.75
C SER G 96 30.35 -64.41 -45.55
N ASN G 97 30.06 -63.76 -44.41
CA ASN G 97 28.71 -63.33 -44.08
C ASN G 97 28.50 -61.84 -44.32
N SER H 95 19.36 -4.13 -21.69
CA SER H 95 19.04 -2.96 -20.90
C SER H 95 17.64 -3.08 -20.30
N SER H 96 16.82 -3.93 -20.90
CA SER H 96 15.47 -4.20 -20.43
C SER H 96 15.47 -5.54 -19.69
N VAL H 97 15.35 -5.48 -18.37
CA VAL H 97 15.35 -6.70 -17.58
C VAL H 97 14.00 -7.38 -17.67
N ARG H 98 13.99 -8.68 -17.42
CA ARG H 98 12.76 -9.45 -17.55
C ARG H 98 11.85 -9.23 -16.35
N ASP H 99 10.57 -9.49 -16.54
CA ASP H 99 9.60 -9.40 -15.46
C ASP H 99 9.50 -10.74 -14.74
N VAL H 100 9.38 -10.68 -13.43
CA VAL H 100 9.36 -11.87 -12.58
C VAL H 100 8.01 -11.95 -11.90
N LYS H 101 7.44 -13.16 -11.86
CA LYS H 101 6.27 -13.42 -11.04
C LYS H 101 6.69 -13.57 -9.59
N THR H 102 6.00 -12.87 -8.69
CA THR H 102 6.24 -13.07 -7.27
C THR H 102 5.74 -14.44 -6.85
N GLY H 103 6.48 -15.06 -5.93
CA GLY H 103 6.08 -16.36 -5.44
C GLY H 103 6.36 -17.50 -6.38
N SER H 104 7.25 -17.31 -7.34
CA SER H 104 7.64 -18.40 -8.23
C SER H 104 8.44 -19.43 -7.46
N LEU H 105 8.26 -20.70 -7.85
CA LEU H 105 8.98 -21.81 -7.20
C LEU H 105 10.50 -21.70 -7.22
N PRO H 106 11.18 -21.24 -8.29
CA PRO H 106 12.63 -21.06 -8.14
C PRO H 106 13.02 -19.89 -7.26
N THR H 107 12.15 -18.89 -7.11
CA THR H 107 12.43 -17.80 -6.19
C THR H 107 12.27 -18.26 -4.75
N ASN H 108 11.27 -19.08 -4.48
CA ASN H 108 11.03 -19.57 -3.13
C ASN H 108 12.06 -20.62 -2.74
N PHE H 109 12.53 -21.40 -3.71
CA PHE H 109 13.57 -22.38 -3.42
C PHE H 109 14.91 -21.69 -3.15
N LEU H 110 15.24 -20.68 -3.95
CA LEU H 110 16.52 -20.00 -3.75
C LEU H 110 16.49 -19.07 -2.54
N THR H 111 15.30 -18.68 -2.09
CA THR H 111 15.21 -17.91 -0.86
C THR H 111 15.49 -18.79 0.35
N GLY H 112 14.92 -19.98 0.39
CA GLY H 112 15.18 -20.89 1.50
C GLY H 112 16.58 -21.46 1.48
N VAL H 113 17.17 -21.59 0.30
CA VAL H 113 18.53 -22.09 0.20
C VAL H 113 19.52 -21.05 0.68
N TYR H 114 19.36 -19.80 0.23
CA TYR H 114 20.26 -18.72 0.64
C TYR H 114 20.14 -18.44 2.12
N ARG H 115 18.93 -18.49 2.66
CA ARG H 115 18.74 -18.24 4.09
C ARG H 115 19.28 -19.37 4.94
N PHE H 116 19.45 -20.56 4.36
CA PHE H 116 20.05 -21.67 5.10
C PHE H 116 21.56 -21.48 5.24
N TRP H 117 22.23 -21.05 4.17
CA TRP H 117 23.68 -20.89 4.26
C TRP H 117 24.05 -19.59 4.95
N ARG H 118 23.13 -18.63 4.96
CA ARG H 118 23.30 -17.43 5.79
C ARG H 118 23.09 -17.77 7.26
N SER H 119 22.33 -18.83 7.53
CA SER H 119 22.07 -19.25 8.91
C SER H 119 23.27 -19.95 9.53
N GLN H 120 24.24 -20.33 8.71
CA GLN H 120 25.37 -21.12 9.20
C GLN H 120 26.38 -20.27 9.96
N ASN H 121 26.52 -19.01 9.57
CA ASN H 121 27.40 -18.07 10.25
C ASN H 121 26.57 -16.87 10.69
N PRO H 122 25.85 -16.98 11.81
CA PRO H 122 25.01 -15.88 12.25
C PRO H 122 25.82 -14.76 12.88
N ALA H 123 25.26 -13.55 12.82
CA ALA H 123 25.91 -12.41 13.43
C ALA H 123 25.80 -12.48 14.95
N GLU H 124 26.82 -11.99 15.62
CA GLU H 124 26.87 -12.04 17.07
C GLU H 124 26.00 -10.94 17.68
N LYS H 125 25.30 -11.28 18.74
CA LYS H 125 24.49 -10.31 19.45
C LYS H 125 25.38 -9.37 20.25
N PRO H 126 25.25 -8.05 20.07
CA PRO H 126 26.11 -7.12 20.81
C PRO H 126 25.67 -6.99 22.26
N HIS H 127 26.51 -6.33 23.04
CA HIS H 127 26.19 -6.11 24.45
C HIS H 127 25.12 -5.03 24.60
N ASP H 128 25.25 -3.95 23.86
CA ASP H 128 24.30 -2.85 23.91
C ASP H 128 23.02 -3.21 23.14
N PRO H 129 21.89 -2.59 23.49
CA PRO H 129 20.70 -2.75 22.65
C PRO H 129 20.88 -2.06 21.31
N VAL H 130 20.36 -2.68 20.26
CA VAL H 130 20.52 -2.14 18.92
C VAL H 130 19.53 -0.99 18.73
N ASN H 131 20.06 0.20 18.52
CA ASN H 131 19.27 1.39 18.24
C ASN H 131 20.07 2.25 17.28
N ASP H 132 19.69 3.52 17.14
CA ASP H 132 20.39 4.41 16.20
C ASP H 132 21.82 4.69 16.65
N ARG H 133 22.10 4.54 17.93
CA ARG H 133 23.48 4.63 18.40
C ARG H 133 24.29 3.43 17.94
N LEU H 134 23.71 2.23 17.98
CA LEU H 134 24.42 1.00 17.66
C LEU H 134 24.23 0.56 16.22
N LEU H 135 23.37 1.22 15.45
CA LEU H 135 23.16 0.87 14.05
C LEU H 135 24.39 0.99 13.16
N PRO H 136 25.27 2.00 13.28
CA PRO H 136 26.47 1.95 12.42
C PRO H 136 27.45 0.87 12.81
N ALA H 137 27.46 0.47 14.07
CA ALA H 137 28.34 -0.61 14.51
C ALA H 137 27.83 -1.95 14.05
N VAL H 138 26.52 -2.05 13.80
CA VAL H 138 25.95 -3.29 13.27
C VAL H 138 26.21 -3.39 11.77
N VAL H 139 26.12 -2.25 11.07
CA VAL H 139 26.40 -2.22 9.64
C VAL H 139 27.89 -2.45 9.38
N ASP H 140 28.75 -1.89 10.23
CA ASP H 140 30.18 -2.07 10.06
C ASP H 140 30.61 -3.49 10.41
N ALA H 141 29.95 -4.12 11.39
CA ALA H 141 30.22 -5.52 11.68
C ALA H 141 29.72 -6.42 10.57
N SER H 142 28.69 -5.99 9.85
CA SER H 142 28.23 -6.73 8.68
C SER H 142 29.17 -6.52 7.50
N ASP H 143 29.84 -5.38 7.46
CA ASP H 143 30.81 -5.12 6.40
C ASP H 143 32.08 -5.95 6.59
N LYS H 144 32.46 -6.19 7.85
CA LYS H 144 33.67 -6.96 8.12
C LYS H 144 33.41 -8.45 8.01
N ARG H 145 32.15 -8.84 8.01
CA ARG H 145 31.81 -10.25 7.81
C ARG H 145 31.92 -10.61 6.34
N ALA H 146 32.46 -11.79 6.08
CA ALA H 146 32.57 -12.26 4.71
C ALA H 146 31.20 -12.72 4.22
N SER H 147 31.05 -12.77 2.90
CA SER H 147 29.79 -13.16 2.27
C SER H 147 29.70 -14.68 2.16
N ILE H 148 29.84 -15.35 3.31
CA ILE H 148 29.81 -16.81 3.34
C ILE H 148 28.42 -17.33 3.02
N GLY H 149 27.39 -16.53 3.32
CA GLY H 149 26.05 -16.89 2.91
C GLY H 149 25.90 -16.89 1.41
N THR H 150 26.54 -15.94 0.73
CA THR H 150 26.50 -15.88 -0.73
C THR H 150 27.44 -16.91 -1.35
N TRP H 151 28.61 -17.11 -0.75
CA TRP H 151 29.59 -18.04 -1.30
C TRP H 151 29.13 -19.48 -1.18
N ALA H 152 28.46 -19.83 -0.08
CA ALA H 152 28.07 -21.22 0.12
C ALA H 152 26.90 -21.61 -0.78
N THR H 153 25.99 -20.67 -1.06
CA THR H 153 24.91 -20.99 -1.99
C THR H 153 25.36 -20.84 -3.42
N THR H 154 26.49 -20.17 -3.64
CA THR H 154 27.16 -20.28 -4.93
C THR H 154 27.73 -21.68 -5.10
N PHE H 155 28.44 -22.17 -4.09
CA PHE H 155 29.04 -23.49 -4.15
C PHE H 155 28.02 -24.61 -3.99
N PHE H 156 26.87 -24.34 -3.36
CA PHE H 156 25.84 -25.37 -3.31
C PHE H 156 25.18 -25.53 -4.67
N CYS H 157 24.82 -24.42 -5.30
CA CYS H 157 24.13 -24.49 -6.59
C CYS H 157 25.04 -24.93 -7.72
N THR H 158 26.32 -24.59 -7.66
CA THR H 158 27.20 -24.99 -8.75
C THR H 158 27.64 -26.44 -8.64
N ILE H 159 27.46 -27.08 -7.50
CA ILE H 159 27.86 -28.47 -7.32
C ILE H 159 26.67 -29.41 -7.43
N ILE H 160 25.52 -29.02 -6.88
CA ILE H 160 24.33 -29.84 -7.05
C ILE H 160 23.82 -29.79 -8.49
N SER H 161 24.16 -28.76 -9.27
CA SER H 161 23.88 -28.81 -10.68
C SER H 161 24.87 -29.69 -11.41
N CYS H 162 26.13 -29.68 -10.98
CA CYS H 162 27.15 -30.50 -11.62
C CYS H 162 27.01 -31.96 -11.22
N ASN H 163 26.58 -32.23 -9.98
CA ASN H 163 26.44 -33.61 -9.53
C ASN H 163 25.24 -34.29 -10.20
N LEU H 164 24.16 -33.53 -10.41
CA LEU H 164 22.97 -34.13 -11.01
C LEU H 164 23.11 -34.27 -12.52
N LEU H 165 24.13 -33.65 -13.12
CA LEU H 165 24.44 -33.94 -14.51
C LEU H 165 24.96 -35.36 -14.69
N GLY H 166 25.59 -35.91 -13.65
CA GLY H 166 26.04 -37.29 -13.73
C GLY H 166 24.90 -38.30 -13.70
N LEU H 167 23.71 -37.85 -13.31
CA LEU H 167 22.56 -38.74 -13.24
C LEU H 167 21.61 -38.50 -14.41
N MET H 168 21.86 -37.50 -15.23
CA MET H 168 21.07 -37.30 -16.42
C MET H 168 21.57 -38.23 -17.52
N PRO H 169 20.67 -38.75 -18.36
CA PRO H 169 21.12 -39.60 -19.47
C PRO H 169 21.90 -38.80 -20.50
N PHE H 170 22.84 -39.50 -21.15
CA PHE H 170 23.81 -38.93 -22.11
C PHE H 170 24.64 -37.82 -21.50
N ASN H 171 24.95 -37.91 -20.21
CA ASN H 171 25.62 -36.83 -19.52
C ASN H 171 26.44 -37.40 -18.38
N GLU H 172 27.55 -36.74 -18.08
CA GLU H 172 28.41 -37.09 -16.96
C GLU H 172 28.59 -35.87 -16.07
N ALA H 173 29.04 -36.12 -14.86
CA ALA H 173 29.19 -35.03 -13.90
C ALA H 173 30.52 -34.32 -14.14
N PRO H 174 30.52 -32.98 -14.17
CA PRO H 174 31.81 -32.26 -14.19
C PRO H 174 32.63 -32.49 -12.94
N THR H 175 31.99 -32.69 -11.79
CA THR H 175 32.71 -32.95 -10.55
C THR H 175 33.22 -34.37 -10.43
N SER H 176 33.02 -35.22 -11.44
CA SER H 176 33.69 -36.50 -11.48
C SER H 176 35.09 -36.39 -12.06
N GLY H 177 35.46 -35.25 -12.61
CA GLY H 177 36.82 -34.99 -13.03
C GLY H 177 37.62 -34.44 -11.87
N LEU H 178 38.92 -34.74 -11.86
CA LEU H 178 39.76 -34.44 -10.71
C LEU H 178 40.02 -32.94 -10.57
N GLY H 179 40.31 -32.27 -11.69
CA GLY H 179 40.68 -30.86 -11.60
C GLY H 179 39.49 -29.95 -11.34
N PHE H 180 38.29 -30.40 -11.69
CA PHE H 180 37.09 -29.62 -11.42
C PHE H 180 36.72 -29.68 -9.94
N ALA H 181 36.60 -30.89 -9.41
CA ALA H 181 36.09 -31.07 -8.05
C ALA H 181 37.13 -30.66 -7.01
N THR H 182 38.39 -31.01 -7.24
CA THR H 182 39.42 -30.57 -6.30
C THR H 182 39.78 -29.11 -6.55
N GLY H 183 39.53 -28.61 -7.76
CA GLY H 183 39.75 -27.20 -8.03
C GLY H 183 38.78 -26.30 -7.28
N LEU H 184 37.58 -26.82 -6.99
CA LEU H 184 36.64 -26.08 -6.15
C LEU H 184 37.05 -26.14 -4.69
N GLY H 185 37.63 -27.27 -4.26
CA GLY H 185 37.98 -27.44 -2.86
C GLY H 185 39.23 -26.67 -2.46
N VAL H 186 40.20 -26.57 -3.37
CA VAL H 186 41.35 -25.72 -3.10
C VAL H 186 40.94 -24.25 -3.19
N SER H 187 39.94 -23.93 -4.00
CA SER H 187 39.47 -22.55 -4.11
C SER H 187 38.75 -22.10 -2.85
N VAL H 188 38.04 -22.99 -2.19
CA VAL H 188 37.41 -22.66 -0.91
C VAL H 188 38.47 -22.49 0.17
N TRP H 189 39.46 -23.40 0.19
CA TRP H 189 40.53 -23.33 1.16
C TRP H 189 41.39 -22.09 0.96
N ALA H 190 41.60 -21.69 -0.30
CA ALA H 190 42.34 -20.46 -0.54
C ALA H 190 41.50 -19.24 -0.23
N THR H 191 40.18 -19.35 -0.34
CA THR H 191 39.30 -18.26 0.04
C THR H 191 39.30 -18.07 1.54
N ALA H 192 39.31 -19.16 2.30
CA ALA H 192 39.37 -19.07 3.76
C ALA H 192 40.74 -18.59 4.23
N THR H 193 41.80 -18.98 3.53
CA THR H 193 43.13 -18.56 3.92
C THR H 193 43.37 -17.09 3.63
N ILE H 194 42.91 -16.62 2.46
CA ILE H 194 43.07 -15.21 2.10
C ILE H 194 42.25 -14.32 3.03
N LEU H 195 41.07 -14.79 3.44
CA LEU H 195 40.28 -14.08 4.44
C LEU H 195 40.99 -14.05 5.78
N GLY H 196 41.61 -15.16 6.18
CA GLY H 196 42.36 -15.18 7.41
C GLY H 196 43.64 -14.37 7.37
N LEU H 197 44.30 -14.34 6.21
CA LEU H 197 45.52 -13.56 6.07
C LEU H 197 45.26 -12.07 5.95
N SER H 198 44.11 -11.67 5.43
CA SER H 198 43.79 -10.26 5.31
C SER H 198 43.46 -9.60 6.64
N LYS H 199 43.17 -10.40 7.67
CA LYS H 199 42.95 -9.84 8.98
C LYS H 199 44.24 -9.38 9.62
N THR H 200 45.27 -10.22 9.61
CA THR H 200 46.45 -9.94 10.43
C THR H 200 47.41 -8.98 9.75
N GLY H 201 48.12 -9.43 8.72
CA GLY H 201 49.05 -8.56 8.02
C GLY H 201 49.36 -8.92 6.59
N PHE H 202 48.62 -9.89 6.04
CA PHE H 202 49.09 -10.74 4.93
C PHE H 202 50.46 -11.33 5.23
N LYS H 203 50.63 -11.79 6.47
CA LYS H 203 51.83 -12.49 6.90
C LYS H 203 51.43 -13.87 7.42
N PHE H 204 52.21 -14.88 7.06
CA PHE H 204 51.84 -16.26 7.31
C PHE H 204 52.20 -16.67 8.73
N PRO H 205 51.23 -17.11 9.55
CA PRO H 205 51.54 -17.61 10.90
C PRO H 205 51.89 -19.10 10.87
N PHE H 219 56.81 -24.63 19.65
CA PHE H 219 57.97 -24.61 18.76
C PHE H 219 57.76 -25.58 17.59
N ILE H 220 57.84 -26.87 17.89
CA ILE H 220 57.62 -27.92 16.90
C ILE H 220 56.16 -28.36 16.80
N PHE H 221 55.26 -27.65 17.47
CA PHE H 221 53.84 -28.01 17.41
C PHE H 221 53.17 -27.45 16.16
N VAL H 222 53.41 -26.18 15.86
CA VAL H 222 52.80 -25.51 14.71
C VAL H 222 53.14 -26.07 13.32
N PRO H 223 54.24 -26.79 13.06
CA PRO H 223 54.28 -27.54 11.78
C PRO H 223 53.27 -28.67 11.69
N LEU H 224 52.87 -29.27 12.81
CA LEU H 224 51.89 -30.35 12.76
C LEU H 224 50.47 -29.81 12.62
N GLU H 225 50.19 -28.63 13.19
CA GLU H 225 48.87 -28.03 13.01
C GLU H 225 48.73 -27.44 11.61
N THR H 226 49.85 -27.13 10.94
CA THR H 226 49.77 -26.64 9.57
C THR H 226 49.37 -27.75 8.61
N ILE H 227 49.83 -28.98 8.87
CA ILE H 227 49.49 -30.11 8.02
C ILE H 227 48.00 -30.44 8.12
N SER H 228 47.42 -30.26 9.31
CA SER H 228 45.99 -30.48 9.46
C SER H 228 45.18 -29.39 8.77
N TYR H 229 45.76 -28.18 8.65
CA TYR H 229 45.06 -27.10 7.98
C TYR H 229 45.17 -27.25 6.46
N THR H 230 46.35 -27.55 5.94
CA THR H 230 46.51 -27.65 4.49
C THR H 230 45.99 -28.96 3.95
N PHE H 231 45.60 -29.91 4.80
CA PHE H 231 44.90 -31.09 4.32
C PHE H 231 43.45 -30.78 4.00
N ARG H 232 42.91 -29.67 4.52
CA ARG H 232 41.57 -29.25 4.15
C ARG H 232 41.50 -28.81 2.69
N ALA H 233 42.63 -28.38 2.13
CA ALA H 233 42.70 -28.07 0.70
C ALA H 233 42.49 -29.32 -0.13
N VAL H 234 43.12 -30.42 0.27
CA VAL H 234 42.98 -31.67 -0.46
C VAL H 234 41.63 -32.30 -0.18
N SER H 235 41.28 -32.46 1.10
CA SER H 235 40.20 -33.35 1.48
C SER H 235 38.82 -32.79 1.13
N LEU H 236 38.72 -31.47 0.97
CA LEU H 236 37.42 -30.89 0.65
C LEU H 236 37.04 -31.18 -0.81
N GLY H 237 38.01 -31.13 -1.70
CA GLY H 237 37.72 -31.40 -3.10
C GLY H 237 37.81 -32.87 -3.45
N VAL H 238 38.66 -33.62 -2.75
CA VAL H 238 38.83 -35.04 -3.04
C VAL H 238 37.61 -35.83 -2.59
N ARG H 239 37.01 -35.44 -1.45
CA ARG H 239 35.77 -36.08 -0.99
C ARG H 239 34.63 -35.85 -1.97
N LEU H 240 34.63 -34.70 -2.64
CA LEU H 240 33.67 -34.47 -3.72
C LEU H 240 34.01 -35.32 -4.94
N TRP H 241 35.30 -35.44 -5.26
CA TRP H 241 35.71 -36.11 -6.49
C TRP H 241 35.54 -37.61 -6.39
N VAL H 242 35.95 -38.22 -5.25
CA VAL H 242 35.87 -39.66 -5.10
C VAL H 242 34.43 -40.12 -5.01
N ASN H 243 33.55 -39.31 -4.40
CA ASN H 243 32.15 -39.69 -4.30
C ASN H 243 31.45 -39.66 -5.65
N MET H 244 31.90 -38.77 -6.54
CA MET H 244 31.32 -38.74 -7.88
C MET H 244 31.98 -39.78 -8.78
N LEU H 245 33.17 -40.24 -8.40
CA LEU H 245 33.90 -41.19 -9.23
C LEU H 245 33.61 -42.63 -8.82
N ALA H 246 33.67 -42.93 -7.52
CA ALA H 246 33.59 -44.31 -7.06
C ALA H 246 32.17 -44.85 -7.18
N GLY H 247 31.17 -43.97 -7.11
CA GLY H 247 29.81 -44.42 -7.33
C GLY H 247 29.52 -44.70 -8.79
N HIS H 248 30.14 -43.92 -9.69
CA HIS H 248 29.95 -44.14 -11.12
C HIS H 248 30.81 -45.28 -11.62
N THR H 249 31.98 -45.51 -11.00
CA THR H 249 32.82 -46.63 -11.37
C THR H 249 32.17 -47.94 -10.96
N LEU H 250 31.55 -47.97 -9.78
CA LEU H 250 30.85 -49.17 -9.33
C LEU H 250 29.62 -49.44 -10.18
N LEU H 251 29.01 -48.38 -10.71
CA LEU H 251 27.89 -48.54 -11.63
C LEU H 251 28.37 -49.11 -12.96
N HIS H 252 29.59 -48.80 -13.36
CA HIS H 252 30.11 -49.28 -14.64
C HIS H 252 30.46 -50.77 -14.56
N ILE H 253 30.98 -51.21 -13.42
CA ILE H 253 31.35 -52.61 -13.25
C ILE H 253 30.11 -53.48 -13.17
N LEU H 254 29.11 -53.03 -12.41
CA LEU H 254 27.93 -53.85 -12.18
C LEU H 254 27.00 -53.86 -13.40
N THR H 255 27.07 -52.82 -14.24
CA THR H 255 26.30 -52.86 -15.48
C THR H 255 26.93 -53.83 -16.46
N GLY H 256 28.25 -53.97 -16.40
CA GLY H 256 28.91 -54.97 -17.23
C GLY H 256 28.61 -56.39 -16.78
N MET H 257 28.57 -56.62 -15.47
CA MET H 257 28.23 -57.94 -14.97
C MET H 257 26.74 -58.24 -15.15
N ALA H 258 25.90 -57.20 -15.15
CA ALA H 258 24.48 -57.41 -15.44
C ALA H 258 24.25 -57.64 -16.92
N LEU H 259 25.17 -57.18 -17.77
CA LEU H 259 25.01 -57.35 -19.20
C LEU H 259 25.47 -58.75 -19.62
N ALA H 260 26.26 -59.42 -18.78
CA ALA H 260 26.80 -60.72 -19.14
C ALA H 260 25.73 -61.80 -19.06
N LEU H 261 24.67 -61.56 -18.31
CA LEU H 261 23.60 -62.56 -18.20
C LEU H 261 22.71 -62.61 -19.45
N PRO H 262 22.10 -61.52 -19.96
CA PRO H 262 21.27 -61.70 -21.16
C PRO H 262 22.08 -61.87 -22.43
N PHE H 263 23.36 -61.50 -22.40
CA PHE H 263 24.23 -61.79 -23.53
C PHE H 263 24.48 -63.29 -23.64
N SER H 264 24.74 -63.94 -22.50
CA SER H 264 25.09 -65.35 -22.52
C SER H 264 23.86 -66.24 -22.44
N LEU H 265 22.90 -65.89 -21.58
CA LEU H 265 21.75 -66.74 -21.32
C LEU H 265 20.49 -66.30 -22.04
N GLY H 266 20.61 -65.80 -23.26
CA GLY H 266 19.43 -65.43 -24.02
C GLY H 266 18.86 -64.10 -23.61
N PHE H 267 18.25 -63.41 -24.58
CA PHE H 267 17.76 -62.06 -24.34
C PHE H 267 16.52 -62.08 -23.46
N PHE H 268 15.44 -62.69 -23.95
CA PHE H 268 14.26 -62.88 -23.14
C PHE H 268 14.09 -64.33 -22.71
N SER H 269 15.18 -65.10 -22.65
CA SER H 269 15.09 -66.51 -22.30
C SER H 269 14.77 -66.69 -20.82
N MET H 270 15.67 -66.23 -19.94
CA MET H 270 15.47 -66.38 -18.51
C MET H 270 15.53 -65.00 -17.85
N VAL H 271 14.41 -64.63 -17.22
CA VAL H 271 14.26 -63.36 -16.53
C VAL H 271 14.79 -63.25 -15.09
N PRO H 272 14.65 -64.26 -14.15
CA PRO H 272 14.78 -63.90 -12.72
C PRO H 272 16.19 -63.58 -12.24
N ALA H 273 17.21 -64.03 -12.97
CA ALA H 273 18.58 -63.70 -12.56
C ALA H 273 18.96 -62.30 -13.00
N THR H 274 18.50 -61.87 -14.19
CA THR H 274 18.80 -60.52 -14.64
C THR H 274 17.81 -59.52 -14.05
N PHE H 275 16.74 -59.99 -13.43
CA PHE H 275 15.85 -59.10 -12.69
C PHE H 275 16.49 -58.69 -11.36
N GLY H 276 17.17 -59.62 -10.70
CA GLY H 276 17.72 -59.32 -9.38
C GLY H 276 18.95 -58.44 -9.45
N VAL H 277 19.66 -58.46 -10.58
CA VAL H 277 20.82 -57.58 -10.71
C VAL H 277 20.40 -56.22 -11.25
N CYS H 278 19.26 -56.16 -11.96
CA CYS H 278 18.77 -54.88 -12.43
C CYS H 278 18.04 -54.13 -11.32
N CYS H 279 17.67 -54.84 -10.25
CA CYS H 279 17.13 -54.18 -9.07
C CYS H 279 18.24 -53.58 -8.23
N LEU H 280 19.36 -54.28 -8.10
CA LEU H 280 20.49 -53.75 -7.36
C LEU H 280 21.16 -52.61 -8.13
N LEU H 281 21.14 -52.69 -9.46
CA LEU H 281 21.64 -51.59 -10.27
C LEU H 281 20.74 -50.37 -10.17
N SER H 282 19.43 -50.58 -10.06
CA SER H 282 18.50 -49.45 -9.98
C SER H 282 18.53 -48.81 -8.60
N ALA H 283 18.91 -49.58 -7.58
CA ALA H 283 19.04 -49.00 -6.24
C ALA H 283 20.36 -48.26 -6.09
N LEU H 284 21.32 -48.56 -6.97
CA LEU H 284 22.60 -47.87 -6.91
C LEU H 284 22.52 -46.50 -7.56
N VAL H 285 21.72 -46.36 -8.62
CA VAL H 285 21.51 -45.05 -9.22
C VAL H 285 20.69 -44.17 -8.29
N GLY H 286 19.78 -44.77 -7.53
CA GLY H 286 19.06 -44.02 -6.51
C GLY H 286 19.94 -43.64 -5.34
N LEU H 287 20.97 -44.45 -5.07
CA LEU H 287 21.95 -44.07 -4.06
C LEU H 287 22.86 -42.96 -4.57
N GLU H 288 23.12 -42.95 -5.89
CA GLU H 288 23.92 -41.88 -6.46
C GLU H 288 23.14 -40.58 -6.55
N TYR H 289 21.81 -40.66 -6.53
CA TYR H 289 21.00 -39.46 -6.41
C TYR H 289 21.12 -38.87 -5.01
N LEU H 290 21.22 -39.73 -4.00
CA LEU H 290 21.33 -39.26 -2.63
C LEU H 290 22.72 -38.70 -2.35
N VAL H 291 23.74 -39.31 -2.95
CA VAL H 291 25.11 -38.83 -2.77
C VAL H 291 25.32 -37.51 -3.49
N ALA H 292 24.64 -37.32 -4.62
CA ALA H 292 24.76 -36.08 -5.39
C ALA H 292 24.22 -34.88 -4.63
N VAL H 293 23.17 -35.08 -3.84
CA VAL H 293 22.61 -33.99 -3.05
C VAL H 293 23.40 -33.83 -1.75
N LEU H 294 23.85 -34.93 -1.16
CA LEU H 294 24.54 -34.87 0.12
C LEU H 294 25.94 -34.29 -0.02
N GLN H 295 26.64 -34.62 -1.12
CA GLN H 295 28.01 -34.13 -1.26
C GLN H 295 28.05 -32.67 -1.65
N SER H 296 26.98 -32.16 -2.24
CA SER H 296 26.87 -30.73 -2.43
C SER H 296 26.56 -30.01 -1.13
N GLY H 297 25.86 -30.69 -0.23
CA GLY H 297 25.56 -30.14 1.07
C GLY H 297 26.74 -30.19 2.01
N VAL H 298 27.46 -31.31 2.00
CA VAL H 298 28.64 -31.49 2.86
C VAL H 298 29.74 -30.51 2.47
N PHE H 299 29.88 -30.24 1.16
CA PHE H 299 30.87 -29.28 0.68
C PHE H 299 30.57 -27.87 1.17
N SER H 300 29.30 -27.49 1.15
CA SER H 300 28.97 -26.12 1.48
C SER H 300 28.81 -25.94 2.99
N ILE H 301 28.49 -27.01 3.71
CA ILE H 301 28.55 -26.98 5.16
C ILE H 301 29.98 -26.78 5.63
N LEU H 302 30.92 -27.51 5.02
CA LEU H 302 32.32 -27.40 5.40
C LEU H 302 32.92 -26.08 4.94
N SER H 303 32.38 -25.50 3.86
CA SER H 303 32.88 -24.20 3.43
C SER H 303 32.44 -23.10 4.39
N THR H 304 31.26 -23.26 4.99
CA THR H 304 30.84 -22.31 6.03
C THR H 304 31.67 -22.51 7.30
N VAL H 305 32.10 -23.73 7.56
CA VAL H 305 32.91 -24.01 8.74
C VAL H 305 34.32 -23.47 8.55
N TYR H 306 34.90 -23.66 7.37
CA TYR H 306 36.30 -23.29 7.16
C TYR H 306 36.45 -21.77 7.03
N VAL H 307 35.58 -21.15 6.24
CA VAL H 307 35.63 -19.70 6.08
C VAL H 307 35.11 -19.01 7.34
N GLY H 308 34.23 -19.69 8.09
CA GLY H 308 33.66 -19.07 9.28
C GLY H 308 34.63 -19.03 10.46
N GLU H 309 35.76 -19.74 10.35
CA GLU H 309 36.78 -19.66 11.38
C GLU H 309 37.43 -18.29 11.44
N PHE H 310 37.62 -17.67 10.29
CA PHE H 310 38.24 -16.36 10.21
C PHE H 310 37.22 -15.25 10.05
N ASN H 311 35.94 -15.54 10.27
CA ASN H 311 34.88 -14.56 10.12
C ASN H 311 34.58 -13.88 11.45
N HIS H 312 35.62 -13.34 12.06
CA HIS H 312 35.53 -12.74 13.39
C HIS H 312 36.25 -11.41 13.37
N ASP H 313 35.53 -10.35 13.75
CA ASP H 313 36.12 -9.05 13.99
C ASP H 313 35.53 -8.50 15.28
N LYS H 314 36.21 -7.52 15.87
CA LYS H 314 35.73 -6.98 17.12
C LYS H 314 34.68 -5.91 16.85
N PHE H 315 33.64 -5.90 17.68
CA PHE H 315 32.57 -4.94 17.54
C PHE H 315 33.04 -3.55 17.94
N ILE H 316 32.93 -2.60 17.03
CA ILE H 316 33.35 -1.21 17.30
C ILE H 316 32.16 -0.54 17.96
N GLY H 317 32.02 -0.75 19.25
CA GLY H 317 30.91 -0.22 20.00
C GLY H 317 31.12 1.24 20.35
N PRO H 318 30.22 1.77 21.18
CA PRO H 318 30.33 3.18 21.59
C PRO H 318 31.51 3.40 22.51
N ALA H 319 32.37 4.35 22.11
CA ALA H 319 33.50 4.72 22.94
C ALA H 319 33.09 5.69 24.04
N ALA H 320 31.93 6.31 23.89
CA ALA H 320 31.40 7.27 24.84
C ALA H 320 29.91 7.05 24.99
N LYS H 321 29.38 7.31 26.18
CA LYS H 321 28.00 6.99 26.49
C LYS H 321 27.49 7.99 27.53
N ILE H 322 26.23 8.38 27.39
CA ILE H 322 25.53 9.16 28.40
C ILE H 322 24.63 8.19 29.16
N VAL H 323 25.10 7.73 30.32
CA VAL H 323 24.38 6.72 31.08
C VAL H 323 23.32 7.38 31.95
N LYS H 324 22.37 6.57 32.42
CA LYS H 324 21.20 6.98 33.20
C LYS H 324 20.37 8.07 32.51
C48 PEV I . 40.34 -15.27 -25.98
C47 PEV I . 39.63 -15.69 -27.26
C46 PEV I . 38.30 -16.37 -26.98
C45 PEV I . 37.56 -16.79 -28.25
C44 PEV I . 36.41 -17.76 -27.96
C43 PEV I . 35.04 -17.17 -28.27
C42 PEV I . 34.60 -16.13 -27.24
C41 PEV I . 34.19 -14.82 -27.91
C40 PEV I . 33.85 -13.72 -26.90
C39 PEV I . 32.58 -12.97 -27.28
C38 PEV I . 31.35 -13.87 -27.28
C37 PEV I . 30.12 -13.19 -26.67
C36 PEV I . 30.39 -12.71 -25.25
C35 PEV I . 29.12 -12.67 -24.40
C34 PEV I . 29.20 -11.60 -23.31
C33 PEV I . 28.37 -10.37 -23.63
C32 PEV I . 26.86 -10.66 -23.63
C31 PEV I . 26.24 -10.21 -22.32
O31 PEV I . 26.61 -9.20 -21.83
O2 PEV I . 25.29 -11.03 -21.68
C2 PEV I . 23.90 -10.85 -21.85
C1 PEV I . 23.38 -11.73 -22.98
O3P PEV I . 23.42 -13.05 -22.49
P PEV I . 22.18 -14.06 -22.85
O1P PEV I . 22.45 -15.42 -22.27
O2P PEV I . 22.04 -14.17 -24.36
O4P PEV I . 20.79 -13.46 -22.23
C4 PEV I . 19.76 -13.11 -23.10
C5 PEV I . 18.56 -14.01 -22.81
N6 PEV I . 17.35 -13.26 -23.07
C3 PEV I . 23.42 -9.41 -22.01
O3 PEV I . 22.64 -9.05 -20.91
C11 PEV I . 23.30 -9.08 -19.68
O11 PEV I . 22.93 -9.81 -18.82
C12 PEV I . 24.49 -8.17 -19.42
C13 PEV I . 25.24 -8.56 -18.15
C14 PEV I . 26.66 -9.04 -18.44
C15 PEV I . 26.74 -10.54 -18.75
C16 PEV I . 27.67 -11.35 -17.85
C17 PEV I . 28.53 -10.52 -16.91
C18 PEV I . 29.81 -11.24 -16.51
C19 PEV I . 29.56 -12.58 -15.84
C20 PEV I . 30.89 -13.28 -15.62
C21 PEV I . 31.24 -13.49 -14.15
C22 PEV I . 31.80 -12.24 -13.51
C23 PEV I . 32.34 -12.47 -12.11
C24 PEV I . 33.79 -12.93 -12.11
C25 PEV I . 34.71 -12.03 -12.93
C26 PEV I . 36.17 -12.39 -12.75
C48 PEV J . 42.76 -11.24 -6.73
C47 PEV J . 41.57 -11.16 -7.68
C46 PEV J . 41.92 -11.61 -9.10
C45 PEV J . 40.71 -11.60 -10.03
C44 PEV J . 40.87 -12.57 -11.20
C43 PEV J . 39.88 -13.73 -11.14
C42 PEV J . 40.40 -14.99 -11.84
C41 PEV J . 39.51 -16.20 -11.60
C40 PEV J . 38.07 -15.96 -12.04
C39 PEV J . 37.60 -17.01 -13.05
C38 PEV J . 38.13 -16.73 -14.46
C37 PEV J . 39.06 -17.84 -14.96
C36 PEV J . 39.51 -17.60 -16.40
C35 PEV J . 41.03 -17.47 -16.53
C34 PEV J . 41.65 -18.74 -17.10
C33 PEV J . 43.19 -18.66 -17.14
C32 PEV J . 43.84 -19.93 -17.68
C31 PEV J . 45.25 -19.67 -18.18
O31 PEV J . 45.83 -18.68 -17.85
O2 PEV J . 45.90 -20.60 -19.01
C2 PEV J . 45.51 -20.53 -20.35
C1 PEV J . 44.96 -21.89 -20.78
O3P PEV J . 45.29 -22.85 -19.80
P PEV J . 46.01 -24.23 -20.32
O1P PEV J . 46.48 -25.04 -19.13
O2P PEV J . 45.02 -25.05 -21.11
O4P PEV J . 47.30 -23.85 -21.26
C4 PEV J . 48.45 -23.35 -20.63
C5 PEV J . 49.57 -23.22 -21.67
N6 PEV J . 49.87 -24.51 -22.26
C3 PEV J . 46.68 -20.14 -21.24
O3 PEV J . 46.53 -20.74 -22.50
C11 PEV J . 46.80 -19.89 -23.59
O11 PEV J . 47.89 -19.48 -23.76
C12 PEV J . 45.68 -19.50 -24.54
C13 PEV J . 44.84 -18.33 -24.03
C14 PEV J . 43.70 -18.80 -23.12
C15 PEV J . 42.83 -17.66 -22.59
C16 PEV J . 41.69 -18.19 -21.71
C17 PEV J . 40.35 -17.56 -22.05
C18 PEV J . 39.21 -18.10 -21.18
C19 PEV J . 38.69 -17.05 -20.20
C20 PEV J . 37.38 -17.48 -19.55
C21 PEV J . 36.33 -16.36 -19.56
C22 PEV J . 36.03 -15.84 -18.16
C23 PEV J . 34.68 -15.13 -18.09
C24 PEV J . 33.51 -16.06 -18.44
C25 PEV J . 32.43 -16.11 -17.36
C26 PEV J . 33.00 -16.30 -15.95
C48 PEV K . 12.42 -33.59 -10.88
C47 PEV K . 11.38 -34.72 -10.88
C46 PEV K . 11.24 -35.40 -12.24
C45 PEV K . 10.48 -34.54 -13.24
C44 PEV K . 10.48 -35.17 -14.63
C43 PEV K . 11.89 -35.55 -15.12
C42 PEV K . 12.73 -34.34 -15.50
C41 PEV K . 13.20 -34.37 -16.95
C40 PEV K . 12.03 -34.22 -17.93
C39 PEV K . 12.42 -33.47 -19.19
C38 PEV K . 11.52 -32.27 -19.47
C37 PEV K . 12.23 -30.94 -19.25
C36 PEV K . 11.37 -29.72 -19.57
C35 PEV K . 10.63 -29.85 -20.90
C34 PEV K . 11.03 -28.75 -21.88
C33 PEV K . 10.46 -28.96 -23.28
C32 PEV K . 8.94 -28.79 -23.29
C31 PEV K . 8.52 -27.32 -23.25
O31 PEV K . 7.78 -26.96 -22.40
O2 PEV K . 9.02 -26.41 -24.19
C2 PEV K . 9.05 -25.08 -23.77
C1 PEV K . 8.35 -24.18 -24.78
O3P PEV K . 8.74 -22.86 -24.55
P PEV K . 7.76 -21.62 -25.02
O1P PEV K . 6.58 -22.18 -25.78
O2P PEV K . 8.51 -20.67 -25.91
O4P PEV K . 7.23 -20.82 -23.68
C4 PEV K . 7.02 -21.53 -22.50
C5 PEV K . 7.94 -20.97 -21.42
N6 PEV K . 7.37 -21.18 -20.10
C3 PEV K . 10.51 -24.61 -23.64
O3 PEV K . 11.30 -25.71 -23.33
C11 PEV K . 12.67 -25.46 -23.46
O11 PEV K . 13.08 -24.92 -24.43
C12 PEV K . 13.63 -25.87 -22.35
C13 PEV K . 14.83 -26.67 -22.84
C14 PEV K . 15.98 -26.62 -21.84
C15 PEV K . 17.21 -27.41 -22.29
C16 PEV K . 18.49 -26.59 -22.19
C17 PEV K . 19.57 -27.04 -23.17
C18 PEV K . 20.52 -25.90 -23.53
C19 PEV K . 20.99 -25.98 -24.99
C20 PEV K . 21.16 -24.60 -25.63
C21 PEV K . 22.21 -23.74 -24.93
C22 PEV K . 22.59 -22.51 -25.75
C23 PEV K . 22.79 -21.27 -24.87
C24 PEV K . 22.62 -19.97 -25.64
C25 PEV K . 22.72 -18.73 -24.74
C26 PEV K . 22.09 -17.50 -25.37
C48 PEV L . 23.44 -27.49 -15.68
C47 PEV L . 22.08 -28.10 -15.96
C46 PEV L . 21.43 -27.52 -17.21
C45 PEV L . 20.42 -28.48 -17.84
C44 PEV L . 19.45 -27.76 -18.78
C43 PEV L . 17.99 -28.14 -18.54
C42 PEV L . 17.58 -28.03 -17.07
C41 PEV L . 16.29 -27.24 -16.89
C40 PEV L . 15.06 -27.98 -17.41
C39 PEV L . 14.29 -27.18 -18.46
C38 PEV L . 13.63 -25.94 -17.87
C37 PEV L . 12.54 -25.39 -18.79
C36 PEV L . 11.98 -24.06 -18.28
C35 PEV L . 10.45 -24.04 -18.28
C34 PEV L . 9.88 -24.32 -16.89
C33 PEV L . 8.71 -23.39 -16.54
C32 PEV L . 7.57 -23.48 -17.55
C31 PEV L . 6.29 -24.04 -16.93
O31 PEV L . 6.10 -23.87 -15.77
O2 PEV L . 5.34 -24.70 -17.72
C2 PEV L . 5.71 -25.98 -18.18
C1 PEV L . 4.51 -26.62 -18.87
O3P PEV L . 4.17 -25.88 -20.00
P PEV L . 2.70 -25.14 -20.03
O1P PEV L . 2.46 -24.42 -18.72
O2P PEV L . 2.67 -24.13 -21.15
O4P PEV L . 1.52 -26.26 -20.26
C4 PEV L . 0.61 -26.07 -21.30
C5 PEV L . 0.96 -27.02 -22.44
N6 PEV L . 0.94 -28.39 -21.97
C3 PEV L . 6.14 -26.88 -17.04
O3 PEV L . 6.81 -27.99 -17.55
C11 PEV L . 7.25 -28.86 -16.56
O11 PEV L . 6.56 -29.06 -15.61
C12 PEV L . 8.60 -29.55 -16.68
C13 PEV L . 9.65 -28.87 -15.79
C14 PEV L . 10.53 -29.88 -15.06
C15 PEV L . 10.43 -29.73 -13.54
C16 PEV L . 11.57 -30.47 -12.83
C17 PEV L . 12.88 -29.66 -12.83
C18 PEV L . 13.98 -30.38 -12.06
C19 PEV L . 15.02 -29.42 -11.47
C20 PEV L . 15.25 -29.67 -9.98
C21 PEV L . 15.53 -28.37 -9.23
C22 PEV L . 14.56 -28.13 -8.08
C23 PEV L . 14.47 -26.64 -7.70
C24 PEV L . 14.24 -25.75 -8.92
C25 PEV L . 14.64 -24.29 -8.66
C26 PEV L . 16.08 -23.98 -9.02
C1B LMT M . 10.66 -21.21 6.81
C2B LMT M . 9.99 -19.83 6.75
C3B LMT M . 9.06 -19.56 7.98
C4B LMT M . 8.56 -20.87 8.65
C5B LMT M . 9.82 -21.69 9.04
C6B LMT M . 9.46 -23.13 9.36
O1B LMT M . 11.79 -21.24 6.01
O2B LMT M . 11.01 -18.92 6.73
O3B LMT M . 8.03 -18.71 7.66
O4' LMT M . 7.83 -20.60 9.77
O5B LMT M . 10.94 -21.59 8.14
O6B LMT M . 9.47 -23.91 8.23
C1' LMT M . 14.61 -23.84 4.65
C2' LMT M . 13.64 -24.55 5.61
C3' LMT M . 12.47 -23.61 6.03
C4' LMT M . 12.87 -22.12 6.29
C5' LMT M . 13.96 -21.74 5.24
C6' LMT M . 14.46 -20.33 5.34
O1' LMT M . 15.72 -24.60 4.45
O2' LMT M . 13.11 -25.62 4.99
O3' LMT M . 11.88 -24.16 7.12
O5' LMT M . 15.03 -22.64 5.27
O6' LMT M . 13.66 -19.58 4.53
C1 LMT M . 15.80 -25.24 3.20
C2 LMT M . 17.26 -25.35 2.89
C3 LMT M . 17.73 -26.66 2.36
C4 LMT M . 18.78 -26.39 1.31
C5 LMT M . 20.11 -26.82 1.80
C6 LMT M . 20.34 -28.28 1.58
C7 LMT M . 21.45 -28.74 2.48
C8 LMT M . 21.88 -30.10 2.06
C9 LMT M . 22.19 -31.03 3.18
C10 LMT M . 23.29 -30.43 4.01
C11 LMT M . 23.83 -31.41 5.01
C12 LMT M . 24.50 -32.55 4.34
C1B LMT N . 7.05 -25.72 6.68
C2B LMT N . 6.60 -26.21 8.08
C3B LMT N . 5.11 -25.88 8.31
C4B LMT N . 4.20 -26.26 7.10
C5B LMT N . 4.87 -25.88 5.75
C6B LMT N . 4.67 -24.40 5.43
O1B LMT N . 8.41 -25.94 6.45
O2B LMT N . 6.78 -27.57 8.12
O3B LMT N . 4.94 -24.57 8.72
O4' LMT N . 3.92 -27.61 7.12
O5B LMT N . 6.24 -26.25 5.67
O6B LMT N . 3.89 -24.26 4.32
C1' LMT N . 11.15 -28.08 4.21
C2' LMT N . 9.94 -27.59 3.38
C3' LMT N . 9.23 -26.49 4.23
C4' LMT N . 8.82 -27.02 5.62
C5' LMT N . 10.13 -27.62 6.24
C6' LMT N . 10.00 -28.12 7.66
O1' LMT N . 11.89 -29.01 3.54
O2' LMT N . 10.42 -27.05 2.23
O3' LMT N . 8.13 -26.03 3.57
O5' LMT N . 10.66 -28.64 5.43
O6' LMT N . 11.24 -28.55 8.01
C1 LMT N . 13.25 -28.65 3.40
C2 LMT N . 13.71 -29.33 2.15
C3 LMT N . 13.54 -28.58 0.87
C4 LMT N . 14.90 -28.18 0.38
C5 LMT N . 15.53 -29.28 -0.42
C6 LMT N . 16.95 -28.96 -0.77
C7 LMT N . 17.53 -30.06 -1.62
C8 LMT N . 16.89 -30.03 -2.96
C9 LMT N . 17.65 -30.76 -4.02
C10 LMT N . 16.67 -31.08 -5.12
C11 LMT N . 17.37 -31.28 -6.43
C12 LMT N . 17.99 -30.02 -6.93
C48 PEV O . 17.80 -53.75 -3.59
C47 PEV O . 16.57 -53.88 -4.48
C46 PEV O . 15.61 -52.70 -4.32
C45 PEV O . 14.48 -52.73 -5.34
C44 PEV O . 14.78 -51.88 -6.58
C43 PEV O . 14.31 -50.44 -6.43
C42 PEV O . 14.36 -49.66 -7.73
C41 PEV O . 12.98 -49.10 -8.12
C40 PEV O . 12.90 -47.59 -7.95
C39 PEV O . 11.50 -47.12 -7.55
C38 PEV O . 11.30 -47.14 -6.03
C37 PEV O . 9.83 -47.12 -5.64
C36 PEV O . 9.61 -46.84 -4.16
C35 PEV O . 8.21 -47.23 -3.69
C34 PEV O . 7.80 -46.57 -2.37
C33 PEV O . 7.48 -45.08 -2.53
C32 PEV O . 6.22 -44.66 -1.77
C31 PEV O . 5.43 -43.59 -2.53
O31 PEV O . 5.14 -43.79 -3.66
O2 PEV O . 5.01 -42.41 -1.90
C2 PEV O . 5.88 -41.31 -1.75
C1 PEV O . 5.09 -40.01 -1.88
O3P PEV O . 3.79 -40.20 -1.40
P PEV O . 2.55 -40.15 -2.48
O1P PEV O . 2.11 -41.56 -2.81
O2P PEV O . 1.39 -39.40 -1.88
O4P PEV O . 3.03 -39.40 -3.87
C4 PEV O . 2.63 -39.93 -5.10
C5 PEV O . 1.61 -39.01 -5.75
N6 PEV O . 0.69 -38.49 -4.76
C3 PEV O . 7.04 -41.27 -2.76
O3 PEV O . 7.54 -39.96 -2.80
C11 PEV O . 8.91 -39.86 -2.52
O11 PEV O . 9.34 -40.27 -1.50
C12 PEV O . 9.85 -39.21 -3.54
C13 PEV O . 10.63 -40.24 -4.35
C14 PEV O . 11.90 -40.71 -3.64
C15 PEV O . 12.30 -42.12 -4.04
C16 PEV O . 12.21 -43.10 -2.87
C17 PEV O . 13.27 -44.21 -2.94
C18 PEV O . 14.69 -43.67 -3.11
C19 PEV O . 15.65 -44.76 -3.59
C20 PEV O . 16.72 -45.14 -2.56
C21 PEV O . 17.56 -46.33 -3.02
C22 PEV O . 18.85 -46.47 -2.21
C23 PEV O . 19.31 -47.92 -2.10
C24 PEV O . 20.56 -48.08 -1.25
C25 PEV O . 21.06 -49.52 -1.18
C26 PEV O . 21.80 -49.95 -2.44
C48 PEV P . 16.72 -36.95 -21.91
C47 PEV P . 16.86 -36.19 -20.58
C46 PEV P . 18.28 -35.63 -20.39
C45 PEV P . 18.72 -34.76 -21.56
C44 PEV P . 19.62 -33.61 -21.14
C43 PEV P . 20.27 -32.92 -22.35
C42 PEV P . 20.86 -31.55 -22.02
C41 PEV P . 21.64 -31.52 -20.70
C40 PEV P . 22.38 -30.20 -20.50
C39 PEV P . 23.83 -30.26 -20.98
C38 PEV P . 24.64 -29.06 -20.50
C37 PEV P . 26.13 -29.21 -20.83
C36 PEV P . 26.81 -30.22 -19.90
C35 PEV P . 28.30 -29.94 -19.76
C34 PEV P . 28.94 -30.85 -18.71
C33 PEV P . 29.42 -32.17 -19.29
C32 PEV P . 30.51 -32.81 -18.44
C31 PEV P . 31.88 -32.68 -19.09
O31 PEV P . 32.76 -33.41 -18.78
O2 PEV P . 32.09 -31.67 -20.05
C2 PEV P . 33.04 -32.02 -21.02
C1 PEV P . 34.05 -30.87 -21.16
O3P PEV P . 35.28 -31.40 -21.59
P PEV P . 36.38 -31.90 -20.48
O1P PEV P . 35.80 -31.75 -19.09
O2P PEV P . 37.63 -31.06 -20.60
O4P PEV P . 36.77 -33.48 -20.74
C4 PEV P . 35.83 -34.47 -20.43
C5 PEV P . 35.23 -34.99 -21.73
N6 PEV P . 34.52 -36.23 -21.51
C3 PEV P . 32.34 -32.32 -22.34
O3 PEV P . 33.08 -31.81 -23.41
C11 PEV P . 33.68 -32.79 -24.21
O11 PEV P . 33.10 -33.78 -24.48
C12 PEV P . 35.09 -32.55 -24.76
C13 PEV P . 35.11 -31.83 -26.11
C14 PEV P . 34.53 -30.42 -26.06
C15 PEV P . 33.12 -30.34 -26.66
C16 PEV P . 32.50 -28.95 -26.63
C17 PEV P . 32.62 -28.26 -25.27
C18 PEV P . 31.72 -28.87 -24.21
C19 PEV P . 31.03 -27.82 -23.33
C20 PEV P . 30.29 -26.78 -24.16
C21 PEV P . 28.92 -27.28 -24.61
C22 PEV P . 27.97 -26.15 -24.96
C23 PEV P . 26.52 -26.47 -24.59
C24 PEV P . 25.85 -27.36 -25.63
C25 PEV P . 24.35 -27.49 -25.41
C26 PEV P . 24.02 -28.07 -24.05
C48 PEV Q . 5.78 -20.89 -10.35
C47 PEV Q . 6.22 -22.03 -11.26
C46 PEV Q . 6.01 -23.38 -10.58
C45 PEV Q . 6.05 -24.56 -11.54
C44 PEV Q . 5.35 -25.78 -10.97
C43 PEV Q . 6.29 -26.94 -10.65
C42 PEV Q . 5.74 -27.86 -9.56
C41 PEV Q . 6.55 -29.13 -9.40
C40 PEV Q . 7.77 -28.96 -8.51
C39 PEV Q . 9.08 -29.33 -9.20
C38 PEV Q . 9.75 -30.54 -8.55
C37 PEV Q . 11.10 -30.22 -7.92
C36 PEV Q . 11.73 -31.44 -7.26
C35 PEV Q . 12.41 -31.11 -5.93
C34 PEV Q . 12.21 -32.19 -4.88
C33 PEV Q . 12.40 -31.68 -3.45
C32 PEV Q . 11.61 -32.51 -2.44
C31 PEV Q . 11.22 -31.74 -1.17
O31 PEV Q . 10.99 -30.58 -1.24
O2 PEV Q . 11.19 -32.44 0.04
C2 PEV Q . 10.05 -32.40 0.89
C1 PEV Q . 8.69 -32.42 0.19
O3P PEV Q . 7.92 -33.36 0.88
P PEV Q . 6.43 -32.96 1.47
O1P PEV Q . 5.49 -34.10 1.25
O2P PEV Q . 5.93 -31.74 0.72
O4P PEV Q . 6.49 -32.61 3.08
C4 PEV Q . 5.88 -31.44 3.54
C5 PEV Q . 4.78 -31.79 4.54
N6 PEV Q . 3.57 -32.18 3.84
C3 PEV Q . 10.14 -31.22 1.87
O3 PEV Q . 9.10 -31.39 2.78
C11 PEV Q . 9.47 -31.50 4.14
O11 PEV Q . 8.88 -30.87 4.95
C12 PEV Q . 10.60 -32.42 4.57
C13 PEV Q . 10.22 -33.91 4.47
C14 PEV Q . 11.43 -34.82 4.30
C15 PEV Q . 11.82 -35.04 2.84
C16 PEV Q . 13.32 -35.00 2.60
C17 PEV Q . 13.71 -33.99 1.54
C18 PEV Q . 15.08 -34.26 0.91
C19 PEV Q . 14.99 -34.55 -0.59
C20 PEV Q . 16.24 -34.10 -1.34
C21 PEV Q . 16.24 -34.56 -2.80
C22 PEV Q . 17.03 -35.86 -3.00
C23 PEV Q . 16.82 -36.46 -4.38
C24 PEV Q . 17.05 -35.46 -5.52
C25 PEV Q . 16.08 -35.65 -6.67
C26 PEV Q . 16.39 -34.71 -7.83
C1B LMT R . 40.09 -3.90 0.61
C2B LMT R . 39.98 -4.38 2.09
C3B LMT R . 38.69 -5.21 2.28
C4B LMT R . 37.45 -4.43 1.79
C5B LMT R . 37.71 -3.96 0.33
C6B LMT R . 37.47 -2.46 0.21
O1B LMT R . 41.33 -4.18 0.00
O2B LMT R . 41.08 -5.12 2.44
O3B LMT R . 38.56 -5.62 3.58
O4' LMT R . 36.34 -5.24 1.80
O5B LMT R . 38.99 -4.33 -0.15
O6B LMT R . 36.90 -2.17 -1.00
C1' LMT R . 43.22 -6.57 -2.87
C2' LMT R . 41.74 -6.29 -3.18
C3' LMT R . 41.26 -5.10 -2.30
C4' LMT R . 41.56 -5.35 -0.80
C5' LMT R . 43.08 -5.63 -0.75
C6' LMT R . 43.70 -5.71 0.62
O1' LMT R . 43.66 -7.69 -3.50
O2' LMT R . 41.63 -5.96 -4.50
O3' LMT R . 39.94 -4.86 -2.52
O5' LMT R . 43.37 -6.80 -1.47
O6' LMT R . 44.94 -6.23 0.43
C1 LMT R . 45.05 -7.86 -3.47
C2 LMT R . 45.25 -9.23 -2.88
C3 LMT R . 44.98 -10.38 -3.79
C4 LMT R . 44.96 -11.62 -2.94
C5 LMT R . 44.88 -12.84 -3.80
C6 LMT R . 46.16 -13.60 -3.80
C7 LMT R . 45.96 -14.91 -4.51
C8 LMT R . 46.85 -14.95 -5.69
C9 LMT R . 47.48 -16.28 -5.93
C10 LMT R . 48.40 -16.14 -7.12
C11 LMT R . 49.78 -15.76 -6.70
C12 LMT R . 50.67 -15.57 -7.87
C44 PEV S . 44.61 -31.45 -4.60
C43 PEV S . 44.59 -32.16 -5.96
C42 PEV S . 45.51 -31.48 -6.97
C41 PEV S . 45.84 -32.40 -8.15
C40 PEV S . 47.03 -33.32 -7.85
C39 PEV S . 47.08 -34.50 -8.79
C38 PEV S . 48.06 -34.30 -9.94
C37 PEV S . 49.45 -33.93 -9.47
C36 PEV S . 50.40 -33.64 -10.63
C35 PEV S . 51.65 -34.51 -10.58
C34 PEV S . 52.93 -33.68 -10.58
C33 PEV S . 54.18 -34.53 -10.47
C32 PEV S . 54.66 -35.05 -11.83
C31 PEV S . 55.95 -35.85 -11.76
O31 PEV S . 56.20 -36.62 -12.63
O2 PEV S . 56.82 -35.72 -10.67
C2 PEV S . 57.87 -34.78 -10.79
C1 PEV S . 59.02 -35.34 -11.64
O3P PEV S . 59.66 -36.35 -10.92
P PEV S . 60.24 -37.64 -11.76
O1P PEV S . 61.68 -37.39 -12.14
O2P PEV S . 59.42 -37.84 -13.00
O4P PEV S . 60.16 -38.99 -10.81
C4 PEV S . 60.69 -40.18 -11.30
C5 PEV S . 59.54 -41.04 -11.83
N6 PEV S . 59.98 -41.83 -12.97
C3 PEV S . 58.40 -34.44 -9.41
O3 PEV S . 57.83 -33.24 -8.97
C11 PEV S . 57.76 -33.10 -7.58
O11 PEV S . 58.61 -33.54 -6.89
C12 PEV S . 56.57 -32.37 -6.94
C13 PEV S . 55.31 -33.24 -6.92
C14 PEV S . 54.19 -32.63 -6.06
C15 PEV S . 52.80 -32.98 -6.59
C16 PEV S . 52.00 -33.84 -5.62
C17 PEV S . 50.50 -33.81 -5.90
C18 PEV S . 49.73 -34.87 -5.11
C19 PEV S . 48.52 -34.32 -4.37
C20 PEV S . 47.57 -35.42 -3.89
C21 PEV S . 46.10 -35.06 -4.07
C22 PEV S . 45.49 -35.69 -5.32
C23 PEV S . 44.83 -37.04 -5.06
C24 PEV S . 44.45 -37.77 -6.36
C25 PEV S . 45.66 -37.98 -7.27
C26 PEV S . 45.36 -38.90 -8.44
C1B LMT T . 56.10 -23.19 -12.47
C2B LMT T . 56.02 -24.25 -13.61
C3B LMT T . 55.62 -23.57 -14.94
C4B LMT T . 56.53 -22.34 -15.25
C5B LMT T . 56.58 -21.44 -13.99
C6B LMT T . 56.21 -20.01 -14.37
O1B LMT T . 57.36 -23.16 -11.85
O2B LMT T . 57.24 -24.86 -13.75
O3B LMT T . 54.29 -23.26 -14.97
O4' LMT T . 57.80 -22.75 -15.57
O5B LMT T . 55.78 -21.91 -12.94
O6B LMT T . 55.25 -19.54 -13.51
C1' LMT T . 58.42 -24.86 -8.13
C2' LMT T . 59.20 -25.39 -9.38
C3' LMT T . 58.65 -24.85 -10.74
C4' LMT T . 57.48 -23.85 -10.62
C5' LMT T . 57.92 -22.88 -9.49
C6' LMT T . 57.22 -21.56 -9.40
O1' LMT T . 57.38 -25.71 -7.86
O2' LMT T . 60.52 -25.01 -9.25
O3' LMT T . 58.28 -25.88 -11.55
O5' LMT T . 57.86 -23.53 -8.22
O6' LMT T . 58.18 -20.64 -9.09
C1 LMT T . 57.64 -26.66 -6.86
C2 LMT T . 56.50 -26.51 -5.89
C3 LMT T . 55.39 -27.48 -6.02
C4 LMT T . 54.16 -26.83 -5.44
C5 LMT T . 53.02 -27.78 -5.43
C6 LMT T . 52.97 -28.58 -4.17
C7 LMT T . 51.57 -28.62 -3.65
C8 LMT T . 50.90 -29.86 -4.14
C9 LMT T . 49.57 -30.13 -3.52
C10 LMT T . 48.58 -29.24 -4.21
C11 LMT T . 47.29 -29.15 -3.45
C12 LMT T . 47.42 -28.30 -2.23
C48 PEV U . 36.43 0.15 -3.52
C47 PEV U . 37.05 -1.09 -4.18
C46 PEV U . 36.52 -1.32 -5.60
C45 PEV U . 37.09 -0.31 -6.59
C44 PEV U . 38.29 -0.88 -7.35
C43 PEV U . 38.33 -0.40 -8.81
C42 PEV U . 38.61 -1.55 -9.77
C41 PEV U . 37.88 -1.37 -11.11
C40 PEV U . 37.84 -2.67 -11.90
C39 PEV U . 36.67 -2.70 -12.88
C38 PEV U . 36.27 -4.14 -13.24
C37 PEV U . 36.01 -4.30 -14.73
C36 PEV U . 34.89 -3.38 -15.23
C35 PEV U . 34.19 -3.97 -16.45
C34 PEV U . 34.02 -2.92 -17.56
C33 PEV U . 32.96 -3.34 -18.57
C32 PEV U . 31.57 -3.40 -17.95
C31 PEV U . 30.63 -2.33 -18.52
O31 PEV U . 31.05 -1.56 -19.32
O2 PEV U . 29.31 -2.26 -18.08
C2 PEV U . 28.41 -1.86 -19.07
C1 PEV U . 27.96 -0.43 -18.80
O3P PEV U . 28.68 0.03 -17.69
P PEV U . 28.92 1.66 -17.55
O1P PEV U . 28.23 2.36 -18.69
O2P PEV U . 30.41 1.95 -17.57
O4P PEV U . 28.28 2.17 -16.11
C4 PEV U . 28.96 3.16 -15.39
C5 PEV U . 27.97 3.83 -14.46
N6 PEV U . 28.65 4.43 -13.33
C3 PEV U . 27.21 -2.80 -19.08
O3 PEV U . 27.64 -4.06 -18.70
C11 PEV U . 27.12 -5.09 -19.49
O11 PEV U . 25.95 -5.20 -19.60
C12 PEV U . 28.06 -6.08 -20.19
C13 PEV U . 29.53 -5.70 -20.08
C14 PEV U . 30.34 -6.65 -19.20
C15 PEV U . 30.12 -8.12 -19.51
C16 PEV U . 31.42 -8.92 -19.40
C17 PEV U . 32.10 -8.74 -18.04
C18 PEV U . 33.12 -9.83 -17.73
C19 PEV U . 34.55 -9.30 -17.76
C20 PEV U . 35.31 -9.61 -16.48
C21 PEV U . 36.07 -10.93 -16.55
C22 PEV U . 37.01 -11.01 -17.74
C23 PEV U . 37.48 -12.43 -18.02
C24 PEV U . 38.15 -13.07 -16.80
C25 PEV U . 39.67 -12.92 -16.82
C26 PEV U . 40.31 -13.47 -15.55
C1B LMT V . 24.59 -50.12 -37.17
C2B LMT V . 25.10 -51.57 -37.34
C3B LMT V . 26.57 -51.68 -36.86
C4B LMT V . 27.46 -50.58 -37.49
C5B LMT V . 26.76 -49.23 -37.32
C6B LMT V . 27.58 -48.11 -37.96
O1B LMT V . 24.57 -49.72 -35.83
O2B LMT V . 24.28 -52.44 -36.64
O3B LMT V . 27.07 -52.94 -37.06
O4' LMT V . 28.70 -50.55 -36.88
O5B LMT V . 25.44 -49.25 -37.85
O6B LMT V . 28.77 -47.99 -37.28
C1' LMT V . 22.28 -48.94 -32.51
C2' LMT V . 22.64 -50.42 -32.71
C3' LMT V . 23.66 -50.59 -33.87
C4' LMT V . 23.36 -49.73 -35.11
C5' LMT V . 23.02 -48.31 -34.60
C6' LMT V . 22.79 -47.27 -35.66
O1' LMT V . 21.21 -48.82 -31.68
O2' LMT V . 23.23 -50.85 -31.55
O3' LMT V . 23.75 -51.89 -34.24
O5' LMT V . 21.90 -48.37 -33.76
O6' LMT V . 22.07 -46.27 -35.06
C1 LMT V . 20.82 -47.50 -31.41
C2 LMT V . 21.72 -47.05 -30.30
C3 LMT V . 21.51 -45.66 -29.80
C4 LMT V . 20.79 -45.78 -28.48
C5 LMT V . 20.89 -44.50 -27.72
C6 LMT V . 19.94 -44.47 -26.57
C7 LMT V . 20.28 -45.55 -25.59
C8 LMT V . 19.13 -45.71 -24.67
C9 LMT V . 18.84 -44.52 -23.83
C10 LMT V . 17.53 -44.76 -23.13
C11 LMT V . 16.58 -43.64 -23.36
C12 LMT V . 17.14 -42.32 -22.90
C48 PEV W . 0.51 -45.24 -26.04
C47 PEV W . 0.57 -44.86 -27.51
C46 PEV W . 1.36 -43.57 -27.74
C45 PEV W . 0.59 -42.58 -28.62
C44 PEV W . 1.47 -41.47 -29.17
C43 PEV W . 0.99 -40.07 -28.79
C42 PEV W . 1.01 -39.82 -27.28
C41 PEV W . 2.21 -38.98 -26.84
C40 PEV W . 3.39 -39.84 -26.38
C39 PEV W . 4.59 -39.05 -25.88
C38 PEV W . 4.87 -37.76 -26.67
C37 PEV W . 5.86 -36.85 -25.94
C36 PEV W . 5.87 -35.43 -26.50
C35 PEV W . 6.20 -34.39 -25.42
C34 PEV W . 6.92 -33.17 -25.99
C33 PEV W . 5.96 -32.16 -26.61
C32 PEV W . 5.05 -31.49 -25.57
C31 PEV W . 5.36 -30.00 -25.37
O31 PEV W . 6.48 -29.65 -25.30
O2 PEV W . 4.31 -29.06 -25.32
C2 PEV W . 4.03 -28.36 -24.13
C1 PEV W . 4.87 -27.08 -24.01
O3P PEV W . 4.80 -26.38 -25.22
P PEV W . 3.49 -25.42 -25.54
O1P PEV W . 2.35 -26.23 -26.07
O2P PEV W . 3.88 -24.40 -26.59
O4P PEV W . 3.01 -24.61 -24.19
C4 PEV W . 2.54 -23.30 -24.35
C5 PEV W . 3.67 -22.33 -24.02
N6 PEV W . 4.24 -21.80 -25.26
C3 PEV W . 4.11 -29.23 -22.86
O3 PEV W . 5.40 -29.30 -22.34
C11 PEV W . 5.67 -30.52 -21.70
O11 PEV W . 5.09 -31.49 -22.03
C12 PEV W . 6.72 -30.60 -20.60
C13 PEV W . 6.46 -31.78 -19.65
C14 PEV W . 7.74 -32.36 -19.07
C15 PEV W . 7.53 -32.95 -17.68
C16 PEV W . 8.21 -34.31 -17.50
C17 PEV W . 7.28 -35.47 -17.83
C18 PEV W . 7.91 -36.84 -17.60
C19 PEV W . 9.28 -37.01 -18.25
C20 PEV W . 9.88 -38.38 -17.97
C21 PEV W . 11.39 -38.44 -18.21
C22 PEV W . 11.75 -39.05 -19.56
C23 PEV W . 13.25 -39.23 -19.73
C24 PEV W . 13.60 -40.06 -20.96
C25 PEV W . 13.01 -41.47 -20.89
C26 PEV W . 13.25 -42.28 -22.16
C1B LMT X . 3.76 -42.18 -14.83
C2B LMT X . 2.90 -43.44 -14.54
C3B LMT X . 2.00 -43.22 -13.29
C4B LMT X . 1.90 -41.73 -12.80
C5B LMT X . 1.89 -40.81 -14.05
C6B LMT X . 1.92 -39.36 -13.58
O1B LMT X . 4.81 -42.40 -15.78
O2B LMT X . 2.12 -43.68 -15.65
O3B LMT X . 2.35 -44.06 -12.27
O4' LMT X . 0.76 -41.52 -12.06
O5B LMT X . 2.91 -41.07 -15.05
O6B LMT X . 0.73 -39.05 -12.98
C1' LMT X . 7.19 -41.41 -18.55
C2' LMT X . 6.56 -40.47 -17.50
C3' LMT X . 5.04 -40.72 -17.46
C4' LMT X . 4.64 -42.17 -17.16
C5' LMT X . 5.61 -43.08 -17.99
C6' LMT X . 5.01 -44.31 -18.60
O1' LMT X . 7.57 -40.68 -19.63
O2' LMT X . 7.10 -40.76 -16.28
O3' LMT X . 4.48 -40.34 -18.64
O5' LMT X . 6.22 -42.34 -19.03
O6' LMT X . 6.07 -45.07 -19.03
C1 LMT X . 7.95 -41.40 -20.76
C2 LMT X . 7.74 -40.47 -21.90
C3 LMT X . 8.87 -39.55 -22.21
C4 LMT X . 8.41 -38.62 -23.31
C5 LMT X . 9.58 -38.02 -24.01
C6 LMT X . 10.26 -39.02 -24.90
C7 LMT X . 11.75 -38.93 -24.72
C8 LMT X . 12.27 -37.83 -25.57
C9 LMT X . 13.76 -37.66 -25.53
C10 LMT X . 14.35 -38.89 -26.18
C11 LMT X . 15.83 -38.75 -26.35
C12 LMT X . 16.42 -39.95 -27.03
ZN ZN Y . 30.13 -43.31 -17.48
C48 PEV Z . 32.35 -28.03 -18.95
C47 PEV Z . 31.72 -27.91 -17.56
C46 PEV Z . 30.37 -27.21 -17.62
C45 PEV Z . 29.67 -27.20 -16.26
C44 PEV Z . 28.38 -26.38 -16.26
C43 PEV Z . 27.26 -27.09 -15.51
C42 PEV Z . 26.74 -26.30 -14.31
C41 PEV Z . 26.23 -24.91 -14.70
C40 PEV Z . 25.63 -24.16 -13.51
C39 PEV Z . 24.19 -23.72 -13.74
C38 PEV Z . 23.98 -23.05 -15.10
C37 PEV Z . 22.51 -22.91 -15.47
C36 PEV Z . 21.96 -21.51 -15.16
C35 PEV Z . 20.90 -21.50 -14.07
C34 PEV Z . 20.76 -20.14 -13.39
C33 PEV Z . 19.51 -20.06 -12.51
C32 PEV Z . 18.23 -20.00 -13.33
C31 PEV Z . 16.99 -19.64 -12.52
O31 PEV Z . 17.10 -19.49 -11.34
O2 PEV Z . 15.76 -19.52 -13.15
C2 PEV Z . 15.10 -18.29 -12.95
C1 PEV Z . 13.74 -18.55 -12.34
O3P PEV Z . 13.73 -17.96 -11.08
P PEV Z . 13.02 -16.49 -10.89
O1P PEV Z . 11.59 -16.58 -11.36
O2P PEV Z . 13.08 -16.08 -9.44
O4P PEV Z . 13.84 -15.37 -11.78
C4 PEV Z . 14.85 -14.65 -11.14
C5 PEV Z . 15.46 -13.70 -12.16
N6 PEV Z . 15.00 -14.06 -13.48
C3 PEV Z . 14.90 -17.55 -14.26
O3 PEV Z . 15.87 -17.98 -15.18
C11 PEV Z . 15.36 -18.14 -16.47
O11 PEV Z . 14.80 -17.24 -17.00
C12 PEV Z . 15.55 -19.47 -17.19
C13 PEV Z . 15.84 -20.61 -16.22
C14 PEV Z . 15.52 -21.98 -16.82
C15 PEV Z . 16.33 -22.25 -18.07
C16 PEV Z . 16.64 -23.73 -18.23
C17 PEV Z . 17.69 -24.00 -19.29
C18 PEV Z . 18.95 -23.16 -19.11
C19 PEV Z . 19.91 -23.32 -20.27
C20 PEV Z . 20.83 -24.51 -20.07
C21 PEV Z . 22.24 -24.26 -20.60
C22 PEV Z . 23.28 -25.09 -19.84
C23 PEV Z . 24.61 -24.37 -19.70
C24 PEV Z . 25.59 -24.72 -20.82
C25 PEV Z . 27.02 -24.38 -20.42
C26 PEV Z . 28.03 -24.93 -21.43
C1B LMT AA . 29.07 -24.72 12.96
C2B LMT AA . 30.11 -25.31 13.94
C3B LMT AA . 30.60 -24.24 14.92
C4B LMT AA . 31.10 -22.98 14.18
C5B LMT AA . 30.02 -22.52 13.17
C6B LMT AA . 30.62 -22.38 11.76
O1B LMT AA . 27.88 -25.41 13.12
O2B LMT AA . 29.49 -26.33 14.59
O3B LMT AA . 31.53 -24.75 15.79
O4' LMT AA . 31.34 -21.96 15.08
O5B LMT AA . 28.87 -23.35 13.17
O6B LMT AA . 31.97 -22.09 11.84
C1' LMT AA . 24.84 -27.28 11.00
C2' LMT AA . 26.26 -27.83 10.73
C3' LMT AA . 27.27 -27.29 11.79
C4' LMT AA . 27.15 -25.77 11.97
C5' LMT AA . 25.66 -25.49 12.26
C6' LMT AA . 25.35 -24.07 12.65
O1' LMT AA . 24.05 -27.52 9.91
O2' LMT AA . 26.22 -29.19 10.82
O3' LMT AA . 28.54 -27.64 11.43
O5' LMT AA . 24.88 -25.86 11.16
O6' LMT AA . 24.04 -23.87 12.33
C1 LMT AA . 23.04 -28.47 10.10
C2 LMT AA . 22.94 -29.18 8.79
C3 LMT AA . 21.56 -29.42 8.25
C4 LMT AA . 20.80 -30.24 9.25
C5 LMT AA . 19.52 -29.59 9.61
C6 LMT AA . 19.15 -29.83 11.03
C7 LMT AA . 17.94 -29.02 11.39
C8 LMT AA . 16.72 -29.72 10.91
C9 LMT AA . 16.31 -30.90 11.74
C10 LMT AA . 15.10 -31.50 11.08
C11 LMT AA . 14.55 -32.63 11.89
C12 LMT AA . 13.55 -33.42 11.11
C1B LMT BA . 14.59 -21.35 9.97
C2B LMT BA . 13.83 -21.29 11.30
C3B LMT BA . 14.07 -19.91 11.97
C4B LMT BA . 13.90 -18.70 10.98
C5B LMT BA . 14.52 -19.03 9.60
C6B LMT BA . 16.04 -18.80 9.60
O1B LMT BA . 14.40 -22.59 9.33
O2B LMT BA . 12.50 -21.47 11.02
O3B LMT BA . 15.27 -19.87 12.64
O4' LMT BA . 12.56 -18.39 10.82
O5B LMT BA . 14.20 -20.31 9.13
O6B LMT BA . 16.57 -19.15 8.38
C1' LMT BA . 15.87 -26.30 8.55
C2' LMT BA . 15.03 -26.26 9.84
C3' LMT BA . 14.35 -24.85 10.00
C4' LMT BA . 15.27 -23.64 9.65
C5' LMT BA . 16.12 -24.02 8.40
C6' LMT BA . 17.10 -22.99 7.91
O1' LMT BA . 16.58 -27.46 8.47
O2' LMT BA . 14.04 -27.21 9.74
O3' LMT BA . 13.86 -24.71 11.26
O5' LMT BA . 16.79 -25.23 8.61
O6' LMT BA . 18.11 -22.97 8.82
C1 LMT BA . 17.34 -27.59 7.29
C2 LMT BA . 16.41 -28.13 6.26
C3 LMT BA . 16.38 -29.62 6.08
C4 LMT BA . 17.77 -30.05 5.69
C5 LMT BA . 17.98 -29.92 4.21
C6 LMT BA . 17.01 -30.74 3.43
C7 LMT BA . 17.75 -31.69 2.53
C8 LMT BA . 18.17 -32.87 3.33
C9 LMT BA . 19.27 -33.68 2.71
C10 LMT BA . 18.76 -34.22 1.42
C11 LMT BA . 18.94 -35.71 1.33
C12 LMT BA . 17.97 -36.44 2.19
#